data_5CVS
#
_entry.id   5CVS
#
_cell.length_a   114.080
_cell.length_b   114.080
_cell.length_c   314.140
_cell.angle_alpha   90.000
_cell.angle_beta   90.000
_cell.angle_gamma   90.000
#
_symmetry.space_group_name_H-M   'P 41 21 2'
#
loop_
_entity.id
_entity.type
_entity.pdbx_description
1 polymer 'Alpha-1,4-glucan:maltose-1-phosphate maltosyltransferase 1'
2 branched alpha-D-glucopyranose-(1-4)-alpha-D-glucopyranose-(1-4)-alpha-D-glucopyranose-(1-4)-alpha-D-glucopyranose-(1-4)-alpha-D-glucopyranose-(1-4)-alpha-D-glucopyranose-(1-4)-alpha-D-glucopyranose
3 branched alpha-D-glucopyranose-(1-4)-alpha-D-glucopyranose-(1-4)-alpha-D-glucopyranose-(1-4)-alpha-D-glucopyranose-(1-4)-alpha-D-glucopyranose
4 water water
#
_entity_poly.entity_id   1
_entity_poly.type   'polypeptide(L)'
_entity_poly.pdbx_seq_one_letter_code
;MPATHHSSATSAERPTVVGRIPVLDVRPVVQRGRRPAKAVTGESFEVSATVFREGHDAVGANVVLRDPRGRPGPWTPMRE
LAPGTDRWGATVTAGETGTWSYTVEAWGDPVTTWRHHARIKIPAGLDTDLVLEEGARLYERAAADVPGREDRRELLAAVD
ALRDESRPAASRLAAALTPQVDAVLARHPLRDLVTSSDPLPLLVERERALYGAWYEFFPRSEGTPHTPHGTFRTAARRLP
AIAAMGFDVVYLPPIHPIGTTHRKGRNNTLSATGDDVGVPWAIGSPEGGHDSIHPALGTLDDFDHFVTEAGKLGLEIALD
FALQCSPDHPWVHKHPEWFHHRPDGTIAHAENPPKKYQDIYPIAFDADPDGLATETVRILRHWMDHGVRIFRVDNPHTKP
VAFWERVIADINGTDPDVIFLAAAFTRPAMMATLAQIGFQQSYTYFTWRNTKQELTEYLTELSGEAASYMRPNFFANTPD
ILHAYLQHGGRPAFEVRAVLAATLSPTWGIYSGYELCENTPLREGSEEYLDSEKYQLKPRDWTRAAREGTTIAPLVTRLN
TIRRENPALRQLRDLHFHPTDKEEVIAYSKRQGSNTVLVVVNLDPRHTQEATVSLDMPQLGLDWHESVPVRDELTGETYH
WGRANYVRLEPGRTPAHVCTVLRPSHPQIGGSHTT
;
_entity_poly.pdbx_strand_id   A,B
#
# COMPACT_ATOMS: atom_id res chain seq x y z
N PRO A 15 -9.31 -17.14 19.78
CA PRO A 15 -8.12 -17.07 18.90
C PRO A 15 -7.67 -15.60 18.63
N THR A 16 -6.35 -15.35 18.61
CA THR A 16 -5.81 -14.03 18.29
C THR A 16 -5.45 -13.97 16.81
N VAL A 17 -5.62 -12.80 16.20
CA VAL A 17 -5.17 -12.56 14.83
C VAL A 17 -3.65 -12.73 14.70
N VAL A 18 -2.90 -12.23 15.69
CA VAL A 18 -1.43 -12.26 15.65
C VAL A 18 -0.95 -13.50 16.39
N GLY A 19 0.05 -14.15 15.84
CA GLY A 19 0.62 -15.34 16.45
C GLY A 19 1.69 -14.98 17.48
N ARG A 20 2.35 -16.02 18.00
CA ARG A 20 3.33 -15.86 19.05
C ARG A 20 4.52 -14.99 18.61
N ILE A 21 5.04 -15.26 17.42
CA ILE A 21 6.03 -14.41 16.80
C ILE A 21 5.34 -13.73 15.60
N PRO A 22 5.11 -12.40 15.67
CA PRO A 22 4.40 -11.69 14.60
C PRO A 22 4.96 -11.91 13.19
N VAL A 23 4.12 -12.37 12.27
CA VAL A 23 4.46 -12.45 10.86
C VAL A 23 3.28 -11.86 10.13
N LEU A 24 3.52 -10.70 9.51
CA LEU A 24 2.47 -9.79 9.07
C LEU A 24 2.70 -9.33 7.63
N ASP A 25 1.59 -9.07 6.93
CA ASP A 25 1.59 -8.44 5.62
C ASP A 25 2.54 -9.13 4.63
N VAL A 26 2.31 -10.42 4.43
CA VAL A 26 3.08 -11.21 3.51
C VAL A 26 2.76 -10.73 2.10
N ARG A 27 3.79 -10.52 1.29
CA ARG A 27 3.66 -10.16 -0.11
C ARG A 27 4.48 -11.12 -0.98
N PRO A 28 4.13 -11.31 -2.25
CA PRO A 28 3.01 -10.64 -2.92
C PRO A 28 1.62 -11.01 -2.43
N VAL A 29 0.69 -10.08 -2.61
CA VAL A 29 -0.71 -10.34 -2.39
C VAL A 29 -1.53 -9.63 -3.48
N VAL A 30 -2.60 -10.28 -3.95
CA VAL A 30 -3.51 -9.70 -4.94
C VAL A 30 -4.91 -9.72 -4.36
N GLN A 31 -5.56 -8.57 -4.38
CA GLN A 31 -6.91 -8.38 -3.84
CA GLN A 31 -6.91 -8.38 -3.84
C GLN A 31 -7.08 -9.07 -2.48
N ARG A 32 -6.11 -8.82 -1.60
CA ARG A 32 -6.12 -9.31 -0.23
C ARG A 32 -6.15 -10.84 -0.08
N GLY A 33 -5.64 -11.57 -1.07
CA GLY A 33 -5.63 -13.04 -1.02
C GLY A 33 -6.76 -13.73 -1.76
N ARG A 34 -7.70 -12.96 -2.31
CA ARG A 34 -8.82 -13.51 -3.06
C ARG A 34 -8.49 -13.86 -4.52
N ARG A 35 -7.34 -13.45 -5.03
CA ARG A 35 -6.90 -13.80 -6.38
C ARG A 35 -5.44 -14.23 -6.28
N PRO A 36 -5.00 -15.17 -7.13
CA PRO A 36 -3.60 -15.57 -7.02
C PRO A 36 -2.58 -14.54 -7.55
N ALA A 37 -1.41 -14.53 -6.93
CA ALA A 37 -0.25 -13.95 -7.53
C ALA A 37 0.20 -14.87 -8.61
N LYS A 38 1.01 -14.34 -9.52
CA LYS A 38 1.43 -15.02 -10.73
C LYS A 38 2.93 -15.31 -10.80
N ALA A 39 3.25 -16.42 -11.45
CA ALA A 39 4.57 -16.74 -11.87
C ALA A 39 4.48 -17.66 -13.08
N VAL A 40 5.64 -17.93 -13.69
CA VAL A 40 5.75 -19.00 -14.66
C VAL A 40 6.84 -19.98 -14.23
N THR A 41 6.81 -21.16 -14.82
CA THR A 41 7.80 -22.18 -14.58
C THR A 41 9.23 -21.63 -14.75
N GLY A 42 10.08 -21.90 -13.76
CA GLY A 42 11.46 -21.39 -13.73
C GLY A 42 11.64 -19.95 -13.26
N GLU A 43 10.56 -19.22 -12.96
CA GLU A 43 10.69 -17.81 -12.60
C GLU A 43 10.93 -17.63 -11.11
N SER A 44 11.85 -16.73 -10.77
CA SER A 44 12.15 -16.36 -9.39
C SER A 44 11.53 -15.05 -9.02
N PHE A 45 10.99 -14.97 -7.81
CA PHE A 45 10.45 -13.73 -7.25
C PHE A 45 10.65 -13.71 -5.75
N GLU A 46 10.55 -12.53 -5.17
CA GLU A 46 10.71 -12.34 -3.75
C GLU A 46 9.39 -12.52 -2.96
N VAL A 47 9.41 -13.35 -1.92
CA VAL A 47 8.37 -13.39 -0.92
C VAL A 47 8.87 -12.61 0.29
N SER A 48 8.07 -11.69 0.78
CA SER A 48 8.47 -10.83 1.90
C SER A 48 7.40 -10.76 2.98
N ALA A 49 7.82 -10.28 4.15
CA ALA A 49 6.94 -10.18 5.31
C ALA A 49 7.53 -9.25 6.36
N THR A 50 6.67 -8.75 7.24
CA THR A 50 7.10 -8.01 8.41
C THR A 50 7.17 -8.99 9.59
N VAL A 51 8.40 -9.18 10.12
CA VAL A 51 8.68 -10.14 11.19
C VAL A 51 9.48 -9.49 12.30
N PHE A 52 9.08 -9.74 13.55
CA PHE A 52 9.77 -9.20 14.72
C PHE A 52 9.21 -9.90 15.93
N ARG A 53 9.80 -9.63 17.09
CA ARG A 53 9.28 -10.14 18.36
C ARG A 53 9.41 -9.13 19.47
N GLU A 54 8.83 -9.43 20.60
CA GLU A 54 8.92 -8.62 21.80
C GLU A 54 10.30 -8.83 22.41
N GLY A 55 10.81 -7.80 23.07
CA GLY A 55 12.13 -7.90 23.71
C GLY A 55 13.23 -7.68 22.69
N HIS A 56 14.47 -8.01 23.07
CA HIS A 56 15.65 -7.76 22.22
C HIS A 56 16.25 -9.01 21.54
N ASP A 57 15.71 -10.20 21.79
CA ASP A 57 16.29 -11.43 21.20
C ASP A 57 16.02 -11.54 19.70
N ALA A 58 16.89 -12.29 19.03
CA ALA A 58 16.86 -12.42 17.61
C ALA A 58 15.69 -13.29 17.13
N VAL A 59 15.26 -12.99 15.90
CA VAL A 59 14.27 -13.78 15.18
C VAL A 59 14.87 -14.27 13.89
N GLY A 60 14.25 -15.31 13.34
CA GLY A 60 14.55 -15.82 12.01
C GLY A 60 13.22 -16.04 11.29
N ALA A 61 13.30 -16.24 9.99
CA ALA A 61 12.14 -16.54 9.18
C ALA A 61 12.53 -17.33 7.93
N ASN A 62 11.55 -18.03 7.37
CA ASN A 62 11.75 -18.84 6.16
C ASN A 62 10.46 -19.00 5.37
N VAL A 63 10.59 -19.28 4.08
CA VAL A 63 9.44 -19.38 3.19
C VAL A 63 9.19 -20.83 2.85
N VAL A 64 7.95 -21.28 3.04
CA VAL A 64 7.53 -22.61 2.66
C VAL A 64 6.60 -22.46 1.45
N LEU A 65 7.13 -22.84 0.29
CA LEU A 65 6.40 -22.86 -0.96
C LEU A 65 5.89 -24.29 -1.19
N ARG A 66 4.59 -24.47 -1.38
CA ARG A 66 4.01 -25.80 -1.58
C ARG A 66 3.42 -25.94 -2.99
N ASP A 67 3.65 -27.11 -3.59
CA ASP A 67 3.26 -27.37 -4.95
C ASP A 67 1.79 -27.82 -5.02
N PRO A 68 1.27 -28.11 -6.22
CA PRO A 68 -0.15 -28.48 -6.30
C PRO A 68 -0.58 -29.74 -5.53
N ARG A 69 0.33 -30.67 -5.26
CA ARG A 69 0.02 -31.82 -4.41
C ARG A 69 0.36 -31.59 -2.94
N GLY A 70 0.76 -30.39 -2.56
CA GLY A 70 1.06 -30.05 -1.17
C GLY A 70 2.48 -30.29 -0.68
N ARG A 71 3.38 -30.70 -1.60
CA ARG A 71 4.76 -31.02 -1.22
C ARG A 71 5.54 -29.73 -1.00
N PRO A 72 6.17 -29.57 0.18
CA PRO A 72 6.93 -28.35 0.44
C PRO A 72 8.22 -28.28 -0.35
N GLY A 73 8.70 -27.06 -0.60
CA GLY A 73 9.93 -26.87 -1.37
C GLY A 73 11.13 -26.90 -0.44
N PRO A 74 12.28 -26.44 -0.93
CA PRO A 74 13.48 -26.55 -0.13
C PRO A 74 13.53 -25.50 0.98
N TRP A 75 14.41 -25.75 1.96
CA TRP A 75 14.70 -24.84 3.04
C TRP A 75 15.08 -23.48 2.44
N THR A 76 14.30 -22.45 2.78
CA THR A 76 14.46 -21.14 2.19
C THR A 76 14.47 -20.03 3.25
N PRO A 77 15.62 -19.83 3.89
CA PRO A 77 15.70 -18.83 4.96
C PRO A 77 15.64 -17.42 4.40
N MET A 78 15.02 -16.54 5.16
CA MET A 78 14.88 -15.14 4.83
C MET A 78 15.94 -14.31 5.57
N ARG A 79 16.12 -13.08 5.13
CA ARG A 79 17.04 -12.11 5.73
CA ARG A 79 17.04 -12.12 5.75
C ARG A 79 16.31 -10.77 5.83
N GLU A 80 16.66 -9.95 6.83
CA GLU A 80 16.13 -8.59 6.96
C GLU A 80 16.63 -7.76 5.78
N LEU A 81 15.72 -7.12 5.04
CA LEU A 81 16.07 -6.43 3.80
C LEU A 81 16.74 -5.06 3.96
N ALA A 82 16.51 -4.39 5.08
CA ALA A 82 17.22 -3.14 5.38
C ALA A 82 17.19 -2.92 6.90
N PRO A 83 18.28 -2.35 7.46
CA PRO A 83 18.34 -2.29 8.93
C PRO A 83 17.21 -1.43 9.54
N GLY A 84 16.70 -1.87 10.70
CA GLY A 84 15.60 -1.18 11.38
C GLY A 84 14.18 -1.28 10.81
N THR A 85 13.98 -2.00 9.71
CA THR A 85 12.66 -2.01 9.07
C THR A 85 11.79 -3.20 9.48
N ASP A 86 12.40 -4.25 10.01
CA ASP A 86 11.71 -5.50 10.32
C ASP A 86 10.99 -6.10 9.10
N ARG A 87 11.48 -5.78 7.89
CA ARG A 87 10.97 -6.33 6.65
C ARG A 87 11.95 -7.39 6.19
N TRP A 88 11.46 -8.61 6.02
CA TRP A 88 12.27 -9.78 5.71
C TRP A 88 11.89 -10.31 4.33
N GLY A 89 12.84 -10.95 3.66
CA GLY A 89 12.60 -11.48 2.31
C GLY A 89 13.48 -12.65 1.90
N ALA A 90 13.02 -13.39 0.89
CA ALA A 90 13.84 -14.41 0.23
C ALA A 90 13.24 -14.72 -1.14
N THR A 91 14.12 -15.17 -2.02
CA THR A 91 13.79 -15.53 -3.38
C THR A 91 13.31 -16.99 -3.41
N VAL A 92 12.17 -17.21 -4.06
CA VAL A 92 11.64 -18.55 -4.32
C VAL A 92 11.58 -18.72 -5.83
N THR A 93 11.48 -19.96 -6.27
CA THR A 93 11.41 -20.31 -7.68
C THR A 93 10.26 -21.27 -7.96
N ALA A 94 9.44 -20.92 -8.92
CA ALA A 94 8.30 -21.71 -9.30
C ALA A 94 8.74 -22.88 -10.17
N GLY A 95 8.14 -24.05 -9.96
CA GLY A 95 8.38 -25.26 -10.77
C GLY A 95 7.25 -25.57 -11.76
N GLU A 96 6.72 -26.78 -11.73
CA GLU A 96 5.58 -27.22 -12.56
C GLU A 96 4.37 -26.27 -12.49
N THR A 97 3.59 -26.26 -13.58
CA THR A 97 2.40 -25.46 -13.68
C THR A 97 1.29 -25.96 -12.72
N GLY A 98 0.44 -25.03 -12.30
CA GLY A 98 -0.72 -25.31 -11.45
C GLY A 98 -0.82 -24.28 -10.32
N THR A 99 -1.68 -24.60 -9.35
CA THR A 99 -1.98 -23.74 -8.21
C THR A 99 -1.11 -24.14 -7.02
N TRP A 100 -0.20 -23.25 -6.65
CA TRP A 100 0.71 -23.41 -5.54
C TRP A 100 0.22 -22.55 -4.36
N SER A 101 0.93 -22.67 -3.25
CA SER A 101 0.72 -21.82 -2.07
C SER A 101 2.04 -21.53 -1.40
N TYR A 102 2.11 -20.38 -0.73
CA TYR A 102 3.27 -20.01 0.06
C TYR A 102 2.89 -19.46 1.43
N THR A 103 3.73 -19.81 2.39
CA THR A 103 3.60 -19.45 3.79
C THR A 103 4.94 -18.88 4.24
N VAL A 104 4.89 -17.92 5.18
CA VAL A 104 6.10 -17.51 5.89
C VAL A 104 6.02 -18.04 7.33
N GLU A 105 7.12 -18.67 7.76
CA GLU A 105 7.28 -19.15 9.14
C GLU A 105 8.26 -18.21 9.82
N ALA A 106 7.91 -17.77 11.01
CA ALA A 106 8.79 -16.91 11.81
C ALA A 106 9.05 -17.60 13.14
N TRP A 107 10.18 -17.28 13.74
CA TRP A 107 10.65 -18.03 14.91
C TRP A 107 11.70 -17.28 15.71
N GLY A 108 11.76 -17.58 17.00
CA GLY A 108 12.85 -17.11 17.84
C GLY A 108 14.10 -17.84 17.43
N ASP A 109 15.20 -17.11 17.34
CA ASP A 109 16.49 -17.67 16.98
C ASP A 109 17.38 -17.61 18.24
N PRO A 110 17.25 -18.61 19.14
CA PRO A 110 18.01 -18.55 20.40
C PRO A 110 19.53 -18.70 20.23
N VAL A 111 19.99 -19.49 19.26
CA VAL A 111 21.42 -19.66 19.01
C VAL A 111 22.09 -18.33 18.63
N THR A 112 21.51 -17.58 17.70
CA THR A 112 22.03 -16.26 17.34
C THR A 112 22.07 -15.31 18.54
N THR A 113 20.99 -15.34 19.33
CA THR A 113 20.89 -14.56 20.56
C THR A 113 22.01 -14.93 21.51
N TRP A 114 22.16 -16.23 21.79
CA TRP A 114 23.21 -16.71 22.69
C TRP A 114 24.62 -16.39 22.20
N ARG A 115 24.88 -16.52 20.90
CA ARG A 115 26.21 -16.21 20.33
C ARG A 115 26.58 -14.76 20.57
N HIS A 116 25.65 -13.85 20.29
CA HIS A 116 25.85 -12.42 20.48
C HIS A 116 26.19 -12.08 21.94
N HIS A 117 25.48 -12.68 22.89
CA HIS A 117 25.80 -12.49 24.31
C HIS A 117 27.18 -13.09 24.64
N ALA A 118 27.44 -14.31 24.16
CA ALA A 118 28.68 -15.05 24.48
C ALA A 118 29.93 -14.40 23.90
N ARG A 119 29.82 -13.84 22.69
CA ARG A 119 30.93 -13.11 22.06
C ARG A 119 31.42 -11.93 22.93
N ILE A 120 30.50 -11.31 23.69
CA ILE A 120 30.83 -10.20 24.61
C ILE A 120 31.18 -10.66 26.05
N LYS A 121 30.37 -11.53 26.63
CA LYS A 121 30.52 -11.92 28.04
C LYS A 121 31.77 -12.79 28.33
N ILE A 122 32.20 -13.62 27.37
CA ILE A 122 33.37 -14.50 27.57
C ILE A 122 34.71 -13.74 27.62
N PRO A 123 34.97 -12.79 26.67
CA PRO A 123 36.13 -11.89 26.82
C PRO A 123 36.12 -11.04 28.10
N ALA A 124 34.97 -10.46 28.43
CA ALA A 124 34.81 -9.67 29.67
C ALA A 124 34.91 -10.48 30.99
N GLY A 125 34.81 -11.81 30.94
CA GLY A 125 34.97 -12.68 32.11
C GLY A 125 33.76 -12.75 33.03
N LEU A 126 32.58 -12.38 32.52
CA LEU A 126 31.35 -12.26 33.35
C LEU A 126 30.49 -13.53 33.30
N ASP A 127 30.48 -14.29 34.40
CA ASP A 127 29.64 -15.49 34.58
C ASP A 127 29.90 -16.55 33.49
N THR A 128 31.17 -16.88 33.25
CA THR A 128 31.52 -17.63 32.03
C THR A 128 31.06 -19.09 32.02
N ASP A 129 31.14 -19.79 33.15
CA ASP A 129 30.63 -21.18 33.29
C ASP A 129 29.11 -21.25 32.98
N LEU A 130 28.40 -20.24 33.47
CA LEU A 130 26.95 -20.15 33.30
C LEU A 130 26.56 -19.91 31.82
N VAL A 131 27.26 -18.99 31.15
CA VAL A 131 27.03 -18.69 29.74
C VAL A 131 27.28 -19.92 28.84
N LEU A 132 28.39 -20.60 29.07
CA LEU A 132 28.76 -21.78 28.26
C LEU A 132 27.80 -22.96 28.50
N GLU A 133 27.42 -23.17 29.76
CA GLU A 133 26.40 -24.17 30.10
C GLU A 133 25.03 -23.86 29.42
N GLU A 134 24.67 -22.57 29.33
CA GLU A 134 23.46 -22.13 28.59
C GLU A 134 23.58 -22.51 27.10
N GLY A 135 24.78 -22.32 26.53
CA GLY A 135 25.06 -22.73 25.15
C GLY A 135 24.94 -24.22 24.91
N ALA A 136 25.55 -25.00 25.80
CA ALA A 136 25.50 -26.46 25.72
C ALA A 136 24.06 -26.99 25.68
N ARG A 137 23.18 -26.45 26.53
CA ARG A 137 21.77 -26.86 26.56
C ARG A 137 21.03 -26.52 25.28
N LEU A 138 21.33 -25.36 24.68
CA LEU A 138 20.77 -25.00 23.37
C LEU A 138 21.24 -25.96 22.28
N TYR A 139 22.54 -26.26 22.26
CA TYR A 139 23.12 -27.15 21.24
C TYR A 139 22.60 -28.58 21.40
N GLU A 140 22.34 -28.98 22.65
CA GLU A 140 21.64 -30.24 22.98
C GLU A 140 20.21 -30.30 22.38
N ARG A 141 19.43 -29.23 22.57
CA ARG A 141 18.10 -29.12 21.94
C ARG A 141 18.23 -29.12 20.41
N ALA A 142 19.26 -28.46 19.88
CA ALA A 142 19.50 -28.42 18.43
C ALA A 142 19.77 -29.81 17.89
N ALA A 143 20.62 -30.56 18.58
CA ALA A 143 20.99 -31.93 18.20
C ALA A 143 19.80 -32.88 18.06
N ALA A 144 18.87 -32.79 19.02
CA ALA A 144 17.70 -33.67 19.10
C ALA A 144 16.73 -33.55 17.91
N ASP A 145 16.56 -32.34 17.38
CA ASP A 145 15.70 -32.06 16.23
C ASP A 145 16.34 -32.33 14.84
N VAL A 146 17.65 -32.64 14.80
CA VAL A 146 18.38 -32.89 13.53
C VAL A 146 18.17 -34.36 13.09
N PRO A 147 17.73 -34.58 11.82
CA PRO A 147 17.51 -35.96 11.31
C PRO A 147 18.79 -36.76 11.00
N GLY A 148 19.82 -36.10 10.46
CA GLY A 148 21.08 -36.77 10.09
C GLY A 148 21.94 -37.18 11.29
N ARG A 149 22.50 -38.39 11.24
CA ARG A 149 23.26 -38.94 12.38
C ARG A 149 24.68 -38.37 12.54
N GLU A 150 25.36 -38.07 11.44
CA GLU A 150 26.69 -37.44 11.48
C GLU A 150 26.60 -35.94 11.82
N ASP A 151 25.53 -35.26 11.41
CA ASP A 151 25.22 -33.89 11.87
C ASP A 151 25.01 -33.85 13.40
N ARG A 152 24.16 -34.75 13.92
CA ARG A 152 23.90 -34.88 15.36
CA ARG A 152 23.90 -34.87 15.36
C ARG A 152 25.19 -35.05 16.17
N ARG A 153 26.09 -35.92 15.70
CA ARG A 153 27.41 -36.15 16.33
C ARG A 153 28.29 -34.87 16.39
N GLU A 154 28.22 -34.05 15.34
CA GLU A 154 28.93 -32.76 15.29
C GLU A 154 28.50 -31.79 16.41
N LEU A 155 27.18 -31.65 16.57
CA LEU A 155 26.59 -30.82 17.62
C LEU A 155 26.86 -31.35 19.03
N LEU A 156 26.79 -32.67 19.23
CA LEU A 156 27.09 -33.28 20.54
C LEU A 156 28.56 -33.16 20.93
N ALA A 157 29.46 -33.12 19.93
CA ALA A 157 30.89 -32.85 20.17
C ALA A 157 31.11 -31.40 20.65
N ALA A 158 30.41 -30.45 20.03
CA ALA A 158 30.43 -29.06 20.49
C ALA A 158 29.85 -28.88 21.92
N VAL A 159 28.79 -29.64 22.24
CA VAL A 159 28.20 -29.67 23.61
C VAL A 159 29.25 -30.09 24.65
N ASP A 160 29.96 -31.19 24.39
CA ASP A 160 31.00 -31.71 25.30
C ASP A 160 32.17 -30.73 25.44
N ALA A 161 32.57 -30.08 24.34
CA ALA A 161 33.62 -29.05 24.36
C ALA A 161 33.19 -27.82 25.20
N LEU A 162 31.94 -27.38 25.00
CA LEU A 162 31.34 -26.31 25.80
C LEU A 162 31.35 -26.63 27.31
N ARG A 163 31.10 -27.88 27.68
CA ARG A 163 31.06 -28.32 29.10
C ARG A 163 32.41 -28.72 29.73
N ASP A 164 33.48 -28.79 28.93
CA ASP A 164 34.79 -29.21 29.40
C ASP A 164 35.46 -28.08 30.22
N GLU A 165 35.23 -28.10 31.54
CA GLU A 165 35.72 -27.07 32.46
C GLU A 165 37.25 -27.07 32.68
N SER A 166 37.96 -28.05 32.13
CA SER A 166 39.44 -28.08 32.16
C SER A 166 40.11 -27.21 31.06
N ARG A 167 39.35 -26.89 30.00
CA ARG A 167 39.86 -26.00 28.92
C ARG A 167 39.52 -24.53 29.24
N PRO A 168 40.35 -23.57 28.75
CA PRO A 168 40.01 -22.15 28.94
C PRO A 168 38.68 -21.76 28.28
N ALA A 169 38.04 -20.73 28.83
CA ALA A 169 36.73 -20.27 28.39
C ALA A 169 36.65 -19.92 26.88
N ALA A 170 37.67 -19.22 26.35
CA ALA A 170 37.69 -18.81 24.93
C ALA A 170 37.80 -19.98 23.94
N SER A 171 38.42 -21.08 24.38
CA SER A 171 38.55 -22.32 23.59
C SER A 171 37.26 -23.19 23.60
N ARG A 172 36.63 -23.28 24.77
CA ARG A 172 35.33 -23.96 24.91
C ARG A 172 34.28 -23.31 24.02
N LEU A 173 34.23 -21.96 24.04
CA LEU A 173 33.36 -21.18 23.15
C LEU A 173 33.69 -21.37 21.66
N ALA A 174 34.98 -21.23 21.30
CA ALA A 174 35.41 -21.30 19.88
C ALA A 174 35.01 -22.62 19.21
N ALA A 175 34.97 -23.72 19.99
CA ALA A 175 34.52 -25.06 19.52
C ALA A 175 33.02 -25.17 19.17
N ALA A 176 32.21 -24.25 19.71
CA ALA A 176 30.81 -24.07 19.29
C ALA A 176 30.58 -23.14 18.07
N LEU A 177 31.65 -22.47 17.60
CA LEU A 177 31.58 -21.44 16.56
C LEU A 177 32.36 -21.79 15.28
N THR A 178 32.69 -23.08 15.09
CA THR A 178 33.44 -23.53 13.91
C THR A 178 32.56 -23.43 12.66
N PRO A 179 33.18 -23.31 11.45
CA PRO A 179 32.35 -23.31 10.23
C PRO A 179 31.57 -24.63 10.00
N GLN A 180 32.15 -25.76 10.42
CA GLN A 180 31.49 -27.08 10.35
C GLN A 180 30.17 -27.15 11.17
N VAL A 181 30.17 -26.55 12.37
CA VAL A 181 28.95 -26.41 13.20
C VAL A 181 27.94 -25.41 12.59
N ASP A 182 28.42 -24.26 12.12
CA ASP A 182 27.57 -23.25 11.42
C ASP A 182 26.76 -23.86 10.30
N ALA A 183 27.37 -24.79 9.55
CA ALA A 183 26.72 -25.41 8.37
C ALA A 183 25.52 -26.28 8.76
N VAL A 184 25.65 -27.05 9.84
CA VAL A 184 24.55 -27.86 10.39
C VAL A 184 23.37 -26.95 10.78
N LEU A 185 23.67 -25.89 11.53
CA LEU A 185 22.64 -24.97 12.05
C LEU A 185 22.02 -24.05 11.00
N ALA A 186 22.77 -23.69 9.95
CA ALA A 186 22.21 -22.92 8.83
C ALA A 186 21.20 -23.78 8.06
N ARG A 187 21.47 -25.08 7.94
CA ARG A 187 20.52 -26.02 7.32
C ARG A 187 19.38 -26.47 8.25
N HIS A 188 19.69 -26.72 9.52
CA HIS A 188 18.68 -27.22 10.49
C HIS A 188 18.70 -26.42 11.80
N PRO A 189 18.29 -25.14 11.76
CA PRO A 189 18.43 -24.30 12.95
C PRO A 189 17.43 -24.65 14.03
N LEU A 190 17.74 -24.23 15.24
CA LEU A 190 16.87 -24.43 16.35
C LEU A 190 15.92 -23.25 16.32
N ARG A 191 14.66 -23.59 16.16
CA ARG A 191 13.61 -22.64 15.97
C ARG A 191 12.66 -22.72 17.16
N ASP A 192 12.58 -21.62 17.91
CA ASP A 192 11.57 -21.44 18.98
C ASP A 192 10.27 -20.80 18.48
N LEU A 193 9.14 -21.32 18.96
CA LEU A 193 7.86 -20.64 18.89
C LEU A 193 7.44 -20.36 17.43
N VAL A 194 7.64 -21.38 16.60
CA VAL A 194 7.38 -21.32 15.17
C VAL A 194 5.94 -20.88 14.94
N THR A 195 5.78 -19.85 14.12
CA THR A 195 4.51 -19.22 13.87
C THR A 195 4.39 -19.04 12.35
N SER A 196 3.23 -19.39 11.81
CA SER A 196 2.94 -19.32 10.40
C SER A 196 1.93 -18.28 10.00
N SER A 197 2.18 -17.65 8.85
CA SER A 197 1.16 -16.89 8.18
C SER A 197 0.11 -17.86 7.61
N ASP A 198 -1.06 -17.36 7.28
CA ASP A 198 -2.01 -18.15 6.51
C ASP A 198 -1.54 -18.23 5.06
N PRO A 199 -1.78 -19.38 4.39
CA PRO A 199 -1.32 -19.59 3.02
C PRO A 199 -1.84 -18.56 2.03
N LEU A 200 -0.97 -18.07 1.15
CA LEU A 200 -1.34 -17.27 -0.01
C LEU A 200 -1.24 -18.07 -1.33
N PRO A 201 -2.18 -17.84 -2.27
CA PRO A 201 -2.18 -18.60 -3.51
C PRO A 201 -1.23 -18.04 -4.62
N LEU A 202 -0.71 -18.96 -5.42
CA LEU A 202 0.20 -18.68 -6.51
C LEU A 202 -0.23 -19.51 -7.71
N LEU A 203 -0.49 -18.86 -8.82
CA LEU A 203 -0.83 -19.59 -10.04
C LEU A 203 0.41 -19.60 -10.94
N VAL A 204 0.91 -20.80 -11.25
CA VAL A 204 2.12 -20.94 -12.05
C VAL A 204 1.70 -21.36 -13.45
N GLU A 205 2.03 -20.53 -14.45
CA GLU A 205 1.65 -20.80 -15.83
C GLU A 205 2.87 -21.14 -16.69
N ARG A 206 2.63 -21.55 -17.93
CA ARG A 206 3.75 -21.91 -18.82
C ARG A 206 4.62 -20.68 -19.20
N GLU A 207 5.86 -20.97 -19.56
CA GLU A 207 6.92 -20.00 -19.88
C GLU A 207 6.48 -18.94 -20.88
N ARG A 208 5.75 -19.34 -21.90
CA ARG A 208 5.28 -18.40 -22.93
C ARG A 208 4.40 -17.27 -22.42
N ALA A 209 3.75 -17.47 -21.27
CA ALA A 209 2.94 -16.38 -20.67
C ALA A 209 3.76 -15.15 -20.27
N LEU A 210 5.00 -15.37 -19.85
CA LEU A 210 5.93 -14.27 -19.52
C LEU A 210 6.91 -13.93 -20.66
N TYR A 211 7.39 -14.95 -21.37
CA TYR A 211 8.54 -14.82 -22.29
C TYR A 211 8.16 -15.23 -23.70
N GLY A 212 8.32 -14.31 -24.64
CA GLY A 212 8.18 -14.62 -26.04
C GLY A 212 8.24 -13.39 -26.93
N ALA A 213 8.56 -13.60 -28.21
CA ALA A 213 8.60 -12.56 -29.20
C ALA A 213 7.46 -12.78 -30.17
N TRP A 214 6.75 -11.70 -30.40
CA TRP A 214 5.48 -11.69 -31.17
C TRP A 214 5.56 -10.84 -32.43
N TYR A 215 4.97 -11.35 -33.51
CA TYR A 215 4.92 -10.66 -34.80
C TYR A 215 3.48 -10.64 -35.32
N GLU A 216 2.96 -9.43 -35.60
CA GLU A 216 1.62 -9.29 -36.12
C GLU A 216 1.65 -9.04 -37.63
N PHE A 217 0.88 -9.81 -38.39
CA PHE A 217 0.65 -9.49 -39.81
C PHE A 217 -0.76 -9.89 -40.30
N PHE A 218 -1.17 -9.23 -41.38
CA PHE A 218 -2.44 -9.45 -42.05
C PHE A 218 -2.24 -10.45 -43.21
N PRO A 219 -2.79 -11.68 -43.08
CA PRO A 219 -2.60 -12.65 -44.14
C PRO A 219 -3.08 -12.19 -45.51
N ARG A 220 -4.18 -11.44 -45.54
CA ARG A 220 -4.71 -10.93 -46.82
C ARG A 220 -3.75 -10.05 -47.63
N SER A 221 -2.81 -9.38 -46.98
CA SER A 221 -1.84 -8.54 -47.69
C SER A 221 -0.80 -9.33 -48.47
N GLU A 222 -0.59 -10.61 -48.13
CA GLU A 222 0.40 -11.45 -48.76
C GLU A 222 -0.21 -12.31 -49.87
N GLY A 223 -0.58 -11.66 -50.97
CA GLY A 223 -1.16 -12.30 -52.14
C GLY A 223 -0.23 -12.41 -53.34
N THR A 224 -0.82 -12.40 -54.54
CA THR A 224 -0.11 -12.57 -55.82
C THR A 224 -0.65 -11.53 -56.82
N PRO A 225 0.06 -11.32 -57.96
CA PRO A 225 -0.47 -10.47 -59.04
C PRO A 225 -1.85 -10.88 -59.57
N HIS A 226 -2.05 -12.18 -59.81
CA HIS A 226 -3.35 -12.69 -60.28
CA HIS A 226 -3.34 -12.70 -60.29
C HIS A 226 -4.43 -12.71 -59.19
N THR A 227 -4.04 -12.97 -57.93
CA THR A 227 -5.01 -12.96 -56.78
C THR A 227 -4.47 -12.09 -55.60
N PRO A 228 -4.72 -10.76 -55.67
CA PRO A 228 -4.18 -9.79 -54.70
C PRO A 228 -4.51 -10.07 -53.23
N HIS A 229 -5.73 -10.55 -52.97
CA HIS A 229 -6.14 -10.92 -51.64
C HIS A 229 -5.48 -12.24 -51.28
N GLY A 230 -4.54 -12.18 -50.34
CA GLY A 230 -3.84 -13.34 -49.84
C GLY A 230 -4.78 -14.39 -49.27
N THR A 231 -4.29 -15.63 -49.24
CA THR A 231 -4.99 -16.76 -48.64
C THR A 231 -4.10 -17.30 -47.52
N PHE A 232 -4.61 -18.26 -46.76
CA PHE A 232 -3.73 -18.95 -45.81
C PHE A 232 -2.58 -19.69 -46.55
N ARG A 233 -2.82 -20.21 -47.76
CA ARG A 233 -1.78 -20.93 -48.51
C ARG A 233 -0.64 -19.97 -48.93
N THR A 234 -0.98 -18.79 -49.45
CA THR A 234 0.04 -17.81 -49.85
C THR A 234 0.70 -17.16 -48.63
N ALA A 235 -0.07 -16.82 -47.62
CA ALA A 235 0.49 -16.20 -46.41
C ALA A 235 1.44 -17.11 -45.63
N ALA A 236 1.29 -18.42 -45.75
CA ALA A 236 2.21 -19.38 -45.12
C ALA A 236 3.66 -19.17 -45.61
N ARG A 237 3.85 -18.58 -46.79
CA ARG A 237 5.20 -18.32 -47.30
C ARG A 237 5.95 -17.26 -46.51
N ARG A 238 5.21 -16.45 -45.74
CA ARG A 238 5.82 -15.45 -44.88
C ARG A 238 6.38 -16.09 -43.62
N LEU A 239 5.88 -17.27 -43.24
CA LEU A 239 6.24 -17.84 -41.93
C LEU A 239 7.74 -18.12 -41.77
N PRO A 240 8.40 -18.69 -42.78
CA PRO A 240 9.86 -18.92 -42.66
C PRO A 240 10.68 -17.67 -42.28
N ALA A 241 10.38 -16.52 -42.89
CA ALA A 241 11.09 -15.26 -42.59
C ALA A 241 10.77 -14.73 -41.18
N ILE A 242 9.55 -14.96 -40.71
CA ILE A 242 9.17 -14.58 -39.36
C ILE A 242 9.95 -15.43 -38.36
N ALA A 243 10.01 -16.74 -38.59
CA ALA A 243 10.85 -17.60 -37.73
C ALA A 243 12.35 -17.27 -37.81
N ALA A 244 12.83 -16.86 -38.96
CA ALA A 244 14.25 -16.48 -39.12
C ALA A 244 14.60 -15.19 -38.34
N MET A 245 13.63 -14.31 -38.13
CA MET A 245 13.83 -13.13 -37.28
C MET A 245 13.77 -13.46 -35.78
N GLY A 246 13.49 -14.71 -35.43
CA GLY A 246 13.54 -15.17 -34.08
C GLY A 246 12.25 -14.97 -33.30
N PHE A 247 11.11 -14.90 -34.00
CA PHE A 247 9.81 -14.78 -33.32
C PHE A 247 9.27 -16.14 -32.89
N ASP A 248 8.41 -16.13 -31.87
CA ASP A 248 7.79 -17.32 -31.29
C ASP A 248 6.28 -17.37 -31.47
N VAL A 249 5.64 -16.19 -31.64
CA VAL A 249 4.20 -16.06 -31.77
C VAL A 249 3.85 -15.19 -32.97
N VAL A 250 2.89 -15.64 -33.77
CA VAL A 250 2.33 -14.88 -34.87
C VAL A 250 0.91 -14.49 -34.48
N TYR A 251 0.65 -13.18 -34.39
CA TYR A 251 -0.68 -12.63 -34.03
C TYR A 251 -1.36 -12.21 -35.34
N LEU A 252 -2.53 -12.80 -35.58
CA LEU A 252 -3.33 -12.55 -36.77
C LEU A 252 -4.52 -11.72 -36.36
N PRO A 253 -4.77 -10.62 -37.07
CA PRO A 253 -6.06 -9.93 -36.92
C PRO A 253 -7.24 -10.82 -37.28
N PRO A 254 -8.46 -10.41 -36.94
CA PRO A 254 -9.60 -11.33 -37.16
C PRO A 254 -9.61 -11.95 -38.58
N ILE A 255 -9.86 -13.28 -38.61
CA ILE A 255 -9.82 -14.09 -39.83
C ILE A 255 -11.21 -14.52 -40.30
N HIS A 256 -12.26 -13.82 -39.86
CA HIS A 256 -13.64 -14.22 -40.12
C HIS A 256 -14.20 -13.42 -41.29
N PRO A 257 -15.42 -13.75 -41.76
CA PRO A 257 -16.01 -12.87 -42.78
C PRO A 257 -16.21 -11.45 -42.25
N ILE A 258 -16.25 -10.51 -43.18
CA ILE A 258 -16.29 -9.11 -42.88
C ILE A 258 -17.59 -8.56 -43.46
N GLY A 259 -18.32 -7.80 -42.66
CA GLY A 259 -19.61 -7.25 -43.08
C GLY A 259 -19.51 -6.30 -44.26
N THR A 260 -20.63 -6.14 -44.95
CA THR A 260 -20.76 -5.19 -46.06
C THR A 260 -21.52 -3.90 -45.68
N THR A 261 -22.54 -4.01 -44.83
CA THR A 261 -23.30 -2.83 -44.40
C THR A 261 -22.39 -1.90 -43.59
N HIS A 262 -22.27 -0.64 -44.03
CA HIS A 262 -21.43 0.41 -43.43
C HIS A 262 -19.94 0.04 -43.39
N ARG A 263 -19.52 -0.78 -44.35
CA ARG A 263 -18.13 -1.14 -44.47
C ARG A 263 -17.32 0.11 -44.69
N LYS A 264 -16.19 0.20 -44.03
CA LYS A 264 -15.34 1.39 -44.21
C LYS A 264 -14.44 1.24 -45.45
N GLY A 265 -14.16 2.37 -46.08
CA GLY A 265 -13.23 2.43 -47.20
C GLY A 265 -11.81 2.75 -46.75
N ARG A 266 -10.96 3.03 -47.73
CA ARG A 266 -9.55 3.30 -47.50
CA ARG A 266 -9.55 3.30 -47.50
C ARG A 266 -9.37 4.55 -46.62
N ASN A 267 -8.35 4.52 -45.75
CA ASN A 267 -8.03 5.61 -44.83
C ASN A 267 -9.17 5.99 -43.89
N ASN A 268 -9.92 4.98 -43.47
CA ASN A 268 -11.01 5.18 -42.54
C ASN A 268 -12.07 6.17 -43.08
N THR A 269 -12.37 6.08 -44.37
CA THR A 269 -13.49 6.85 -44.96
C THR A 269 -14.78 6.03 -44.75
N LEU A 270 -15.91 6.71 -44.75
CA LEU A 270 -17.19 6.08 -44.36
C LEU A 270 -17.75 5.08 -45.37
N SER A 271 -17.50 5.31 -46.66
CA SER A 271 -18.10 4.50 -47.73
C SER A 271 -17.09 3.70 -48.53
N ALA A 272 -17.16 2.39 -48.39
CA ALA A 272 -16.40 1.45 -49.20
C ALA A 272 -16.85 1.51 -50.65
N THR A 273 -15.89 1.52 -51.57
CA THR A 273 -16.14 1.45 -53.01
C THR A 273 -16.20 -0.03 -53.45
N GLY A 274 -16.12 -0.28 -54.75
CA GLY A 274 -16.29 -1.63 -55.31
C GLY A 274 -15.49 -2.76 -54.70
N ASP A 275 -14.17 -2.69 -54.77
CA ASP A 275 -13.32 -3.79 -54.34
C ASP A 275 -12.79 -3.65 -52.89
N ASP A 276 -13.13 -2.56 -52.21
CA ASP A 276 -12.60 -2.28 -50.86
C ASP A 276 -12.85 -3.46 -49.91
N VAL A 277 -11.80 -3.86 -49.21
CA VAL A 277 -11.82 -5.09 -48.41
C VAL A 277 -12.44 -4.93 -47.00
N GLY A 278 -12.54 -3.69 -46.51
CA GLY A 278 -13.06 -3.45 -45.17
C GLY A 278 -12.11 -3.84 -44.03
N VAL A 279 -12.58 -3.65 -42.81
CA VAL A 279 -11.81 -3.82 -41.60
C VAL A 279 -12.08 -5.19 -40.99
N PRO A 280 -11.03 -5.99 -40.71
CA PRO A 280 -11.24 -7.34 -40.18
C PRO A 280 -12.04 -7.40 -38.89
N TRP A 281 -11.94 -6.34 -38.08
CA TRP A 281 -12.66 -6.25 -36.80
C TRP A 281 -14.18 -6.07 -36.96
N ALA A 282 -14.65 -5.76 -38.17
CA ALA A 282 -16.11 -5.73 -38.42
C ALA A 282 -16.61 -7.12 -38.80
N ILE A 283 -16.77 -7.97 -37.80
CA ILE A 283 -16.87 -9.40 -38.01
C ILE A 283 -18.31 -9.79 -38.34
N GLY A 284 -18.48 -10.61 -39.38
CA GLY A 284 -19.75 -11.30 -39.60
C GLY A 284 -20.48 -10.92 -40.87
N SER A 285 -20.99 -11.94 -41.55
CA SER A 285 -21.82 -11.77 -42.72
C SER A 285 -22.72 -13.00 -42.84
N PRO A 286 -23.51 -13.07 -43.92
CA PRO A 286 -24.24 -14.32 -44.18
C PRO A 286 -23.33 -15.54 -44.38
N GLU A 287 -22.07 -15.32 -44.74
CA GLU A 287 -21.08 -16.40 -44.89
C GLU A 287 -20.64 -16.99 -43.54
N GLY A 288 -20.90 -16.30 -42.42
CA GLY A 288 -20.59 -16.81 -41.07
C GLY A 288 -20.08 -15.76 -40.09
N GLY A 289 -19.85 -16.19 -38.86
CA GLY A 289 -19.47 -15.34 -37.74
C GLY A 289 -18.08 -15.65 -37.19
N HIS A 290 -17.96 -15.62 -35.87
CA HIS A 290 -16.70 -15.83 -35.20
C HIS A 290 -16.17 -17.25 -35.26
N ASP A 291 -16.98 -18.23 -35.63
CA ASP A 291 -16.55 -19.61 -35.82
C ASP A 291 -16.25 -19.96 -37.29
N SER A 292 -16.19 -18.95 -38.17
CA SER A 292 -15.97 -19.15 -39.61
C SER A 292 -14.73 -18.43 -40.16
N ILE A 293 -14.30 -18.87 -41.32
CA ILE A 293 -13.16 -18.30 -42.04
C ILE A 293 -13.68 -17.41 -43.18
N HIS A 294 -13.14 -16.20 -43.30
CA HIS A 294 -13.33 -15.34 -44.50
C HIS A 294 -13.11 -16.18 -45.78
N PRO A 295 -14.11 -16.23 -46.69
CA PRO A 295 -13.95 -17.13 -47.85
C PRO A 295 -12.73 -16.82 -48.77
N ALA A 296 -12.33 -15.55 -48.86
CA ALA A 296 -11.09 -15.16 -49.56
C ALA A 296 -9.78 -15.63 -48.87
N LEU A 297 -9.81 -15.97 -47.60
CA LEU A 297 -8.66 -16.60 -46.92
C LEU A 297 -8.50 -18.10 -47.20
N GLY A 298 -9.60 -18.76 -47.54
CA GLY A 298 -9.61 -20.20 -47.82
C GLY A 298 -10.58 -20.90 -46.89
N THR A 299 -10.27 -22.16 -46.58
CA THR A 299 -11.13 -23.03 -45.76
C THR A 299 -10.46 -23.32 -44.43
N LEU A 300 -11.22 -23.96 -43.55
CA LEU A 300 -10.73 -24.46 -42.28
C LEU A 300 -9.54 -25.40 -42.46
N ASP A 301 -9.61 -26.27 -43.46
CA ASP A 301 -8.49 -27.09 -43.85
C ASP A 301 -7.21 -26.28 -44.18
N ASP A 302 -7.36 -25.19 -44.93
CA ASP A 302 -6.22 -24.34 -45.25
C ASP A 302 -5.65 -23.69 -43.97
N PHE A 303 -6.53 -23.29 -43.06
CA PHE A 303 -6.09 -22.77 -41.77
C PHE A 303 -5.28 -23.81 -40.99
N ASP A 304 -5.74 -25.08 -40.96
CA ASP A 304 -4.98 -26.16 -40.29
C ASP A 304 -3.57 -26.33 -40.86
N HIS A 305 -3.45 -26.30 -42.19
CA HIS A 305 -2.15 -26.39 -42.85
CA HIS A 305 -2.14 -26.36 -42.87
C HIS A 305 -1.23 -25.21 -42.46
N PHE A 306 -1.80 -24.01 -42.31
CA PHE A 306 -1.08 -22.81 -41.87
C PHE A 306 -0.57 -22.97 -40.43
N VAL A 307 -1.44 -23.46 -39.55
CA VAL A 307 -1.08 -23.74 -38.15
C VAL A 307 0.01 -24.81 -38.06
N THR A 308 -0.14 -25.89 -38.84
CA THR A 308 0.84 -26.97 -38.89
C THR A 308 2.21 -26.46 -39.37
N GLU A 309 2.25 -25.63 -40.41
CA GLU A 309 3.52 -25.08 -40.92
C GLU A 309 4.16 -24.13 -39.90
N ALA A 310 3.32 -23.34 -39.24
CA ALA A 310 3.80 -22.46 -38.20
C ALA A 310 4.48 -23.29 -37.11
N GLY A 311 3.77 -24.29 -36.59
CA GLY A 311 4.29 -25.23 -35.56
C GLY A 311 5.65 -25.86 -35.90
N LYS A 312 5.83 -26.29 -37.14
CA LYS A 312 7.11 -26.84 -37.60
C LYS A 312 8.26 -25.83 -37.55
N LEU A 313 7.94 -24.54 -37.67
CA LEU A 313 8.95 -23.47 -37.55
C LEU A 313 9.12 -22.92 -36.11
N GLY A 314 8.46 -23.53 -35.12
CA GLY A 314 8.47 -23.04 -33.73
C GLY A 314 7.63 -21.80 -33.48
N LEU A 315 6.57 -21.60 -34.28
CA LEU A 315 5.66 -20.48 -34.15
C LEU A 315 4.28 -20.97 -33.70
N GLU A 316 3.79 -20.35 -32.63
CA GLU A 316 2.42 -20.51 -32.17
C GLU A 316 1.55 -19.43 -32.78
N ILE A 317 0.30 -19.75 -33.05
CA ILE A 317 -0.64 -18.79 -33.60
C ILE A 317 -1.44 -18.20 -32.45
N ALA A 318 -1.60 -16.88 -32.49
CA ALA A 318 -2.49 -16.16 -31.61
C ALA A 318 -3.56 -15.49 -32.47
N LEU A 319 -4.84 -15.78 -32.20
CA LEU A 319 -5.96 -15.14 -32.91
C LEU A 319 -6.55 -14.00 -32.11
N ASP A 320 -6.98 -12.99 -32.85
CA ASP A 320 -7.74 -11.91 -32.29
C ASP A 320 -9.14 -12.45 -31.95
N PHE A 321 -9.60 -12.21 -30.73
CA PHE A 321 -11.00 -12.47 -30.34
C PHE A 321 -11.63 -11.11 -30.01
N ALA A 322 -12.56 -10.68 -30.87
CA ALA A 322 -13.15 -9.36 -30.78
C ALA A 322 -14.64 -9.55 -30.66
N LEU A 323 -15.17 -9.43 -29.44
CA LEU A 323 -16.60 -9.74 -29.18
C LEU A 323 -17.46 -8.51 -29.53
N GLN A 324 -17.79 -8.43 -30.81
CA GLN A 324 -18.56 -7.36 -31.44
C GLN A 324 -18.96 -7.88 -32.83
N CYS A 325 -19.85 -7.16 -33.54
CA CYS A 325 -20.48 -7.66 -34.74
C CYS A 325 -20.61 -6.56 -35.77
N SER A 326 -20.40 -6.89 -37.06
CA SER A 326 -20.95 -6.07 -38.14
C SER A 326 -22.49 -6.16 -38.10
N PRO A 327 -23.16 -5.22 -38.78
CA PRO A 327 -24.63 -5.34 -38.84
C PRO A 327 -25.12 -6.58 -39.59
N ASP A 328 -24.26 -7.21 -40.37
CA ASP A 328 -24.62 -8.40 -41.15
C ASP A 328 -24.29 -9.69 -40.42
N HIS A 329 -23.74 -9.60 -39.23
CA HIS A 329 -23.43 -10.81 -38.45
C HIS A 329 -24.75 -11.57 -38.16
N PRO A 330 -24.75 -12.91 -38.25
CA PRO A 330 -25.95 -13.74 -37.97
C PRO A 330 -26.63 -13.49 -36.61
N TRP A 331 -25.84 -13.25 -35.58
CA TRP A 331 -26.34 -12.87 -34.25
C TRP A 331 -27.34 -11.74 -34.23
N VAL A 332 -27.23 -10.78 -35.15
CA VAL A 332 -28.10 -9.62 -35.12
C VAL A 332 -29.60 -10.03 -35.19
N HIS A 333 -29.89 -11.06 -36.00
CA HIS A 333 -31.23 -11.58 -36.12
C HIS A 333 -31.46 -12.82 -35.25
N LYS A 334 -30.45 -13.65 -35.05
CA LYS A 334 -30.60 -14.87 -34.21
C LYS A 334 -30.66 -14.55 -32.70
N HIS A 335 -29.98 -13.52 -32.25
CA HIS A 335 -29.92 -13.18 -30.83
C HIS A 335 -30.05 -11.67 -30.67
N PRO A 336 -31.21 -11.09 -31.02
CA PRO A 336 -31.38 -9.65 -30.86
C PRO A 336 -31.14 -9.13 -29.43
N GLU A 337 -31.44 -9.94 -28.42
CA GLU A 337 -31.26 -9.59 -27.02
C GLU A 337 -29.78 -9.43 -26.59
N TRP A 338 -28.85 -9.80 -27.46
CA TRP A 338 -27.41 -9.53 -27.27
C TRP A 338 -26.99 -8.13 -27.71
N PHE A 339 -27.95 -7.26 -28.06
CA PHE A 339 -27.65 -5.87 -28.44
C PHE A 339 -28.62 -4.91 -27.78
N HIS A 340 -28.17 -3.69 -27.50
CA HIS A 340 -29.03 -2.66 -27.01
C HIS A 340 -29.71 -1.99 -28.20
N HIS A 341 -31.06 -1.97 -28.18
CA HIS A 341 -31.86 -1.31 -29.19
C HIS A 341 -32.47 -0.03 -28.64
N ARG A 342 -32.54 0.99 -29.49
CA ARG A 342 -33.15 2.28 -29.16
C ARG A 342 -34.65 2.17 -29.42
N PRO A 343 -35.44 3.15 -28.95
CA PRO A 343 -36.90 3.03 -29.12
C PRO A 343 -37.44 2.74 -30.55
N ASP A 344 -36.65 3.06 -31.58
CA ASP A 344 -37.05 2.82 -32.97
C ASP A 344 -36.52 1.48 -33.51
N GLY A 345 -35.95 0.63 -32.66
CA GLY A 345 -35.38 -0.64 -33.09
C GLY A 345 -33.92 -0.64 -33.54
N THR A 346 -33.32 0.53 -33.79
CA THR A 346 -31.94 0.55 -34.28
C THR A 346 -30.96 0.28 -33.16
N ILE A 347 -29.78 -0.19 -33.57
CA ILE A 347 -28.67 -0.42 -32.68
C ILE A 347 -27.62 0.64 -32.98
N ALA A 348 -27.20 1.36 -31.93
CA ALA A 348 -26.14 2.38 -32.02
C ALA A 348 -24.78 1.71 -32.27
N HIS A 349 -24.07 2.20 -33.28
CA HIS A 349 -22.71 1.72 -33.55
C HIS A 349 -21.76 2.05 -32.38
N ALA A 350 -20.74 1.23 -32.25
CA ALA A 350 -19.73 1.37 -31.20
C ALA A 350 -18.93 2.67 -31.34
N GLU A 351 -18.51 3.21 -30.19
CA GLU A 351 -17.72 4.45 -30.11
C GLU A 351 -16.62 4.33 -29.05
N ASN A 352 -15.61 5.20 -29.15
CA ASN A 352 -14.52 5.30 -28.16
C ASN A 352 -13.95 6.72 -28.26
N PRO A 353 -14.81 7.75 -28.05
CA PRO A 353 -14.67 9.09 -28.68
C PRO A 353 -13.29 9.80 -28.60
N PRO A 354 -12.99 10.70 -29.57
CA PRO A 354 -13.86 10.98 -30.74
C PRO A 354 -13.82 9.93 -31.91
N LYS A 355 -13.20 8.77 -31.67
CA LYS A 355 -13.22 7.63 -32.62
C LYS A 355 -14.63 7.00 -32.70
N LYS A 356 -15.13 6.87 -33.93
CA LYS A 356 -16.42 6.27 -34.21
C LYS A 356 -16.19 4.98 -34.98
N TYR A 357 -16.98 3.96 -34.68
CA TYR A 357 -16.89 2.67 -35.35
C TYR A 357 -18.21 2.32 -36.08
N GLN A 358 -18.48 3.07 -37.14
CA GLN A 358 -19.76 2.96 -37.86
C GLN A 358 -20.01 1.59 -38.50
N ASP A 359 -18.94 0.81 -38.69
CA ASP A 359 -19.02 -0.54 -39.20
C ASP A 359 -19.36 -1.63 -38.18
N ILE A 360 -19.51 -1.32 -36.89
CA ILE A 360 -19.79 -2.36 -35.90
C ILE A 360 -20.83 -2.00 -34.82
N TYR A 361 -21.47 -3.04 -34.31
CA TYR A 361 -22.33 -2.94 -33.13
C TYR A 361 -21.61 -3.53 -31.91
N PRO A 362 -21.70 -2.86 -30.74
CA PRO A 362 -21.22 -3.53 -29.53
C PRO A 362 -22.30 -4.49 -28.96
N ILE A 363 -21.85 -5.43 -28.13
CA ILE A 363 -22.66 -6.42 -27.49
C ILE A 363 -23.18 -5.83 -26.20
N ALA A 364 -24.45 -6.08 -25.89
CA ALA A 364 -25.06 -5.82 -24.56
C ALA A 364 -25.08 -7.14 -23.74
N PHE A 365 -24.81 -7.05 -22.44
CA PHE A 365 -24.55 -8.23 -21.61
C PHE A 365 -25.64 -8.55 -20.57
N ASP A 366 -26.58 -7.66 -20.37
CA ASP A 366 -27.47 -7.80 -19.22
C ASP A 366 -28.83 -8.45 -19.49
N ALA A 367 -29.16 -8.76 -20.74
CA ALA A 367 -30.37 -9.54 -21.04
C ALA A 367 -30.06 -11.02 -20.99
N ASP A 368 -28.94 -11.46 -21.57
CA ASP A 368 -28.60 -12.89 -21.63
C ASP A 368 -27.10 -13.17 -21.35
N PRO A 369 -26.64 -12.86 -20.13
CA PRO A 369 -25.26 -13.11 -19.79
C PRO A 369 -24.82 -14.59 -19.92
N ASP A 370 -25.68 -15.52 -19.52
CA ASP A 370 -25.39 -16.97 -19.60
C ASP A 370 -25.22 -17.44 -21.06
N GLY A 371 -26.13 -17.04 -21.94
CA GLY A 371 -26.03 -17.38 -23.35
C GLY A 371 -24.75 -16.84 -23.97
N LEU A 372 -24.37 -15.61 -23.63
CA LEU A 372 -23.15 -15.03 -24.20
C LEU A 372 -21.88 -15.75 -23.72
N ALA A 373 -21.84 -16.11 -22.44
CA ALA A 373 -20.66 -16.81 -21.91
C ALA A 373 -20.54 -18.22 -22.51
N THR A 374 -21.67 -18.92 -22.56
CA THR A 374 -21.78 -20.24 -23.19
C THR A 374 -21.27 -20.21 -24.65
N GLU A 375 -21.73 -19.25 -25.43
CA GLU A 375 -21.34 -19.16 -26.81
C GLU A 375 -19.87 -18.71 -26.98
N THR A 376 -19.39 -17.85 -26.08
CA THR A 376 -18.04 -17.38 -26.12
C THR A 376 -17.08 -18.50 -25.88
N VAL A 377 -17.30 -19.28 -24.83
CA VAL A 377 -16.39 -20.41 -24.58
C VAL A 377 -16.51 -21.48 -25.69
N ARG A 378 -17.70 -21.65 -26.29
CA ARG A 378 -17.83 -22.56 -27.45
C ARG A 378 -16.96 -22.14 -28.63
N ILE A 379 -16.93 -20.85 -28.94
CA ILE A 379 -16.10 -20.32 -30.02
C ILE A 379 -14.61 -20.49 -29.73
N LEU A 380 -14.20 -20.12 -28.53
CA LEU A 380 -12.79 -20.26 -28.15
C LEU A 380 -12.37 -21.74 -28.23
N ARG A 381 -13.20 -22.65 -27.72
CA ARG A 381 -12.91 -24.08 -27.78
C ARG A 381 -12.80 -24.61 -29.21
N HIS A 382 -13.57 -24.04 -30.14
CA HIS A 382 -13.45 -24.41 -31.54
C HIS A 382 -12.05 -24.08 -32.07
N TRP A 383 -11.55 -22.88 -31.82
CA TRP A 383 -10.22 -22.50 -32.32
C TRP A 383 -9.10 -23.27 -31.59
N MET A 384 -9.30 -23.51 -30.30
CA MET A 384 -8.46 -24.40 -29.50
C MET A 384 -8.33 -25.79 -30.11
N ASP A 385 -9.42 -26.37 -30.61
CA ASP A 385 -9.37 -27.70 -31.27
C ASP A 385 -8.53 -27.69 -32.56
N HIS A 386 -8.36 -26.51 -33.14
CA HIS A 386 -7.50 -26.34 -34.31
C HIS A 386 -6.15 -25.72 -33.97
N GLY A 387 -5.71 -25.93 -32.73
CA GLY A 387 -4.34 -25.63 -32.33
C GLY A 387 -4.07 -24.18 -31.97
N VAL A 388 -5.09 -23.36 -31.72
CA VAL A 388 -4.87 -22.01 -31.24
C VAL A 388 -4.91 -22.05 -29.74
N ARG A 389 -3.78 -21.81 -29.09
CA ARG A 389 -3.67 -21.83 -27.62
C ARG A 389 -3.40 -20.43 -27.03
N ILE A 390 -3.56 -19.38 -27.83
CA ILE A 390 -3.31 -18.01 -27.41
C ILE A 390 -4.34 -17.11 -28.09
N PHE A 391 -4.99 -16.24 -27.32
CA PHE A 391 -5.97 -15.26 -27.83
C PHE A 391 -5.60 -13.84 -27.42
N ARG A 392 -5.55 -12.94 -28.39
CA ARG A 392 -5.44 -11.49 -28.18
C ARG A 392 -6.87 -10.95 -28.11
N VAL A 393 -7.30 -10.49 -26.94
CA VAL A 393 -8.67 -10.07 -26.71
C VAL A 393 -8.80 -8.59 -26.97
N ASP A 394 -9.55 -8.25 -28.01
CA ASP A 394 -9.68 -6.87 -28.47
C ASP A 394 -10.62 -6.12 -27.55
N ASN A 395 -10.27 -4.89 -27.19
CA ASN A 395 -11.14 -4.02 -26.38
C ASN A 395 -11.80 -4.71 -25.20
N PRO A 396 -11.02 -5.42 -24.39
CA PRO A 396 -11.66 -6.12 -23.25
C PRO A 396 -12.38 -5.18 -22.29
N HIS A 397 -11.89 -3.94 -22.23
CA HIS A 397 -12.43 -2.90 -21.34
C HIS A 397 -13.80 -2.34 -21.70
N THR A 398 -14.40 -2.76 -22.82
CA THR A 398 -15.83 -2.43 -23.14
C THR A 398 -16.80 -3.60 -22.95
N LYS A 399 -16.34 -4.70 -22.38
CA LYS A 399 -17.20 -5.79 -21.94
C LYS A 399 -17.02 -5.89 -20.42
N PRO A 400 -18.01 -6.43 -19.69
CA PRO A 400 -17.87 -6.43 -18.23
C PRO A 400 -16.67 -7.22 -17.71
N VAL A 401 -16.06 -6.70 -16.66
CA VAL A 401 -14.89 -7.34 -16.06
C VAL A 401 -15.23 -8.75 -15.56
N ALA A 402 -16.41 -8.91 -14.94
CA ALA A 402 -16.84 -10.24 -14.46
C ALA A 402 -17.13 -11.25 -15.57
N PHE A 403 -17.50 -10.78 -16.74
CA PHE A 403 -17.66 -11.65 -17.91
C PHE A 403 -16.32 -12.31 -18.27
N TRP A 404 -15.25 -11.51 -18.37
CA TRP A 404 -13.91 -12.08 -18.68
C TRP A 404 -13.44 -13.01 -17.55
N GLU A 405 -13.74 -12.66 -16.31
CA GLU A 405 -13.34 -13.49 -15.18
C GLU A 405 -13.95 -14.90 -15.29
N ARG A 406 -15.22 -14.95 -15.64
CA ARG A 406 -15.94 -16.19 -15.86
C ARG A 406 -15.38 -16.98 -17.06
N VAL A 407 -15.24 -16.31 -18.19
CA VAL A 407 -14.75 -16.94 -19.41
C VAL A 407 -13.33 -17.53 -19.24
N ILE A 408 -12.43 -16.77 -18.65
CA ILE A 408 -11.06 -17.23 -18.48
C ILE A 408 -10.98 -18.41 -17.50
N ALA A 409 -11.74 -18.36 -16.40
CA ALA A 409 -11.81 -19.47 -15.44
C ALA A 409 -12.39 -20.77 -16.06
N ASP A 410 -13.38 -20.60 -16.94
CA ASP A 410 -13.98 -21.73 -17.63
C ASP A 410 -12.97 -22.36 -18.61
N ILE A 411 -12.33 -21.55 -19.44
CA ILE A 411 -11.35 -22.09 -20.39
C ILE A 411 -10.11 -22.69 -19.71
N ASN A 412 -9.54 -21.97 -18.76
CA ASN A 412 -8.37 -22.44 -18.06
C ASN A 412 -8.66 -23.61 -17.12
N GLY A 413 -9.93 -23.81 -16.75
CA GLY A 413 -10.35 -24.96 -15.95
C GLY A 413 -10.17 -26.28 -16.66
N THR A 414 -10.41 -26.34 -17.97
CA THR A 414 -10.11 -27.53 -18.78
C THR A 414 -8.76 -27.43 -19.53
N ASP A 415 -8.35 -26.23 -19.93
CA ASP A 415 -7.13 -26.01 -20.71
C ASP A 415 -6.26 -24.91 -20.09
N PRO A 416 -5.51 -25.24 -19.03
CA PRO A 416 -4.75 -24.22 -18.29
C PRO A 416 -3.58 -23.61 -19.09
N ASP A 417 -3.19 -24.26 -20.20
CA ASP A 417 -2.17 -23.73 -21.08
C ASP A 417 -2.62 -22.53 -21.96
N VAL A 418 -3.91 -22.24 -22.05
CA VAL A 418 -4.36 -21.16 -22.91
C VAL A 418 -3.99 -19.80 -22.29
N ILE A 419 -3.45 -18.93 -23.13
CA ILE A 419 -2.98 -17.62 -22.75
C ILE A 419 -3.89 -16.59 -23.38
N PHE A 420 -4.34 -15.65 -22.58
CA PHE A 420 -5.15 -14.53 -23.01
C PHE A 420 -4.36 -13.24 -22.80
N LEU A 421 -4.34 -12.40 -23.83
CA LEU A 421 -3.66 -11.13 -23.84
C LEU A 421 -4.67 -10.02 -23.90
N ALA A 422 -4.67 -9.14 -22.91
CA ALA A 422 -5.62 -8.05 -22.81
C ALA A 422 -5.13 -6.80 -23.56
N ALA A 423 -5.80 -6.44 -24.65
CA ALA A 423 -5.50 -5.21 -25.38
C ALA A 423 -6.25 -4.02 -24.78
N ALA A 424 -5.93 -3.74 -23.52
CA ALA A 424 -6.62 -2.77 -22.73
C ALA A 424 -5.91 -1.44 -22.75
N PHE A 425 -6.15 -0.72 -23.82
CA PHE A 425 -5.67 0.64 -23.94
C PHE A 425 -6.66 1.56 -23.28
N THR A 426 -6.53 1.69 -21.97
CA THR A 426 -7.51 2.38 -21.14
C THR A 426 -6.85 2.89 -19.87
N ARG A 427 -7.65 3.29 -18.87
CA ARG A 427 -7.12 3.86 -17.65
C ARG A 427 -6.47 2.79 -16.74
N PRO A 428 -5.57 3.21 -15.84
CA PRO A 428 -4.81 2.27 -15.01
C PRO A 428 -5.62 1.29 -14.16
N ALA A 429 -6.70 1.74 -13.53
CA ALA A 429 -7.48 0.85 -12.65
C ALA A 429 -8.07 -0.37 -13.41
N MET A 430 -8.66 -0.11 -14.57
CA MET A 430 -9.20 -1.17 -15.44
C MET A 430 -8.08 -2.10 -15.95
N MET A 431 -6.99 -1.51 -16.40
CA MET A 431 -5.84 -2.28 -16.82
C MET A 431 -5.39 -3.29 -15.75
N ALA A 432 -5.20 -2.79 -14.54
CA ALA A 432 -4.76 -3.60 -13.43
C ALA A 432 -5.80 -4.69 -13.09
N THR A 433 -7.08 -4.29 -13.04
CA THR A 433 -8.15 -5.22 -12.68
C THR A 433 -8.25 -6.39 -13.68
N LEU A 434 -8.17 -6.11 -14.99
CA LEU A 434 -8.22 -7.17 -15.99
C LEU A 434 -7.10 -8.19 -15.82
N ALA A 435 -5.89 -7.70 -15.54
CA ALA A 435 -4.78 -8.61 -15.23
C ALA A 435 -5.09 -9.45 -13.97
N GLN A 436 -5.57 -8.80 -12.94
CA GLN A 436 -5.86 -9.48 -11.68
C GLN A 436 -6.97 -10.52 -11.71
N ILE A 437 -7.93 -10.38 -12.64
CA ILE A 437 -9.01 -11.36 -12.73
C ILE A 437 -8.71 -12.50 -13.66
N GLY A 438 -7.52 -12.52 -14.25
CA GLY A 438 -6.98 -13.70 -14.90
C GLY A 438 -6.30 -13.52 -16.26
N PHE A 439 -6.30 -12.34 -16.87
CA PHE A 439 -5.54 -12.21 -18.12
C PHE A 439 -4.05 -12.47 -17.92
N GLN A 440 -3.51 -13.41 -18.69
CA GLN A 440 -2.12 -13.85 -18.57
C GLN A 440 -1.12 -12.76 -18.96
N GLN A 441 -1.48 -11.93 -19.94
CA GLN A 441 -0.65 -10.83 -20.42
C GLN A 441 -1.49 -9.58 -20.68
N SER A 442 -0.83 -8.42 -20.65
CA SER A 442 -1.43 -7.13 -20.93
C SER A 442 -0.56 -6.30 -21.90
N TYR A 443 -1.23 -5.56 -22.77
CA TYR A 443 -0.60 -4.42 -23.41
C TYR A 443 -0.44 -3.34 -22.34
N THR A 444 0.42 -2.39 -22.61
CA THR A 444 0.91 -1.43 -21.61
C THR A 444 0.89 -0.03 -22.22
N TYR A 445 1.35 0.95 -21.43
CA TYR A 445 1.60 2.29 -21.91
C TYR A 445 2.99 2.46 -22.57
N PHE A 446 3.68 1.36 -22.88
CA PHE A 446 5.05 1.40 -23.48
C PHE A 446 5.25 2.41 -24.61
N THR A 447 4.36 2.40 -25.60
CA THR A 447 4.51 3.31 -26.76
C THR A 447 4.49 4.80 -26.39
N TRP A 448 3.90 5.15 -25.25
CA TRP A 448 3.85 6.52 -24.74
C TRP A 448 4.86 6.79 -23.62
N ARG A 449 5.92 5.97 -23.55
CA ARG A 449 7.04 6.21 -22.63
C ARG A 449 8.31 6.24 -23.48
N ASN A 450 8.79 7.44 -23.80
CA ASN A 450 9.94 7.67 -24.71
C ASN A 450 11.15 8.40 -24.14
N THR A 451 10.96 9.28 -23.16
CA THR A 451 12.08 9.90 -22.43
C THR A 451 12.64 8.93 -21.38
N LYS A 452 13.80 9.30 -20.85
CA LYS A 452 14.50 8.51 -19.83
C LYS A 452 13.67 8.45 -18.57
N GLN A 453 13.17 9.60 -18.13
CA GLN A 453 12.33 9.65 -16.94
C GLN A 453 11.03 8.82 -17.08
N GLU A 454 10.36 8.92 -18.23
CA GLU A 454 9.15 8.14 -18.48
C GLU A 454 9.44 6.64 -18.46
N LEU A 455 10.54 6.20 -19.09
CA LEU A 455 10.89 4.78 -19.14
C LEU A 455 11.29 4.26 -17.77
N THR A 456 12.09 5.02 -17.06
CA THR A 456 12.60 4.61 -15.76
C THR A 456 11.43 4.46 -14.75
N GLU A 457 10.57 5.46 -14.70
CA GLU A 457 9.38 5.41 -13.83
C GLU A 457 8.44 4.25 -14.15
N TYR A 458 8.16 4.03 -15.43
CA TYR A 458 7.17 3.03 -15.82
C TYR A 458 7.68 1.61 -15.63
N LEU A 459 8.94 1.38 -15.98
CA LEU A 459 9.54 0.05 -15.79
C LEU A 459 9.78 -0.29 -14.33
N THR A 460 10.05 0.70 -13.50
CA THR A 460 10.13 0.50 -12.04
C THR A 460 8.76 0.06 -11.50
N GLU A 461 7.69 0.62 -12.05
CA GLU A 461 6.33 0.18 -11.70
C GLU A 461 6.10 -1.28 -12.20
N LEU A 462 6.39 -1.57 -13.47
CA LEU A 462 6.08 -2.90 -14.04
C LEU A 462 6.89 -4.05 -13.45
N SER A 463 8.15 -3.80 -13.12
CA SER A 463 9.05 -4.80 -12.54
C SER A 463 8.92 -4.91 -11.02
N GLY A 464 8.24 -3.96 -10.38
CA GLY A 464 8.01 -4.00 -8.94
C GLY A 464 6.69 -4.69 -8.62
N GLU A 465 5.81 -3.99 -7.92
CA GLU A 465 4.61 -4.60 -7.38
C GLU A 465 3.66 -5.15 -8.42
N ALA A 466 3.53 -4.49 -9.55
CA ALA A 466 2.67 -4.96 -10.61
C ALA A 466 3.05 -6.34 -11.18
N ALA A 467 4.32 -6.74 -11.08
CA ALA A 467 4.77 -8.04 -11.60
C ALA A 467 4.10 -9.25 -10.93
N SER A 468 3.52 -9.07 -9.75
CA SER A 468 2.81 -10.17 -9.13
C SER A 468 1.43 -10.47 -9.76
N TYR A 469 0.91 -9.58 -10.62
CA TYR A 469 -0.36 -9.80 -11.29
C TYR A 469 -0.43 -9.52 -12.80
N MET A 470 0.61 -8.92 -13.37
CA MET A 470 0.64 -8.46 -14.75
C MET A 470 1.93 -8.89 -15.45
N ARG A 471 1.81 -9.39 -16.66
CA ARG A 471 2.94 -9.73 -17.52
C ARG A 471 2.83 -8.86 -18.76
N PRO A 472 3.81 -7.97 -18.99
CA PRO A 472 3.66 -6.97 -20.05
C PRO A 472 4.10 -7.47 -21.39
N ASN A 473 3.41 -7.04 -22.43
CA ASN A 473 3.78 -7.32 -23.81
C ASN A 473 4.06 -5.98 -24.47
N PHE A 474 5.35 -5.69 -24.69
CA PHE A 474 5.81 -4.45 -25.31
C PHE A 474 5.83 -4.49 -26.84
N PHE A 475 4.70 -4.13 -27.42
CA PHE A 475 4.61 -3.89 -28.86
C PHE A 475 5.16 -2.52 -29.10
N ALA A 476 6.22 -2.43 -29.92
CA ALA A 476 6.83 -1.15 -30.26
C ALA A 476 5.96 -0.31 -31.19
N ASN A 477 5.14 -0.99 -31.99
CA ASN A 477 4.09 -0.37 -32.76
C ASN A 477 2.88 -1.32 -32.84
N THR A 478 1.74 -0.80 -33.31
CA THR A 478 0.57 -1.60 -33.63
C THR A 478 -0.12 -0.97 -34.82
N PRO A 479 -1.08 -1.65 -35.44
CA PRO A 479 -1.75 -0.98 -36.55
C PRO A 479 -2.44 0.36 -36.22
N ASP A 480 -2.71 0.61 -34.94
CA ASP A 480 -3.35 1.85 -34.48
C ASP A 480 -2.44 2.85 -33.80
N ILE A 481 -1.15 2.50 -33.64
CA ILE A 481 -0.23 3.32 -32.87
C ILE A 481 1.12 3.41 -33.60
N LEU A 482 1.30 4.52 -34.31
CA LEU A 482 2.60 4.99 -34.82
C LEU A 482 2.92 6.27 -34.02
N HIS A 483 3.77 6.15 -33.00
CA HIS A 483 4.04 7.29 -32.11
C HIS A 483 4.85 8.36 -32.83
N ALA A 484 4.64 9.61 -32.45
CA ALA A 484 5.45 10.74 -32.93
C ALA A 484 6.99 10.53 -32.87
N TYR A 485 7.46 9.74 -31.91
CA TYR A 485 8.89 9.49 -31.74
C TYR A 485 9.41 8.79 -32.99
N LEU A 486 8.65 7.82 -33.50
CA LEU A 486 9.01 7.10 -34.71
C LEU A 486 8.79 7.96 -35.94
N GLN A 487 7.72 8.75 -35.94
CA GLN A 487 7.44 9.68 -37.05
C GLN A 487 8.60 10.64 -37.28
N HIS A 488 9.05 11.27 -36.20
CA HIS A 488 10.09 12.30 -36.29
C HIS A 488 11.51 11.74 -36.33
N GLY A 489 11.71 10.56 -35.76
CA GLY A 489 13.06 9.99 -35.64
C GLY A 489 13.57 9.13 -36.77
N GLY A 490 12.68 8.61 -37.60
CA GLY A 490 13.10 7.74 -38.72
C GLY A 490 13.74 6.46 -38.24
N ARG A 491 14.52 5.83 -39.10
CA ARG A 491 15.15 4.53 -38.81
C ARG A 491 15.92 4.46 -37.47
N PRO A 492 16.73 5.48 -37.14
CA PRO A 492 17.38 5.48 -35.80
C PRO A 492 16.38 5.38 -34.62
N ALA A 493 15.18 5.93 -34.75
CA ALA A 493 14.13 5.78 -33.72
C ALA A 493 13.55 4.35 -33.66
N PHE A 494 13.33 3.74 -34.82
CA PHE A 494 12.92 2.34 -34.88
C PHE A 494 13.91 1.40 -34.19
N GLU A 495 15.19 1.68 -34.36
CA GLU A 495 16.27 0.88 -33.78
C GLU A 495 16.29 1.03 -32.27
N VAL A 496 16.17 2.26 -31.78
CA VAL A 496 16.09 2.53 -30.33
C VAL A 496 14.91 1.82 -29.66
N ARG A 497 13.72 1.96 -30.24
CA ARG A 497 12.53 1.33 -29.64
C ARG A 497 12.56 -0.20 -29.68
N ALA A 498 13.23 -0.78 -30.66
CA ALA A 498 13.37 -2.24 -30.71
C ALA A 498 14.31 -2.73 -29.62
N VAL A 499 15.43 -2.04 -29.41
CA VAL A 499 16.35 -2.39 -28.35
C VAL A 499 15.64 -2.30 -26.99
N LEU A 500 14.97 -1.16 -26.74
CA LEU A 500 14.26 -0.93 -25.50
C LEU A 500 13.19 -1.99 -25.26
N ALA A 501 12.38 -2.27 -26.27
CA ALA A 501 11.30 -3.23 -26.08
C ALA A 501 11.83 -4.63 -25.77
N ALA A 502 12.84 -5.04 -26.51
CA ALA A 502 13.36 -6.42 -26.43
C ALA A 502 14.18 -6.68 -25.18
N THR A 503 14.82 -5.65 -24.65
CA THR A 503 15.64 -5.79 -23.44
C THR A 503 14.91 -5.42 -22.15
N LEU A 504 13.82 -4.66 -22.19
CA LEU A 504 13.13 -4.25 -20.96
C LEU A 504 11.96 -5.14 -20.57
N SER A 505 11.37 -5.88 -21.52
CA SER A 505 10.38 -6.88 -21.21
C SER A 505 10.72 -8.24 -21.78
N PRO A 506 10.43 -9.31 -21.03
CA PRO A 506 10.58 -10.66 -21.61
C PRO A 506 9.59 -11.00 -22.72
N THR A 507 8.51 -10.23 -22.86
CA THR A 507 7.65 -10.32 -24.05
C THR A 507 7.63 -8.95 -24.79
N TRP A 508 7.93 -8.98 -26.08
CA TRP A 508 7.82 -7.82 -26.95
C TRP A 508 7.30 -8.23 -28.29
N GLY A 509 6.92 -7.23 -29.07
CA GLY A 509 6.45 -7.51 -30.42
C GLY A 509 6.48 -6.33 -31.36
N ILE A 510 6.30 -6.63 -32.63
CA ILE A 510 6.13 -5.62 -33.68
C ILE A 510 5.00 -6.01 -34.62
N TYR A 511 4.46 -4.99 -35.28
CA TYR A 511 3.49 -5.13 -36.35
C TYR A 511 4.24 -4.94 -37.68
N SER A 512 4.03 -5.88 -38.60
CA SER A 512 4.66 -5.88 -39.92
C SER A 512 4.72 -4.53 -40.56
N GLY A 513 5.91 -4.23 -41.07
CA GLY A 513 6.21 -2.90 -41.61
C GLY A 513 7.13 -2.12 -40.71
N TYR A 514 7.15 -2.47 -39.42
CA TYR A 514 8.10 -1.90 -38.47
C TYR A 514 9.53 -2.09 -38.97
N GLU A 515 9.82 -3.26 -39.52
CA GLU A 515 11.14 -3.59 -40.04
C GLU A 515 11.56 -2.62 -41.15
N LEU A 516 10.58 -2.15 -41.92
CA LEU A 516 10.83 -1.24 -43.04
C LEU A 516 10.87 0.24 -42.62
N CYS A 517 10.66 0.53 -41.35
CA CYS A 517 10.62 1.89 -40.86
C CYS A 517 9.48 2.71 -41.49
N GLU A 518 8.34 2.06 -41.77
CA GLU A 518 7.12 2.75 -42.21
C GLU A 518 6.67 3.73 -41.13
N ASN A 519 6.69 5.02 -41.42
CA ASN A 519 6.42 6.02 -40.41
C ASN A 519 5.70 7.27 -40.88
N THR A 520 4.93 7.15 -41.96
CA THR A 520 4.17 8.25 -42.51
C THR A 520 2.79 8.22 -41.83
N PRO A 521 2.46 9.30 -41.07
CA PRO A 521 1.18 9.32 -40.34
C PRO A 521 0.03 9.72 -41.25
N LEU A 522 -1.21 9.46 -40.81
CA LEU A 522 -2.39 9.95 -41.52
C LEU A 522 -2.35 11.47 -41.73
N ARG A 523 -1.96 12.19 -40.69
CA ARG A 523 -1.78 13.64 -40.72
C ARG A 523 -0.97 14.03 -39.50
N GLU A 524 -0.62 15.31 -39.38
CA GLU A 524 0.14 15.78 -38.22
C GLU A 524 -0.68 15.67 -36.94
N GLY A 525 -0.04 15.21 -35.87
CA GLY A 525 -0.73 15.01 -34.60
C GLY A 525 -1.61 13.77 -34.51
N SER A 526 -1.49 12.84 -35.47
CA SER A 526 -2.22 11.58 -35.43
C SER A 526 -1.23 10.46 -35.12
N GLU A 527 -1.74 9.35 -34.56
CA GLU A 527 -0.96 8.13 -34.38
C GLU A 527 -1.38 7.01 -35.34
N GLU A 528 -2.31 7.31 -36.26
CA GLU A 528 -2.69 6.39 -37.33
C GLU A 528 -1.63 6.43 -38.45
N TYR A 529 -1.47 5.30 -39.14
CA TYR A 529 -0.71 5.25 -40.39
C TYR A 529 -1.49 5.83 -41.56
N LEU A 530 -0.80 6.46 -42.50
CA LEU A 530 -1.40 6.81 -43.78
C LEU A 530 -1.62 5.53 -44.54
N ASP A 531 -2.76 5.45 -45.26
CA ASP A 531 -3.10 4.27 -46.05
C ASP A 531 -3.04 2.99 -45.21
N SER A 532 -3.62 3.05 -44.02
CA SER A 532 -3.53 1.94 -43.07
C SER A 532 -3.98 0.59 -43.68
N GLU A 533 -3.22 -0.43 -43.36
CA GLU A 533 -3.56 -1.83 -43.68
C GLU A 533 -4.92 -2.33 -43.13
N LYS A 534 -5.46 -1.66 -42.09
CA LYS A 534 -6.80 -1.96 -41.60
C LYS A 534 -7.90 -1.84 -42.64
N TYR A 535 -7.71 -0.96 -43.63
CA TYR A 535 -8.72 -0.61 -44.62
C TYR A 535 -8.33 -0.98 -46.05
N GLN A 536 -7.14 -1.54 -46.27
CA GLN A 536 -6.71 -1.93 -47.61
C GLN A 536 -5.65 -3.02 -47.59
N LEU A 537 -5.58 -3.75 -48.70
CA LEU A 537 -4.48 -4.68 -48.96
C LEU A 537 -3.18 -3.87 -49.02
N LYS A 538 -2.13 -4.39 -48.40
CA LYS A 538 -0.83 -3.69 -48.40
C LYS A 538 0.37 -4.59 -48.81
N PRO A 539 0.52 -4.86 -50.11
CA PRO A 539 1.65 -5.67 -50.54
C PRO A 539 2.97 -4.94 -50.24
N ARG A 540 3.96 -5.65 -49.74
CA ARG A 540 5.31 -5.07 -49.45
C ARG A 540 6.42 -5.80 -50.23
N ASP A 541 7.44 -5.08 -50.74
CA ASP A 541 8.55 -5.73 -51.45
C ASP A 541 9.64 -6.16 -50.46
N TRP A 542 9.37 -7.25 -49.75
CA TRP A 542 10.29 -7.81 -48.76
C TRP A 542 11.67 -8.18 -49.35
N THR A 543 11.70 -8.73 -50.55
CA THR A 543 12.94 -9.17 -51.19
C THR A 543 13.84 -7.98 -51.52
N ARG A 544 13.22 -6.92 -52.03
CA ARG A 544 13.94 -5.72 -52.38
C ARG A 544 14.52 -5.05 -51.14
N ALA A 545 13.73 -4.98 -50.08
CA ALA A 545 14.21 -4.29 -48.88
C ALA A 545 15.43 -5.03 -48.26
N ALA A 546 15.39 -6.38 -48.27
CA ALA A 546 16.51 -7.19 -47.82
C ALA A 546 17.77 -6.95 -48.69
N ARG A 547 17.60 -7.00 -50.01
CA ARG A 547 18.69 -6.74 -50.97
C ARG A 547 19.32 -5.35 -50.79
N GLU A 548 18.52 -4.33 -50.52
CA GLU A 548 18.99 -2.95 -50.44
C GLU A 548 19.38 -2.49 -49.03
N GLY A 549 19.24 -3.35 -48.03
CA GLY A 549 19.55 -3.02 -46.66
C GLY A 549 18.65 -1.98 -45.99
N THR A 550 17.45 -1.77 -46.53
CA THR A 550 16.51 -0.76 -46.00
C THR A 550 15.51 -1.40 -45.02
N THR A 551 15.91 -2.48 -44.36
CA THR A 551 15.14 -3.14 -43.34
C THR A 551 16.04 -3.28 -42.10
N ILE A 552 15.44 -3.20 -40.93
CA ILE A 552 16.15 -3.48 -39.68
C ILE A 552 15.90 -4.93 -39.19
N ALA A 553 15.40 -5.79 -40.08
CA ALA A 553 15.30 -7.23 -39.82
C ALA A 553 16.54 -7.86 -39.18
N PRO A 554 17.76 -7.51 -39.65
CA PRO A 554 18.94 -8.07 -38.97
C PRO A 554 19.09 -7.71 -37.50
N LEU A 555 18.87 -6.44 -37.15
CA LEU A 555 18.86 -6.00 -35.76
C LEU A 555 17.76 -6.75 -34.94
N VAL A 556 16.56 -6.88 -35.49
CA VAL A 556 15.48 -7.63 -34.83
C VAL A 556 15.91 -9.09 -34.57
N THR A 557 16.47 -9.71 -35.60
CA THR A 557 17.02 -11.07 -35.49
C THR A 557 18.10 -11.20 -34.42
N ARG A 558 19.02 -10.23 -34.38
CA ARG A 558 20.10 -10.24 -33.39
C ARG A 558 19.54 -10.07 -31.96
N LEU A 559 18.63 -9.12 -31.76
CA LEU A 559 17.96 -8.93 -30.46
C LEU A 559 17.27 -10.20 -29.94
N ASN A 560 16.56 -10.89 -30.82
CA ASN A 560 15.91 -12.16 -30.47
C ASN A 560 16.89 -13.30 -30.17
N THR A 561 18.01 -13.34 -30.88
CA THR A 561 19.08 -14.29 -30.58
C THR A 561 19.74 -13.97 -29.22
N ILE A 562 19.97 -12.69 -28.94
CA ILE A 562 20.53 -12.28 -27.67
C ILE A 562 19.63 -12.73 -26.51
N ARG A 563 18.32 -12.50 -26.66
CA ARG A 563 17.33 -12.99 -25.69
C ARG A 563 17.34 -14.50 -25.52
N ARG A 564 17.47 -15.25 -26.61
CA ARG A 564 17.49 -16.70 -26.55
C ARG A 564 18.72 -17.26 -25.88
N GLU A 565 19.82 -16.50 -25.89
CA GLU A 565 21.09 -16.90 -25.30
C GLU A 565 21.35 -16.31 -23.90
N ASN A 566 20.54 -15.38 -23.44
CA ASN A 566 20.78 -14.76 -22.13
C ASN A 566 19.55 -14.86 -21.22
N PRO A 567 19.57 -15.82 -20.27
CA PRO A 567 18.37 -15.98 -19.41
C PRO A 567 17.93 -14.73 -18.63
N ALA A 568 18.82 -13.78 -18.39
CA ALA A 568 18.44 -12.51 -17.78
C ALA A 568 17.40 -11.74 -18.56
N LEU A 569 17.38 -11.88 -19.88
CA LEU A 569 16.39 -11.18 -20.70
C LEU A 569 15.08 -11.92 -20.86
N ARG A 570 14.98 -13.13 -20.29
CA ARG A 570 13.75 -13.92 -20.28
C ARG A 570 12.96 -13.83 -18.97
N GLN A 571 13.24 -12.79 -18.17
CA GLN A 571 12.50 -12.48 -16.97
C GLN A 571 12.30 -10.96 -16.84
N LEU A 572 11.43 -10.56 -15.91
CA LEU A 572 10.95 -9.21 -15.79
C LEU A 572 11.46 -8.50 -14.53
N ARG A 573 11.42 -9.20 -13.40
CA ARG A 573 11.52 -8.57 -12.06
C ARG A 573 12.89 -8.02 -11.65
N ASP A 574 13.95 -8.69 -12.09
CA ASP A 574 15.33 -8.23 -11.78
C ASP A 574 15.78 -7.21 -12.83
N LEU A 575 15.73 -5.95 -12.45
CA LEU A 575 16.00 -4.83 -13.35
C LEU A 575 16.46 -3.67 -12.51
N HIS A 576 17.59 -3.06 -12.85
CA HIS A 576 18.07 -1.93 -12.09
C HIS A 576 18.59 -0.86 -13.05
N PHE A 577 18.26 0.40 -12.78
CA PHE A 577 18.72 1.51 -13.60
C PHE A 577 19.94 2.18 -12.98
N HIS A 578 20.98 2.40 -13.80
CA HIS A 578 22.25 2.95 -13.35
C HIS A 578 22.38 4.39 -13.83
N PRO A 579 22.89 5.32 -13.00
CA PRO A 579 22.89 6.72 -13.43
C PRO A 579 23.92 7.09 -14.54
N THR A 580 23.51 7.97 -15.44
CA THR A 580 24.40 8.59 -16.41
C THR A 580 24.32 10.11 -16.22
N ASP A 581 25.26 10.84 -16.80
CA ASP A 581 25.23 12.31 -16.69
C ASP A 581 24.61 13.03 -17.92
N LYS A 582 23.85 12.31 -18.77
CA LYS A 582 23.13 12.92 -19.91
C LYS A 582 21.66 12.51 -19.93
N GLU A 583 20.81 13.50 -20.12
CA GLU A 583 19.38 13.31 -20.14
C GLU A 583 18.94 12.30 -21.22
N GLU A 584 19.65 12.27 -22.34
CA GLU A 584 19.33 11.41 -23.48
C GLU A 584 19.88 9.96 -23.40
N VAL A 585 20.72 9.66 -22.42
CA VAL A 585 21.33 8.35 -22.30
C VAL A 585 20.89 7.66 -21.04
N ILE A 586 20.39 6.43 -21.23
CA ILE A 586 19.79 5.62 -20.18
C ILE A 586 20.54 4.31 -20.13
N ALA A 587 20.72 3.80 -18.91
CA ALA A 587 21.48 2.58 -18.64
C ALA A 587 20.76 1.70 -17.63
N TYR A 588 20.79 0.39 -17.86
CA TYR A 588 20.16 -0.57 -16.95
C TYR A 588 20.74 -1.97 -17.06
N SER A 589 20.55 -2.76 -16.00
CA SER A 589 21.02 -4.14 -15.95
C SER A 589 19.92 -5.12 -15.55
N LYS A 590 20.07 -6.36 -16.00
CA LYS A 590 19.18 -7.46 -15.64
C LYS A 590 20.02 -8.68 -15.33
N ARG A 591 19.59 -9.48 -14.35
CA ARG A 591 20.33 -10.65 -13.90
C ARG A 591 19.45 -11.87 -13.67
N GLN A 592 20.03 -13.04 -13.86
CA GLN A 592 19.37 -14.32 -13.67
C GLN A 592 20.50 -15.32 -13.50
N GLY A 593 20.69 -15.78 -12.27
CA GLY A 593 21.83 -16.61 -11.91
C GLY A 593 23.13 -15.90 -12.23
N SER A 594 24.05 -16.59 -12.89
CA SER A 594 25.34 -16.00 -13.26
C SER A 594 25.29 -15.17 -14.55
N ASN A 595 24.11 -14.97 -15.15
CA ASN A 595 23.98 -14.18 -16.39
C ASN A 595 23.61 -12.74 -16.06
N THR A 596 24.44 -11.80 -16.50
CA THR A 596 24.19 -10.37 -16.32
C THR A 596 24.28 -9.66 -17.66
N VAL A 597 23.20 -8.97 -18.02
CA VAL A 597 23.16 -8.14 -19.20
C VAL A 597 23.10 -6.65 -18.80
N LEU A 598 23.94 -5.84 -19.42
CA LEU A 598 24.04 -4.41 -19.19
C LEU A 598 23.73 -3.68 -20.50
N VAL A 599 22.76 -2.75 -20.47
CA VAL A 599 22.29 -2.07 -21.67
C VAL A 599 22.41 -0.56 -21.50
N VAL A 600 22.96 0.12 -22.51
CA VAL A 600 23.08 1.60 -22.54
C VAL A 600 22.46 2.07 -23.85
N VAL A 601 21.44 2.91 -23.80
CA VAL A 601 20.73 3.35 -25.00
C VAL A 601 20.80 4.88 -25.13
N ASN A 602 21.13 5.36 -26.34
CA ASN A 602 20.96 6.78 -26.69
C ASN A 602 19.53 6.98 -27.20
N LEU A 603 18.73 7.72 -26.44
CA LEU A 603 17.32 7.96 -26.79
C LEU A 603 17.15 9.08 -27.82
N ASP A 604 18.24 9.80 -28.13
CA ASP A 604 18.27 10.83 -29.18
C ASP A 604 18.50 10.15 -30.53
N PRO A 605 17.52 10.25 -31.44
CA PRO A 605 17.69 9.63 -32.74
C PRO A 605 18.34 10.53 -33.79
N ARG A 606 18.56 11.81 -33.48
CA ARG A 606 19.15 12.80 -34.42
C ARG A 606 20.62 13.13 -34.14
N HIS A 607 21.01 13.21 -32.87
CA HIS A 607 22.37 13.65 -32.48
C HIS A 607 23.11 12.58 -31.72
N THR A 608 24.38 12.44 -32.04
CA THR A 608 25.35 11.69 -31.26
C THR A 608 25.42 12.14 -29.80
N GLN A 609 25.51 11.18 -28.90
CA GLN A 609 25.60 11.47 -27.47
C GLN A 609 26.81 10.79 -26.89
N GLU A 610 27.58 11.54 -26.11
CA GLU A 610 28.64 10.99 -25.28
C GLU A 610 28.27 11.24 -23.81
N ALA A 611 28.45 10.22 -22.98
CA ALA A 611 28.13 10.31 -21.56
C ALA A 611 29.07 9.45 -20.72
N THR A 612 29.03 9.69 -19.42
CA THR A 612 29.68 8.85 -18.42
C THR A 612 28.55 8.04 -17.75
N VAL A 613 28.65 6.71 -17.83
CA VAL A 613 27.75 5.78 -17.19
C VAL A 613 28.36 5.31 -15.88
N SER A 614 27.73 5.68 -14.75
CA SER A 614 28.25 5.36 -13.42
C SER A 614 27.53 4.17 -12.80
N LEU A 615 28.13 2.99 -12.93
CA LEU A 615 27.50 1.75 -12.48
C LEU A 615 27.50 1.58 -10.96
N ASP A 616 26.31 1.45 -10.39
CA ASP A 616 26.10 0.87 -9.06
C ASP A 616 26.63 -0.58 -9.04
N MET A 617 27.91 -0.73 -8.66
CA MET A 617 28.63 -2.01 -8.75
C MET A 617 28.14 -3.12 -7.81
N PRO A 618 27.82 -2.80 -6.53
CA PRO A 618 27.17 -3.79 -5.66
C PRO A 618 25.94 -4.46 -6.26
N GLN A 619 25.16 -3.72 -7.05
CA GLN A 619 23.98 -4.27 -7.69
C GLN A 619 24.28 -5.30 -8.78
N LEU A 620 25.52 -5.32 -9.28
CA LEU A 620 25.98 -6.32 -10.24
C LEU A 620 26.70 -7.50 -9.56
N GLY A 621 26.71 -7.52 -8.22
CA GLY A 621 27.44 -8.53 -7.46
C GLY A 621 28.95 -8.31 -7.43
N LEU A 622 29.38 -7.04 -7.51
CA LEU A 622 30.79 -6.69 -7.71
C LEU A 622 31.27 -5.60 -6.73
N ASP A 623 32.58 -5.60 -6.46
CA ASP A 623 33.23 -4.54 -5.66
C ASP A 623 33.31 -3.23 -6.43
N TRP A 624 33.22 -2.11 -5.71
CA TRP A 624 33.32 -0.77 -6.29
C TRP A 624 34.58 -0.51 -7.13
N HIS A 625 35.71 -1.09 -6.73
CA HIS A 625 36.99 -0.86 -7.39
C HIS A 625 37.26 -1.87 -8.52
N GLU A 626 36.33 -2.80 -8.74
CA GLU A 626 36.52 -3.89 -9.70
C GLU A 626 36.34 -3.38 -11.14
N SER A 627 36.88 -4.15 -12.08
CA SER A 627 36.78 -3.89 -13.50
C SER A 627 36.48 -5.22 -14.18
N VAL A 628 35.42 -5.25 -15.00
CA VAL A 628 34.95 -6.49 -15.63
C VAL A 628 34.85 -6.40 -17.16
N PRO A 629 35.25 -7.49 -17.85
CA PRO A 629 35.10 -7.51 -19.30
C PRO A 629 33.63 -7.70 -19.70
N VAL A 630 33.20 -6.93 -20.70
CA VAL A 630 31.90 -7.08 -21.31
C VAL A 630 32.05 -7.19 -22.83
N ARG A 631 31.10 -7.88 -23.45
CA ARG A 631 31.00 -7.94 -24.90
C ARG A 631 29.65 -7.35 -25.35
N ASP A 632 29.71 -6.32 -26.20
CA ASP A 632 28.54 -5.77 -26.86
C ASP A 632 28.08 -6.82 -27.87
N GLU A 633 26.89 -7.40 -27.64
CA GLU A 633 26.40 -8.47 -28.50
C GLU A 633 25.84 -7.98 -29.83
N LEU A 634 25.65 -6.65 -29.96
CA LEU A 634 25.30 -6.05 -31.25
C LEU A 634 26.46 -5.97 -32.23
N THR A 635 27.68 -5.81 -31.74
CA THR A 635 28.87 -5.64 -32.60
C THR A 635 29.93 -6.74 -32.47
N GLY A 636 29.94 -7.49 -31.38
CA GLY A 636 31.04 -8.40 -31.04
C GLY A 636 32.26 -7.73 -30.41
N GLU A 637 32.25 -6.41 -30.22
CA GLU A 637 33.36 -5.68 -29.57
C GLU A 637 33.37 -5.93 -28.06
N THR A 638 34.57 -6.04 -27.52
CA THR A 638 34.82 -6.24 -26.10
C THR A 638 35.34 -4.94 -25.47
N TYR A 639 34.82 -4.59 -24.30
CA TYR A 639 35.30 -3.44 -23.53
C TYR A 639 35.61 -3.89 -22.12
N HIS A 640 36.25 -3.01 -21.35
CA HIS A 640 36.48 -3.22 -19.91
C HIS A 640 35.85 -2.08 -19.13
N TRP A 641 34.81 -2.42 -18.37
CA TRP A 641 33.98 -1.44 -17.68
C TRP A 641 34.02 -1.62 -16.16
N GLY A 642 34.19 -0.51 -15.44
CA GLY A 642 34.08 -0.48 -13.97
C GLY A 642 33.04 0.50 -13.50
N ARG A 643 33.30 1.15 -12.37
CA ARG A 643 32.37 2.11 -11.79
C ARG A 643 31.98 3.28 -12.71
N ALA A 644 32.88 3.73 -13.59
CA ALA A 644 32.64 4.92 -14.42
C ALA A 644 33.17 4.72 -15.83
N ASN A 645 32.28 4.76 -16.83
CA ASN A 645 32.62 4.36 -18.20
C ASN A 645 32.11 5.35 -19.26
N TYR A 646 33.04 5.82 -20.08
CA TYR A 646 32.72 6.66 -21.23
C TYR A 646 32.06 5.81 -22.30
N VAL A 647 30.96 6.33 -22.86
CA VAL A 647 30.28 5.73 -24.00
C VAL A 647 30.02 6.80 -25.04
N ARG A 648 30.04 6.41 -26.30
CA ARG A 648 29.79 7.33 -27.42
C ARG A 648 28.84 6.64 -28.36
N LEU A 649 27.66 7.23 -28.57
CA LEU A 649 26.57 6.56 -29.27
C LEU A 649 26.06 7.46 -30.38
N GLU A 650 26.20 6.97 -31.61
CA GLU A 650 25.97 7.76 -32.81
C GLU A 650 24.76 7.18 -33.54
N PRO A 651 23.69 7.97 -33.70
CA PRO A 651 22.45 7.39 -34.27
C PRO A 651 22.66 6.96 -35.73
N GLY A 652 22.13 5.79 -36.10
CA GLY A 652 22.36 5.18 -37.41
C GLY A 652 23.47 4.14 -37.42
N ARG A 653 24.55 4.38 -36.67
CA ARG A 653 25.63 3.42 -36.49
C ARG A 653 25.44 2.54 -35.25
N THR A 654 25.21 3.15 -34.09
CA THR A 654 25.12 2.43 -32.79
C THR A 654 23.95 3.01 -31.95
N PRO A 655 22.74 2.40 -32.05
CA PRO A 655 21.64 2.85 -31.16
C PRO A 655 21.91 2.66 -29.66
N ALA A 656 22.66 1.61 -29.34
CA ALA A 656 22.87 1.17 -27.99
C ALA A 656 24.04 0.20 -27.89
N HIS A 657 24.51 -0.03 -26.67
CA HIS A 657 25.32 -1.19 -26.34
C HIS A 657 24.44 -2.20 -25.61
N VAL A 658 24.46 -3.46 -26.03
CA VAL A 658 23.79 -4.54 -25.33
C VAL A 658 24.81 -5.56 -24.89
N CYS A 659 25.31 -5.43 -23.66
CA CYS A 659 26.51 -6.14 -23.23
C CYS A 659 26.26 -7.28 -22.26
N THR A 660 26.95 -8.41 -22.46
CA THR A 660 26.96 -9.50 -21.48
C THR A 660 28.23 -9.38 -20.65
N VAL A 661 28.13 -9.63 -19.35
CA VAL A 661 29.31 -9.68 -18.47
C VAL A 661 30.01 -11.03 -18.66
N LEU A 662 31.28 -11.01 -19.04
CA LEU A 662 32.01 -12.25 -19.33
C LEU A 662 32.61 -12.84 -18.05
N ARG A 663 32.52 -14.16 -17.90
CA ARG A 663 33.15 -14.90 -16.78
C ARG A 663 34.20 -15.86 -17.32
N PRO B 15 -19.29 -18.20 -7.87
CA PRO B 15 -19.28 -16.74 -8.09
C PRO B 15 -17.97 -16.17 -8.66
N THR B 16 -18.05 -14.93 -9.15
CA THR B 16 -16.89 -14.14 -9.46
C THR B 16 -16.52 -13.27 -8.26
N VAL B 17 -15.22 -13.05 -8.08
CA VAL B 17 -14.73 -12.10 -7.07
C VAL B 17 -15.24 -10.68 -7.35
N VAL B 18 -15.24 -10.27 -8.63
CA VAL B 18 -15.63 -8.91 -9.02
C VAL B 18 -17.13 -8.90 -9.38
N GLY B 19 -17.83 -7.86 -8.94
CA GLY B 19 -19.25 -7.73 -9.21
C GLY B 19 -19.50 -7.09 -10.57
N ARG B 20 -20.76 -6.77 -10.82
CA ARG B 20 -21.20 -6.24 -12.09
C ARG B 20 -20.60 -4.87 -12.36
N ILE B 21 -20.60 -4.00 -11.36
CA ILE B 21 -19.89 -2.72 -11.41
C ILE B 21 -18.73 -2.84 -10.39
N PRO B 22 -17.47 -2.90 -10.84
CA PRO B 22 -16.31 -3.07 -9.95
C PRO B 22 -16.25 -2.06 -8.80
N VAL B 23 -16.19 -2.55 -7.58
CA VAL B 23 -15.95 -1.71 -6.43
C VAL B 23 -14.86 -2.45 -5.66
N LEU B 24 -13.69 -1.83 -5.60
CA LEU B 24 -12.46 -2.50 -5.22
C LEU B 24 -11.69 -1.71 -4.19
N ASP B 25 -10.93 -2.43 -3.36
CA ASP B 25 -9.96 -1.87 -2.46
CA ASP B 25 -9.97 -1.87 -2.40
C ASP B 25 -10.56 -0.73 -1.58
N VAL B 26 -11.61 -1.05 -0.85
CA VAL B 26 -12.26 -0.12 0.04
C VAL B 26 -11.31 0.18 1.20
N ARG B 27 -11.16 1.45 1.53
CA ARG B 27 -10.37 1.91 2.68
C ARG B 27 -11.20 2.85 3.55
N PRO B 28 -10.88 2.97 4.85
CA PRO B 28 -9.75 2.31 5.54
C PRO B 28 -9.88 0.79 5.68
N VAL B 29 -8.73 0.13 5.77
CA VAL B 29 -8.65 -1.28 6.04
C VAL B 29 -7.46 -1.56 6.95
N VAL B 30 -7.65 -2.45 7.92
CA VAL B 30 -6.58 -2.81 8.86
C VAL B 30 -6.39 -4.33 8.81
N GLN B 31 -5.13 -4.75 8.61
CA GLN B 31 -4.76 -6.14 8.44
CA GLN B 31 -4.77 -6.15 8.47
C GLN B 31 -5.74 -6.91 7.53
N ARG B 32 -6.02 -6.32 6.37
CA ARG B 32 -6.89 -6.91 5.35
C ARG B 32 -8.33 -7.20 5.79
N GLY B 33 -8.86 -6.45 6.76
CA GLY B 33 -10.23 -6.70 7.27
C GLY B 33 -10.35 -7.57 8.52
N ARG B 34 -9.22 -8.10 9.00
CA ARG B 34 -9.20 -8.95 10.20
C ARG B 34 -9.18 -8.18 11.52
N ARG B 35 -8.98 -6.86 11.47
CA ARG B 35 -9.03 -5.99 12.65
C ARG B 35 -9.83 -4.75 12.28
N PRO B 36 -10.54 -4.15 13.25
CA PRO B 36 -11.32 -2.98 12.87
C PRO B 36 -10.51 -1.72 12.67
N ALA B 37 -10.98 -0.87 11.78
CA ALA B 37 -10.57 0.52 11.76
C ALA B 37 -11.23 1.19 12.93
N LYS B 38 -10.71 2.35 13.30
CA LYS B 38 -11.09 3.07 14.51
C LYS B 38 -11.74 4.42 14.25
N ALA B 39 -12.65 4.78 15.15
CA ALA B 39 -13.15 6.11 15.25
C ALA B 39 -13.63 6.32 16.69
N VAL B 40 -13.98 7.57 17.00
CA VAL B 40 -14.72 7.86 18.22
C VAL B 40 -16.03 8.57 17.87
N THR B 41 -16.96 8.57 18.83
CA THR B 41 -18.23 9.26 18.68
C THR B 41 -18.04 10.70 18.21
N GLY B 42 -18.78 11.09 17.17
CA GLY B 42 -18.70 12.44 16.57
C GLY B 42 -17.57 12.66 15.58
N GLU B 43 -16.69 11.68 15.39
CA GLU B 43 -15.52 11.87 14.52
C GLU B 43 -15.87 11.55 13.06
N SER B 44 -15.40 12.39 12.15
CA SER B 44 -15.53 12.23 10.71
C SER B 44 -14.24 11.70 10.08
N PHE B 45 -14.39 10.78 9.13
CA PHE B 45 -13.28 10.29 8.32
C PHE B 45 -13.78 9.92 6.92
N GLU B 46 -12.85 9.77 5.99
CA GLU B 46 -13.16 9.43 4.62
C GLU B 46 -13.21 7.90 4.38
N VAL B 47 -14.29 7.42 3.77
CA VAL B 47 -14.34 6.09 3.21
C VAL B 47 -14.10 6.22 1.71
N SER B 48 -13.19 5.41 1.16
CA SER B 48 -12.87 5.47 -0.25
C SER B 48 -12.87 4.11 -0.92
N ALA B 49 -12.92 4.13 -2.25
CA ALA B 49 -12.91 2.92 -3.06
C ALA B 49 -12.55 3.21 -4.52
N THR B 50 -12.11 2.17 -5.21
CA THR B 50 -11.84 2.25 -6.65
C THR B 50 -13.11 1.76 -7.33
N VAL B 51 -13.74 2.66 -8.10
CA VAL B 51 -15.01 2.36 -8.78
C VAL B 51 -14.95 2.82 -10.23
N PHE B 52 -15.42 1.95 -11.13
CA PHE B 52 -15.43 2.22 -12.56
C PHE B 52 -16.29 1.15 -13.20
N ARG B 53 -16.52 1.28 -14.50
CA ARG B 53 -17.23 0.26 -15.28
C ARG B 53 -16.63 0.13 -16.65
N GLU B 54 -17.11 -0.86 -17.39
CA GLU B 54 -16.74 -1.08 -18.75
C GLU B 54 -17.45 -0.05 -19.61
N GLY B 55 -16.81 0.34 -20.71
CA GLY B 55 -17.40 1.29 -21.66
C GLY B 55 -17.21 2.70 -21.17
N HIS B 56 -17.93 3.62 -21.80
CA HIS B 56 -17.81 5.03 -21.50
C HIS B 56 -18.89 5.62 -20.56
N ASP B 57 -19.91 4.87 -20.19
CA ASP B 57 -21.02 5.43 -19.43
C ASP B 57 -20.63 5.72 -17.98
N ALA B 58 -21.35 6.66 -17.39
CA ALA B 58 -21.05 7.16 -16.08
C ALA B 58 -21.44 6.18 -14.98
N VAL B 59 -20.70 6.28 -13.86
CA VAL B 59 -20.94 5.53 -12.64
C VAL B 59 -21.17 6.49 -11.50
N GLY B 60 -21.81 5.99 -10.46
CA GLY B 60 -21.98 6.68 -9.19
C GLY B 60 -21.66 5.69 -8.08
N ALA B 61 -21.46 6.22 -6.88
CA ALA B 61 -21.21 5.40 -5.71
C ALA B 61 -21.68 6.08 -4.44
N ASN B 62 -21.89 5.29 -3.40
CA ASN B 62 -22.31 5.79 -2.09
C ASN B 62 -21.89 4.87 -0.95
N VAL B 63 -21.80 5.43 0.26
CA VAL B 63 -21.30 4.68 1.44
C VAL B 63 -22.48 4.37 2.36
N VAL B 64 -22.63 3.09 2.72
CA VAL B 64 -23.66 2.65 3.65
C VAL B 64 -22.94 2.26 4.96
N LEU B 65 -23.07 3.12 5.96
CA LEU B 65 -22.52 2.92 7.28
C LEU B 65 -23.61 2.34 8.15
N ARG B 66 -23.39 1.17 8.75
CA ARG B 66 -24.39 0.52 9.60
C ARG B 66 -23.95 0.47 11.06
N ASP B 67 -24.91 0.72 11.95
CA ASP B 67 -24.63 0.82 13.39
C ASP B 67 -24.63 -0.58 14.03
N PRO B 68 -24.43 -0.66 15.36
CA PRO B 68 -24.34 -2.00 15.98
C PRO B 68 -25.61 -2.85 15.89
N ARG B 69 -26.79 -2.25 15.72
CA ARG B 69 -28.02 -3.02 15.47
C ARG B 69 -28.35 -3.17 13.98
N GLY B 70 -27.45 -2.77 13.10
CA GLY B 70 -27.60 -2.96 11.66
C GLY B 70 -28.36 -1.86 10.91
N ARG B 71 -28.69 -0.77 11.61
CA ARG B 71 -29.47 0.33 11.01
C ARG B 71 -28.55 1.14 10.09
N PRO B 72 -28.93 1.31 8.83
CA PRO B 72 -28.10 2.08 7.90
C PRO B 72 -28.16 3.58 8.18
N GLY B 73 -27.10 4.29 7.82
CA GLY B 73 -27.04 5.73 8.03
C GLY B 73 -27.67 6.48 6.88
N PRO B 74 -27.45 7.79 6.81
CA PRO B 74 -28.09 8.57 5.75
C PRO B 74 -27.44 8.37 4.38
N TRP B 75 -28.16 8.78 3.35
CA TRP B 75 -27.69 8.81 1.96
C TRP B 75 -26.36 9.54 1.87
N THR B 76 -25.31 8.85 1.45
CA THR B 76 -23.95 9.40 1.48
C THR B 76 -23.24 9.20 0.13
N PRO B 77 -23.56 10.05 -0.86
CA PRO B 77 -22.97 9.87 -2.18
C PRO B 77 -21.50 10.22 -2.17
N MET B 78 -20.76 9.49 -3.01
CA MET B 78 -19.34 9.69 -3.17
C MET B 78 -19.08 10.52 -4.43
N ARG B 79 -17.85 11.03 -4.52
CA ARG B 79 -17.39 11.80 -5.69
CA ARG B 79 -17.39 11.80 -5.70
C ARG B 79 -16.00 11.28 -6.06
N GLU B 80 -15.65 11.37 -7.34
CA GLU B 80 -14.31 11.02 -7.79
C GLU B 80 -13.33 12.04 -7.21
N LEU B 81 -12.29 11.58 -6.51
CA LEU B 81 -11.38 12.45 -5.77
C LEU B 81 -10.35 13.20 -6.60
N ALA B 82 -10.02 12.67 -7.78
CA ALA B 82 -9.13 13.38 -8.70
C ALA B 82 -9.38 12.86 -10.11
N PRO B 83 -9.32 13.73 -11.11
CA PRO B 83 -9.71 13.25 -12.46
C PRO B 83 -8.80 12.13 -13.00
N GLY B 84 -9.39 11.18 -13.73
CA GLY B 84 -8.68 10.02 -14.26
C GLY B 84 -8.21 8.93 -13.30
N THR B 85 -8.49 9.01 -12.00
CA THR B 85 -7.97 8.02 -11.04
C THR B 85 -8.94 6.89 -10.72
N ASP B 86 -10.23 7.10 -10.99
CA ASP B 86 -11.26 6.18 -10.59
C ASP B 86 -11.28 5.89 -9.09
N ARG B 87 -10.80 6.83 -8.28
CA ARG B 87 -10.78 6.70 -6.83
C ARG B 87 -11.86 7.61 -6.29
N TRP B 88 -12.80 7.03 -5.55
CA TRP B 88 -14.01 7.73 -5.11
C TRP B 88 -14.02 7.80 -3.58
N GLY B 89 -14.64 8.85 -3.04
CA GLY B 89 -14.66 9.05 -1.59
C GLY B 89 -15.86 9.82 -1.07
N ALA B 90 -16.12 9.67 0.24
CA ALA B 90 -17.05 10.51 0.96
C ALA B 90 -16.79 10.44 2.45
N THR B 91 -17.16 11.50 3.15
CA THR B 91 -17.01 11.64 4.58
C THR B 91 -18.21 11.01 5.28
N VAL B 92 -17.92 10.17 6.26
CA VAL B 92 -18.91 9.59 7.15
C VAL B 92 -18.60 10.05 8.55
N THR B 93 -19.58 9.95 9.43
CA THR B 93 -19.45 10.36 10.83
C THR B 93 -19.95 9.26 11.76
N ALA B 94 -19.12 8.90 12.73
CA ALA B 94 -19.46 7.87 13.69
C ALA B 94 -20.39 8.42 14.75
N GLY B 95 -21.36 7.60 15.17
CA GLY B 95 -22.31 7.93 16.25
C GLY B 95 -22.00 7.20 17.56
N GLU B 96 -23.01 6.54 18.14
CA GLU B 96 -22.85 5.73 19.38
C GLU B 96 -21.69 4.74 19.32
N THR B 97 -21.16 4.42 20.50
CA THR B 97 -20.08 3.47 20.62
C THR B 97 -20.53 2.03 20.27
N GLY B 98 -19.57 1.23 19.81
CA GLY B 98 -19.77 -0.18 19.50
C GLY B 98 -19.14 -0.53 18.15
N THR B 99 -19.46 -1.73 17.66
CA THR B 99 -18.94 -2.29 16.43
C THR B 99 -19.90 -1.98 15.28
N TRP B 100 -19.41 -1.14 14.36
CA TRP B 100 -20.14 -0.73 13.18
C TRP B 100 -19.59 -1.50 11.97
N SER B 101 -20.20 -1.26 10.80
CA SER B 101 -19.72 -1.75 9.53
C SER B 101 -19.97 -0.73 8.44
N TYR B 102 -19.12 -0.75 7.41
CA TYR B 102 -19.33 0.08 6.24
C TYR B 102 -19.13 -0.69 4.94
N THR B 103 -19.96 -0.32 3.97
CA THR B 103 -20.03 -0.91 2.66
C THR B 103 -19.98 0.23 1.65
N VAL B 104 -19.40 -0.02 0.48
CA VAL B 104 -19.55 0.89 -0.66
C VAL B 104 -20.44 0.22 -1.72
N GLU B 105 -21.44 0.98 -2.18
CA GLU B 105 -22.32 0.57 -3.27
C GLU B 105 -21.91 1.37 -4.52
N ALA B 106 -21.77 0.67 -5.65
CA ALA B 106 -21.44 1.29 -6.91
C ALA B 106 -22.53 0.95 -7.92
N TRP B 107 -22.72 1.84 -8.89
CA TRP B 107 -23.88 1.73 -9.78
C TRP B 107 -23.66 2.47 -11.10
N GLY B 108 -24.33 2.02 -12.15
CA GLY B 108 -24.43 2.79 -13.39
C GLY B 108 -25.31 4.00 -13.13
N ASP B 109 -24.90 5.16 -13.65
CA ASP B 109 -25.64 6.40 -13.51
C ASP B 109 -26.16 6.77 -14.92
N PRO B 110 -27.31 6.20 -15.31
CA PRO B 110 -27.79 6.41 -16.68
C PRO B 110 -28.25 7.84 -17.00
N VAL B 111 -28.80 8.55 -16.01
CA VAL B 111 -29.20 9.93 -16.22
C VAL B 111 -28.02 10.84 -16.57
N THR B 112 -26.95 10.76 -15.83
CA THR B 112 -25.73 11.53 -16.15
C THR B 112 -25.21 11.17 -17.55
N THR B 113 -25.21 9.88 -17.87
CA THR B 113 -24.83 9.42 -19.20
C THR B 113 -25.71 10.03 -20.31
N TRP B 114 -27.03 9.91 -20.14
CA TRP B 114 -27.97 10.47 -21.09
C TRP B 114 -27.83 11.99 -21.24
N ARG B 115 -27.65 12.71 -20.14
CA ARG B 115 -27.44 14.18 -20.22
C ARG B 115 -26.25 14.57 -21.05
N HIS B 116 -25.12 13.92 -20.79
CA HIS B 116 -23.84 14.16 -21.50
CA HIS B 116 -23.87 14.23 -21.54
C HIS B 116 -24.03 13.94 -23.03
N HIS B 117 -24.72 12.87 -23.42
CA HIS B 117 -25.04 12.62 -24.83
C HIS B 117 -25.98 13.71 -25.39
N ALA B 118 -27.04 14.02 -24.64
CA ALA B 118 -28.08 14.96 -25.07
C ALA B 118 -27.59 16.40 -25.22
N ARG B 119 -26.70 16.83 -24.31
CA ARG B 119 -26.09 18.16 -24.37
C ARG B 119 -25.34 18.38 -25.71
N ILE B 120 -24.78 17.30 -26.28
CA ILE B 120 -24.08 17.36 -27.57
C ILE B 120 -24.99 17.09 -28.78
N LYS B 121 -25.80 16.01 -28.72
CA LYS B 121 -26.58 15.57 -29.88
C LYS B 121 -27.75 16.51 -30.24
N ILE B 122 -28.34 17.19 -29.26
CA ILE B 122 -29.47 18.11 -29.52
C ILE B 122 -29.07 19.41 -30.28
N PRO B 123 -27.99 20.11 -29.86
CA PRO B 123 -27.44 21.21 -30.69
C PRO B 123 -27.01 20.78 -32.10
N ALA B 124 -26.31 19.65 -32.22
CA ALA B 124 -25.88 19.10 -33.52
C ALA B 124 -27.01 18.61 -34.44
N GLY B 125 -28.21 18.40 -33.90
CA GLY B 125 -29.39 18.00 -34.68
C GLY B 125 -29.43 16.52 -35.08
N LEU B 126 -28.69 15.67 -34.35
CA LEU B 126 -28.53 14.25 -34.69
C LEU B 126 -29.51 13.32 -33.93
N ASP B 127 -30.52 12.80 -34.64
CA ASP B 127 -31.52 11.86 -34.10
C ASP B 127 -32.26 12.43 -32.88
N THR B 128 -32.77 13.66 -32.98
CA THR B 128 -33.21 14.38 -31.77
C THR B 128 -34.46 13.81 -31.10
N ASP B 129 -35.44 13.37 -31.90
CA ASP B 129 -36.66 12.72 -31.36
C ASP B 129 -36.33 11.44 -30.56
N LEU B 130 -35.38 10.68 -31.09
CA LEU B 130 -34.93 9.43 -30.49
C LEU B 130 -34.22 9.68 -29.15
N VAL B 131 -33.33 10.66 -29.12
CA VAL B 131 -32.60 11.03 -27.89
C VAL B 131 -33.56 11.48 -26.76
N LEU B 132 -34.52 12.33 -27.09
CA LEU B 132 -35.45 12.88 -26.11
C LEU B 132 -36.43 11.81 -25.59
N GLU B 133 -36.89 10.95 -26.49
CA GLU B 133 -37.67 9.77 -26.11
C GLU B 133 -36.90 8.80 -25.16
N GLU B 134 -35.60 8.63 -25.41
CA GLU B 134 -34.72 7.87 -24.50
C GLU B 134 -34.67 8.50 -23.11
N GLY B 135 -34.57 9.83 -23.06
CA GLY B 135 -34.62 10.57 -21.80
C GLY B 135 -35.91 10.41 -21.03
N ALA B 136 -37.04 10.55 -21.74
CA ALA B 136 -38.36 10.39 -21.16
C ALA B 136 -38.51 9.05 -20.47
N ARG B 137 -38.06 7.98 -21.12
CA ARG B 137 -38.14 6.64 -20.53
C ARG B 137 -37.28 6.47 -19.28
N LEU B 138 -36.08 7.07 -19.25
CA LEU B 138 -35.25 7.09 -18.02
C LEU B 138 -35.93 7.85 -16.90
N TYR B 139 -36.49 9.02 -17.22
CA TYR B 139 -37.14 9.85 -16.20
C TYR B 139 -38.40 9.16 -15.67
N GLU B 140 -39.09 8.41 -16.53
CA GLU B 140 -40.21 7.52 -16.15
C GLU B 140 -39.78 6.44 -15.15
N ARG B 141 -38.67 5.74 -15.43
CA ARG B 141 -38.08 4.79 -14.45
C ARG B 141 -37.66 5.51 -13.16
N ALA B 142 -37.12 6.72 -13.27
CA ALA B 142 -36.70 7.48 -12.09
C ALA B 142 -37.90 7.79 -11.22
N ALA B 143 -38.99 8.24 -11.86
CA ALA B 143 -40.23 8.60 -11.17
C ALA B 143 -40.83 7.47 -10.33
N ALA B 144 -40.83 6.27 -10.89
CA ALA B 144 -41.39 5.07 -10.25
C ALA B 144 -40.71 4.68 -8.93
N ASP B 145 -39.39 4.85 -8.84
CA ASP B 145 -38.60 4.53 -7.61
C ASP B 145 -38.58 5.61 -6.52
N VAL B 146 -39.14 6.79 -6.81
CA VAL B 146 -39.14 7.92 -5.86
C VAL B 146 -40.33 7.74 -4.89
N PRO B 147 -40.08 7.80 -3.56
CA PRO B 147 -41.18 7.68 -2.58
C PRO B 147 -42.11 8.90 -2.45
N GLY B 148 -41.57 10.11 -2.54
CA GLY B 148 -42.36 11.35 -2.38
C GLY B 148 -43.28 11.65 -3.57
N ARG B 149 -44.51 12.08 -3.28
CA ARG B 149 -45.54 12.29 -4.31
C ARG B 149 -45.34 13.57 -5.15
N GLU B 150 -44.87 14.65 -4.50
CA GLU B 150 -44.56 15.93 -5.19
C GLU B 150 -43.27 15.83 -6.04
N ASP B 151 -42.30 15.07 -5.54
CA ASP B 151 -41.09 14.73 -6.33
C ASP B 151 -41.47 13.95 -7.61
N ARG B 152 -42.28 12.90 -7.46
CA ARG B 152 -42.77 12.08 -8.59
C ARG B 152 -43.47 12.94 -9.67
N ARG B 153 -44.34 13.86 -9.24
CA ARG B 153 -45.03 14.79 -10.15
C ARG B 153 -44.06 15.71 -10.95
N GLU B 154 -42.97 16.14 -10.30
CA GLU B 154 -41.91 16.95 -10.96
C GLU B 154 -41.26 16.19 -12.13
N LEU B 155 -40.90 14.93 -11.89
CA LEU B 155 -40.29 14.05 -12.91
C LEU B 155 -41.25 13.69 -14.03
N LEU B 156 -42.53 13.43 -13.71
CA LEU B 156 -43.56 13.16 -14.76
C LEU B 156 -43.90 14.37 -15.63
N ALA B 157 -43.75 15.57 -15.07
CA ALA B 157 -43.91 16.83 -15.84
C ALA B 157 -42.75 17.00 -16.85
N ALA B 158 -41.53 16.70 -16.41
CA ALA B 158 -40.37 16.69 -17.31
C ALA B 158 -40.51 15.63 -18.43
N VAL B 159 -41.07 14.46 -18.11
CA VAL B 159 -41.35 13.39 -19.10
C VAL B 159 -42.27 13.91 -20.24
N ASP B 160 -43.38 14.54 -19.85
CA ASP B 160 -44.35 15.10 -20.82
C ASP B 160 -43.75 16.22 -21.69
N ALA B 161 -42.92 17.08 -21.08
CA ALA B 161 -42.20 18.13 -21.81
C ALA B 161 -41.21 17.53 -22.83
N LEU B 162 -40.45 16.51 -22.39
CA LEU B 162 -39.55 15.75 -23.26
C LEU B 162 -40.25 15.14 -24.48
N ARG B 163 -41.47 14.63 -24.28
CA ARG B 163 -42.27 14.00 -25.36
C ARG B 163 -43.09 14.96 -26.25
N ASP B 164 -43.17 16.25 -25.89
CA ASP B 164 -44.01 17.22 -26.63
C ASP B 164 -43.36 17.62 -27.97
N GLU B 165 -43.68 16.87 -29.03
CA GLU B 165 -43.08 17.05 -30.36
C GLU B 165 -43.49 18.33 -31.09
N SER B 166 -44.42 19.11 -30.52
CA SER B 166 -44.76 20.42 -31.06
C SER B 166 -43.78 21.55 -30.63
N ARG B 167 -43.02 21.34 -29.55
CA ARG B 167 -42.04 22.33 -29.06
C ARG B 167 -40.68 22.05 -29.73
N PRO B 168 -39.83 23.10 -29.89
CA PRO B 168 -38.47 22.86 -30.39
C PRO B 168 -37.62 21.95 -29.48
N ALA B 169 -36.67 21.26 -30.10
CA ALA B 169 -35.82 20.28 -29.42
C ALA B 169 -35.06 20.83 -28.18
N ALA B 170 -34.49 22.04 -28.30
CA ALA B 170 -33.71 22.64 -27.19
C ALA B 170 -34.56 23.01 -25.96
N SER B 171 -35.85 23.31 -26.18
CA SER B 171 -36.80 23.63 -25.10
C SER B 171 -37.36 22.37 -24.40
N ARG B 172 -37.63 21.32 -25.18
CA ARG B 172 -38.00 20.00 -24.65
C ARG B 172 -36.89 19.44 -23.71
N LEU B 173 -35.64 19.52 -24.18
CA LEU B 173 -34.47 19.14 -23.36
C LEU B 173 -34.29 20.00 -22.11
N ALA B 174 -34.35 21.32 -22.26
CA ALA B 174 -34.12 22.26 -21.15
C ALA B 174 -35.06 22.01 -19.96
N ALA B 175 -36.29 21.57 -20.25
CA ALA B 175 -37.31 21.21 -19.23
C ALA B 175 -36.96 19.96 -18.38
N ALA B 176 -36.08 19.10 -18.90
CA ALA B 176 -35.48 17.99 -18.13
C ALA B 176 -34.22 18.35 -17.30
N LEU B 177 -33.71 19.58 -17.47
CA LEU B 177 -32.44 20.02 -16.89
C LEU B 177 -32.57 21.18 -15.91
N THR B 178 -33.79 21.41 -15.42
CA THR B 178 -34.03 22.52 -14.47
C THR B 178 -33.38 22.21 -13.10
N PRO B 179 -33.07 23.25 -12.29
CA PRO B 179 -32.50 22.96 -10.95
C PRO B 179 -33.47 22.20 -10.02
N GLN B 180 -34.78 22.44 -10.18
CA GLN B 180 -35.83 21.71 -9.43
C GLN B 180 -35.80 20.18 -9.70
N VAL B 181 -35.61 19.79 -10.96
CA VAL B 181 -35.43 18.37 -11.34
C VAL B 181 -34.10 17.80 -10.83
N ASP B 182 -33.01 18.55 -10.97
CA ASP B 182 -31.68 18.14 -10.43
C ASP B 182 -31.70 17.74 -8.96
N ALA B 183 -32.48 18.49 -8.18
CA ALA B 183 -32.57 18.28 -6.72
C ALA B 183 -33.20 16.93 -6.36
N VAL B 184 -34.28 16.58 -7.08
CA VAL B 184 -34.93 15.27 -6.92
C VAL B 184 -33.93 14.12 -7.17
N LEU B 185 -33.22 14.20 -8.30
CA LEU B 185 -32.30 13.15 -8.74
C LEU B 185 -31.01 13.05 -7.93
N ALA B 186 -30.54 14.18 -7.39
CA ALA B 186 -29.36 14.17 -6.48
C ALA B 186 -29.68 13.46 -5.15
N ARG B 187 -30.92 13.64 -4.68
CA ARG B 187 -31.40 12.94 -3.49
C ARG B 187 -31.84 11.50 -3.78
N HIS B 188 -32.48 11.25 -4.93
CA HIS B 188 -33.01 9.90 -5.29
C HIS B 188 -32.68 9.45 -6.69
N PRO B 189 -31.40 9.17 -6.93
CA PRO B 189 -30.98 8.94 -8.30
C PRO B 189 -31.39 7.57 -8.79
N LEU B 190 -31.44 7.46 -10.10
CA LEU B 190 -31.76 6.20 -10.72
C LEU B 190 -30.42 5.45 -10.79
N ARG B 191 -30.38 4.31 -10.12
CA ARG B 191 -29.17 3.49 -9.95
C ARG B 191 -29.36 2.14 -10.68
N ASP B 192 -28.56 1.91 -11.71
CA ASP B 192 -28.48 0.62 -12.41
C ASP B 192 -27.39 -0.31 -11.80
N LEU B 193 -27.69 -1.59 -11.74
CA LEU B 193 -26.72 -2.66 -11.54
C LEU B 193 -25.93 -2.50 -10.22
N VAL B 194 -26.67 -2.14 -9.18
CA VAL B 194 -26.13 -1.83 -7.84
C VAL B 194 -25.28 -3.02 -7.37
N THR B 195 -24.04 -2.73 -7.01
CA THR B 195 -23.07 -3.72 -6.64
C THR B 195 -22.42 -3.26 -5.32
N SER B 196 -22.27 -4.18 -4.39
CA SER B 196 -21.71 -3.92 -3.08
C SER B 196 -20.37 -4.54 -2.82
N SER B 197 -19.52 -3.80 -2.11
CA SER B 197 -18.34 -4.38 -1.46
C SER B 197 -18.79 -5.29 -0.30
N ASP B 198 -17.91 -6.17 0.14
CA ASP B 198 -18.11 -6.90 1.41
C ASP B 198 -17.89 -5.94 2.59
N PRO B 199 -18.71 -6.06 3.65
CA PRO B 199 -18.62 -5.16 4.80
C PRO B 199 -17.24 -5.12 5.46
N LEU B 200 -16.77 -3.93 5.82
CA LEU B 200 -15.58 -3.75 6.66
C LEU B 200 -15.93 -3.27 8.08
N PRO B 201 -15.19 -3.76 9.09
CA PRO B 201 -15.52 -3.43 10.49
C PRO B 201 -14.94 -2.06 10.97
N LEU B 202 -15.71 -1.41 11.84
CA LEU B 202 -15.38 -0.13 12.44
C LEU B 202 -15.69 -0.20 13.93
N LEU B 203 -14.68 0.05 14.76
CA LEU B 203 -14.91 0.04 16.21
C LEU B 203 -15.00 1.51 16.64
N VAL B 204 -16.12 1.89 17.23
CA VAL B 204 -16.33 3.28 17.63
C VAL B 204 -16.20 3.32 19.14
N GLU B 205 -15.26 4.14 19.63
CA GLU B 205 -15.01 4.24 21.07
C GLU B 205 -15.39 5.62 21.60
N ARG B 206 -15.33 5.78 22.92
CA ARG B 206 -15.70 7.06 23.52
C ARG B 206 -14.71 8.17 23.14
N GLU B 207 -15.21 9.40 23.22
CA GLU B 207 -14.48 10.62 22.90
C GLU B 207 -13.09 10.72 23.53
N ARG B 208 -12.96 10.34 24.79
CA ARG B 208 -11.69 10.41 25.51
C ARG B 208 -10.55 9.61 24.88
N ALA B 209 -10.89 8.57 24.10
CA ALA B 209 -9.86 7.78 23.42
C ALA B 209 -9.06 8.59 22.42
N LEU B 210 -9.70 9.57 21.78
CA LEU B 210 -9.03 10.45 20.83
C LEU B 210 -8.63 11.80 21.44
N TYR B 211 -9.49 12.33 22.31
CA TYR B 211 -9.41 13.73 22.75
C TYR B 211 -9.30 13.82 24.27
N GLY B 212 -8.22 14.46 24.73
CA GLY B 212 -8.06 14.76 26.15
C GLY B 212 -6.70 15.32 26.48
N ALA B 213 -6.62 16.03 27.60
CA ALA B 213 -5.36 16.56 28.11
C ALA B 213 -4.96 15.82 29.38
N TRP B 214 -3.71 15.36 29.38
CA TRP B 214 -3.17 14.47 30.41
C TRP B 214 -2.07 15.13 31.21
N TYR B 215 -2.07 14.87 32.51
CA TYR B 215 -1.08 15.39 33.45
C TYR B 215 -0.53 14.24 34.28
N GLU B 216 0.78 14.04 34.25
CA GLU B 216 1.42 13.00 35.06
C GLU B 216 2.07 13.58 36.30
N PHE B 217 1.78 13.02 37.47
CA PHE B 217 2.54 13.35 38.67
C PHE B 217 2.67 12.18 39.65
N PHE B 218 3.67 12.30 40.53
CA PHE B 218 3.98 11.30 41.55
C PHE B 218 3.33 11.74 42.87
N PRO B 219 2.32 11.01 43.35
CA PRO B 219 1.65 11.41 44.62
C PRO B 219 2.58 11.52 45.81
N ARG B 220 3.56 10.62 45.90
CA ARG B 220 4.55 10.66 46.99
C ARG B 220 5.34 11.98 47.11
N SER B 221 5.55 12.69 46.01
CA SER B 221 6.25 13.99 46.05
C SER B 221 5.43 15.12 46.68
N GLU B 222 4.10 14.97 46.78
CA GLU B 222 3.22 15.99 47.36
C GLU B 222 2.90 15.70 48.83
N GLY B 223 3.92 15.87 49.66
CA GLY B 223 3.81 15.69 51.10
C GLY B 223 3.82 16.99 51.89
N THR B 224 4.29 16.91 53.12
CA THR B 224 4.28 18.02 54.07
C THR B 224 5.64 18.06 54.76
N PRO B 225 5.94 19.16 55.50
CA PRO B 225 7.14 19.21 56.34
C PRO B 225 7.24 18.06 57.35
N HIS B 226 6.14 17.80 58.06
CA HIS B 226 6.10 16.71 59.07
C HIS B 226 6.08 15.30 58.46
N THR B 227 5.41 15.13 57.31
CA THR B 227 5.40 13.84 56.59
C THR B 227 5.78 14.00 55.10
N PRO B 228 7.09 13.98 54.78
CA PRO B 228 7.60 14.25 53.42
C PRO B 228 7.04 13.38 52.31
N HIS B 229 6.86 12.08 52.61
CA HIS B 229 6.27 11.13 51.68
C HIS B 229 4.78 11.40 51.62
N GLY B 230 4.34 11.93 50.48
CA GLY B 230 2.93 12.21 50.24
C GLY B 230 2.05 10.97 50.34
N THR B 231 0.77 11.22 50.64
CA THR B 231 -0.26 10.19 50.73
C THR B 231 -1.30 10.52 49.69
N PHE B 232 -2.28 9.64 49.51
CA PHE B 232 -3.40 10.01 48.68
C PHE B 232 -4.19 11.21 49.24
N ARG B 233 -4.27 11.33 50.57
CA ARG B 233 -4.99 12.45 51.21
C ARG B 233 -4.28 13.78 50.93
N THR B 234 -2.94 13.83 51.03
CA THR B 234 -2.22 15.08 50.75
C THR B 234 -2.14 15.34 49.23
N ALA B 235 -1.93 14.30 48.44
CA ALA B 235 -1.84 14.45 46.98
C ALA B 235 -3.14 14.89 46.33
N ALA B 236 -4.28 14.62 46.97
CA ALA B 236 -5.58 15.16 46.52
C ALA B 236 -5.63 16.70 46.49
N ARG B 237 -4.82 17.35 47.31
CA ARG B 237 -4.77 18.82 47.33
C ARG B 237 -4.11 19.43 46.08
N ARG B 238 -3.41 18.62 45.31
CA ARG B 238 -2.84 19.00 44.03
C ARG B 238 -3.87 18.92 42.87
N LEU B 239 -4.95 18.16 43.05
CA LEU B 239 -5.96 18.00 41.99
C LEU B 239 -6.63 19.31 41.53
N PRO B 240 -7.02 20.21 42.46
CA PRO B 240 -7.67 21.47 42.02
C PRO B 240 -6.84 22.28 41.03
N ALA B 241 -5.55 22.39 41.26
CA ALA B 241 -4.67 23.12 40.35
C ALA B 241 -4.47 22.41 38.97
N ILE B 242 -4.49 21.08 38.97
CA ILE B 242 -4.46 20.31 37.74
C ILE B 242 -5.73 20.55 36.92
N ALA B 243 -6.90 20.48 37.57
CA ALA B 243 -8.16 20.84 36.88
C ALA B 243 -8.21 22.31 36.43
N ALA B 244 -7.61 23.23 37.18
CA ALA B 244 -7.58 24.66 36.81
C ALA B 244 -6.70 24.91 35.59
N MET B 245 -5.70 24.07 35.35
CA MET B 245 -4.94 24.12 34.09
C MET B 245 -5.67 23.49 32.88
N GLY B 246 -6.85 22.91 33.10
CA GLY B 246 -7.69 22.42 32.04
C GLY B 246 -7.37 20.99 31.64
N PHE B 247 -6.80 20.20 32.55
CA PHE B 247 -6.55 18.79 32.25
C PHE B 247 -7.81 17.96 32.49
N ASP B 248 -7.86 16.80 31.82
CA ASP B 248 -8.94 15.86 31.91
C ASP B 248 -8.52 14.51 32.55
N VAL B 249 -7.25 14.15 32.43
CA VAL B 249 -6.72 12.84 32.88
C VAL B 249 -5.48 13.07 33.74
N VAL B 250 -5.41 12.38 34.87
CA VAL B 250 -4.27 12.36 35.75
C VAL B 250 -3.63 10.98 35.64
N TYR B 251 -2.39 10.92 35.16
CA TYR B 251 -1.65 9.66 35.03
C TYR B 251 -0.70 9.56 36.25
N LEU B 252 -0.89 8.49 37.02
CA LEU B 252 -0.11 8.19 38.20
C LEU B 252 0.86 7.05 37.88
N PRO B 253 2.15 7.24 38.23
CA PRO B 253 3.07 6.11 38.18
C PRO B 253 2.63 5.01 39.15
N PRO B 254 3.20 3.82 39.02
CA PRO B 254 2.75 2.72 39.90
C PRO B 254 2.59 3.09 41.39
N ILE B 255 1.46 2.68 41.96
CA ILE B 255 1.04 3.05 43.33
C ILE B 255 1.13 1.87 44.30
N HIS B 256 1.91 0.85 43.94
CA HIS B 256 1.98 -0.38 44.70
C HIS B 256 3.19 -0.35 45.64
N PRO B 257 3.32 -1.35 46.53
CA PRO B 257 4.59 -1.42 47.28
C PRO B 257 5.81 -1.58 46.38
N ILE B 258 6.95 -1.15 46.89
CA ILE B 258 8.20 -1.08 46.13
C ILE B 258 9.21 -1.97 46.81
N GLY B 259 9.89 -2.81 46.03
CA GLY B 259 10.84 -3.77 46.57
C GLY B 259 12.01 -3.12 47.27
N THR B 260 12.66 -3.88 48.14
CA THR B 260 13.89 -3.46 48.84
C THR B 260 15.16 -4.11 48.25
N THR B 261 15.10 -5.37 47.82
CA THR B 261 16.26 -6.04 47.24
C THR B 261 16.67 -5.36 45.92
N HIS B 262 17.93 -4.91 45.84
CA HIS B 262 18.50 -4.17 44.71
C HIS B 262 17.76 -2.84 44.39
N ARG B 263 17.16 -2.24 45.42
CA ARG B 263 16.48 -0.96 45.25
C ARG B 263 17.48 0.06 44.79
N LYS B 264 17.09 0.89 43.85
CA LYS B 264 18.00 1.91 43.35
C LYS B 264 17.98 3.14 44.25
N GLY B 265 19.12 3.80 44.34
CA GLY B 265 19.24 5.07 45.05
C GLY B 265 19.04 6.27 44.14
N ARG B 266 19.34 7.44 44.67
CA ARG B 266 19.18 8.71 43.94
C ARG B 266 20.04 8.76 42.68
N ASN B 267 19.50 9.39 41.62
CA ASN B 267 20.17 9.52 40.31
C ASN B 267 20.56 8.20 39.68
N ASN B 268 19.73 7.19 39.88
CA ASN B 268 19.93 5.88 39.29
C ASN B 268 21.26 5.26 39.72
N THR B 269 21.61 5.41 41.00
CA THR B 269 22.76 4.69 41.58
C THR B 269 22.30 3.32 42.05
N LEU B 270 23.22 2.38 42.13
CA LEU B 270 22.87 0.97 42.37
C LEU B 270 22.38 0.65 43.78
N SER B 271 22.89 1.37 44.78
CA SER B 271 22.60 1.07 46.19
C SER B 271 21.82 2.15 46.91
N ALA B 272 20.58 1.84 47.25
CA ALA B 272 19.73 2.70 48.08
C ALA B 272 20.29 2.80 49.48
N THR B 273 20.30 4.02 50.03
CA THR B 273 20.71 4.28 51.42
C THR B 273 19.47 4.15 52.34
N GLY B 274 19.57 4.62 53.58
CA GLY B 274 18.55 4.43 54.61
C GLY B 274 17.12 4.74 54.24
N ASP B 275 16.84 6.00 53.93
CA ASP B 275 15.45 6.43 53.66
C ASP B 275 15.09 6.52 52.15
N ASP B 276 16.01 6.16 51.25
CA ASP B 276 15.75 6.21 49.81
C ASP B 276 14.46 5.46 49.44
N VAL B 277 13.62 6.11 48.65
CA VAL B 277 12.27 5.61 48.37
C VAL B 277 12.18 4.59 47.22
N GLY B 278 13.22 4.51 46.39
CA GLY B 278 13.23 3.60 45.26
C GLY B 278 12.31 4.01 44.11
N VAL B 279 12.26 3.15 43.10
CA VAL B 279 11.56 3.40 41.83
C VAL B 279 10.18 2.73 41.89
N PRO B 280 9.09 3.50 41.63
CA PRO B 280 7.74 2.89 41.66
C PRO B 280 7.53 1.68 40.75
N TRP B 281 8.25 1.66 39.62
CA TRP B 281 8.16 0.57 38.66
C TRP B 281 8.77 -0.74 39.16
N ALA B 282 9.52 -0.71 40.27
CA ALA B 282 10.01 -1.95 40.90
C ALA B 282 8.97 -2.50 41.86
N ILE B 283 7.94 -3.12 41.31
CA ILE B 283 6.70 -3.37 42.03
C ILE B 283 6.78 -4.64 42.88
N GLY B 284 6.38 -4.56 44.13
CA GLY B 284 6.16 -5.76 44.92
C GLY B 284 7.06 -5.93 46.12
N SER B 285 6.43 -6.32 47.23
CA SER B 285 7.15 -6.65 48.45
C SER B 285 6.28 -7.64 49.22
N PRO B 286 6.74 -8.08 50.41
CA PRO B 286 5.82 -8.83 51.28
C PRO B 286 4.51 -8.07 51.63
N GLU B 287 4.50 -6.74 51.56
CA GLU B 287 3.29 -5.94 51.82
C GLU B 287 2.24 -6.06 50.68
N GLY B 288 2.63 -6.59 49.51
CA GLY B 288 1.71 -6.89 48.42
C GLY B 288 2.26 -6.60 47.04
N GLY B 289 1.44 -6.91 46.03
CA GLY B 289 1.82 -6.79 44.61
C GLY B 289 1.02 -5.75 43.85
N HIS B 290 0.65 -6.10 42.62
CA HIS B 290 -0.05 -5.18 41.72
C HIS B 290 -1.50 -4.89 42.11
N ASP B 291 -2.08 -5.69 43.02
CA ASP B 291 -3.42 -5.41 43.57
C ASP B 291 -3.40 -4.65 44.92
N SER B 292 -2.25 -4.14 45.34
CA SER B 292 -2.09 -3.48 46.64
C SER B 292 -1.64 -2.03 46.51
N ILE B 293 -1.84 -1.29 47.60
CA ILE B 293 -1.39 0.09 47.72
C ILE B 293 -0.10 0.14 48.56
N HIS B 294 0.90 0.85 48.09
CA HIS B 294 2.08 1.23 48.91
C HIS B 294 1.61 1.77 50.29
N PRO B 295 2.08 1.17 51.41
CA PRO B 295 1.54 1.59 52.73
C PRO B 295 1.77 3.08 53.10
N ALA B 296 2.86 3.68 52.62
CA ALA B 296 3.08 5.12 52.74
C ALA B 296 2.12 6.02 51.93
N LEU B 297 1.46 5.47 50.91
CA LEU B 297 0.41 6.22 50.21
C LEU B 297 -0.95 6.23 50.94
N GLY B 298 -1.18 5.24 51.80
CA GLY B 298 -2.43 5.12 52.56
C GLY B 298 -3.09 3.78 52.25
N THR B 299 -4.42 3.77 52.33
CA THR B 299 -5.22 2.56 52.16
C THR B 299 -6.04 2.66 50.90
N LEU B 300 -6.68 1.54 50.55
CA LEU B 300 -7.63 1.50 49.45
C LEU B 300 -8.74 2.54 49.63
N ASP B 301 -9.25 2.69 50.86
CA ASP B 301 -10.24 3.72 51.22
CA ASP B 301 -10.24 3.74 51.16
C ASP B 301 -9.71 5.15 50.84
N ASP B 302 -8.44 5.43 51.14
CA ASP B 302 -7.85 6.72 50.78
C ASP B 302 -7.75 6.91 49.25
N PHE B 303 -7.43 5.82 48.55
CA PHE B 303 -7.43 5.85 47.10
C PHE B 303 -8.84 6.18 46.55
N ASP B 304 -9.89 5.57 47.10
CA ASP B 304 -11.29 5.87 46.67
C ASP B 304 -11.66 7.34 46.85
N HIS B 305 -11.27 7.92 47.97
CA HIS B 305 -11.48 9.36 48.22
CA HIS B 305 -11.49 9.33 48.23
C HIS B 305 -10.75 10.21 47.20
N PHE B 306 -9.54 9.80 46.81
CA PHE B 306 -8.76 10.49 45.77
C PHE B 306 -9.46 10.46 44.41
N VAL B 307 -9.92 9.27 44.04
CA VAL B 307 -10.67 9.07 42.78
C VAL B 307 -11.96 9.90 42.79
N THR B 308 -12.68 9.87 43.91
CA THR B 308 -13.91 10.66 44.06
C THR B 308 -13.64 12.15 43.91
N GLU B 309 -12.58 12.67 44.54
CA GLU B 309 -12.26 14.11 44.43
C GLU B 309 -11.83 14.48 43.02
N ALA B 310 -11.09 13.60 42.38
CA ALA B 310 -10.71 13.80 40.98
C ALA B 310 -11.98 13.94 40.13
N GLY B 311 -12.89 12.96 40.24
CA GLY B 311 -14.18 12.97 39.52
C GLY B 311 -14.99 14.27 39.67
N LYS B 312 -15.06 14.79 40.88
CA LYS B 312 -15.74 16.07 41.15
C LYS B 312 -15.11 17.26 40.45
N LEU B 313 -13.81 17.18 40.15
CA LEU B 313 -13.11 18.20 39.36
C LEU B 313 -13.08 17.93 37.82
N GLY B 314 -13.76 16.88 37.35
CA GLY B 314 -13.71 16.49 35.94
C GLY B 314 -12.43 15.79 35.51
N LEU B 315 -11.74 15.13 36.44
CA LEU B 315 -10.52 14.38 36.18
C LEU B 315 -10.74 12.88 36.33
N GLU B 316 -10.33 12.13 35.29
CA GLU B 316 -10.26 10.68 35.31
C GLU B 316 -8.85 10.25 35.70
N ILE B 317 -8.76 9.13 36.39
CA ILE B 317 -7.49 8.60 36.81
C ILE B 317 -7.04 7.56 35.81
N ALA B 318 -5.76 7.63 35.45
CA ALA B 318 -5.10 6.60 34.65
C ALA B 318 -3.97 6.02 35.47
N LEU B 319 -4.00 4.71 35.72
CA LEU B 319 -2.92 4.03 36.45
C LEU B 319 -1.93 3.39 35.48
N ASP B 320 -0.67 3.40 35.89
CA ASP B 320 0.35 2.66 35.23
C ASP B 320 0.10 1.18 35.51
N PHE B 321 0.10 0.36 34.47
CA PHE B 321 0.14 -1.10 34.60
C PHE B 321 1.47 -1.56 34.01
N ALA B 322 2.38 -2.04 34.88
CA ALA B 322 3.71 -2.44 34.49
C ALA B 322 3.87 -3.90 34.89
N LEU B 323 3.81 -4.79 33.90
CA LEU B 323 3.83 -6.23 34.17
C LEU B 323 5.29 -6.75 34.29
N GLN B 324 5.81 -6.61 35.52
CA GLN B 324 7.18 -6.90 35.91
C GLN B 324 7.20 -6.86 37.45
N CYS B 325 8.30 -7.31 38.08
CA CYS B 325 8.35 -7.55 39.54
C CYS B 325 9.70 -7.17 40.11
N SER B 326 9.70 -6.58 41.31
CA SER B 326 10.89 -6.57 42.12
C SER B 326 11.21 -8.01 42.56
N PRO B 327 12.45 -8.25 43.02
CA PRO B 327 12.74 -9.60 43.53
C PRO B 327 11.96 -9.99 44.79
N ASP B 328 11.37 -9.02 45.48
CA ASP B 328 10.57 -9.29 46.68
C ASP B 328 9.09 -9.46 46.39
N HIS B 329 8.68 -9.37 45.13
CA HIS B 329 7.29 -9.51 44.78
C HIS B 329 6.87 -10.96 45.16
N PRO B 330 5.68 -11.15 45.75
CA PRO B 330 5.17 -12.49 46.08
C PRO B 330 5.19 -13.53 44.93
N TRP B 331 4.88 -13.11 43.71
CA TRP B 331 4.97 -13.98 42.52
C TRP B 331 6.28 -14.72 42.34
N VAL B 332 7.38 -14.15 42.79
CA VAL B 332 8.69 -14.78 42.59
C VAL B 332 8.71 -16.20 43.19
N HIS B 333 8.11 -16.37 44.38
CA HIS B 333 8.05 -17.69 45.04
CA HIS B 333 8.08 -17.69 45.01
C HIS B 333 6.75 -18.42 44.76
N LYS B 334 5.64 -17.69 44.60
CA LYS B 334 4.37 -18.33 44.27
C LYS B 334 4.28 -18.91 42.86
N HIS B 335 4.87 -18.21 41.91
CA HIS B 335 4.72 -18.56 40.50
C HIS B 335 6.09 -18.50 39.82
N PRO B 336 7.02 -19.38 40.22
CA PRO B 336 8.38 -19.31 39.64
C PRO B 336 8.41 -19.48 38.13
N GLU B 337 7.45 -20.25 37.59
CA GLU B 337 7.32 -20.46 36.17
C GLU B 337 6.95 -19.20 35.37
N TRP B 338 6.58 -18.12 36.04
CA TRP B 338 6.40 -16.82 35.40
C TRP B 338 7.69 -16.04 35.19
N PHE B 339 8.86 -16.64 35.43
CA PHE B 339 10.16 -16.02 35.19
C PHE B 339 11.12 -16.97 34.51
N HIS B 340 12.04 -16.42 33.71
CA HIS B 340 13.13 -17.19 33.09
C HIS B 340 14.26 -17.32 34.11
N HIS B 341 14.63 -18.56 34.43
CA HIS B 341 15.75 -18.85 35.33
C HIS B 341 16.93 -19.36 34.55
N ARG B 342 18.13 -18.96 34.97
CA ARG B 342 19.37 -19.44 34.38
C ARG B 342 19.75 -20.79 35.03
N PRO B 343 20.75 -21.50 34.47
CA PRO B 343 21.07 -22.83 35.02
C PRO B 343 21.32 -22.94 36.54
N ASP B 344 21.70 -21.83 37.19
CA ASP B 344 21.95 -21.81 38.63
C ASP B 344 20.74 -21.38 39.45
N GLY B 345 19.57 -21.24 38.82
CA GLY B 345 18.37 -20.80 39.52
C GLY B 345 18.13 -19.30 39.61
N THR B 346 19.11 -18.46 39.28
CA THR B 346 18.88 -17.01 39.35
C THR B 346 18.04 -16.50 38.17
N ILE B 347 17.41 -15.36 38.40
CA ILE B 347 16.66 -14.65 37.39
C ILE B 347 17.48 -13.42 36.99
N ALA B 348 17.71 -13.27 35.69
CA ALA B 348 18.37 -12.09 35.10
C ALA B 348 17.46 -10.88 35.20
N HIS B 349 17.99 -9.79 35.75
CA HIS B 349 17.27 -8.54 35.77
C HIS B 349 16.98 -8.01 34.34
N ALA B 350 15.91 -7.23 34.24
CA ALA B 350 15.50 -6.66 32.95
C ALA B 350 16.53 -5.67 32.39
N GLU B 351 16.60 -5.61 31.06
CA GLU B 351 17.52 -4.72 30.32
C GLU B 351 16.82 -4.10 29.10
N ASN B 352 17.39 -3.01 28.60
CA ASN B 352 16.91 -2.34 27.38
C ASN B 352 18.12 -1.56 26.79
N PRO B 353 19.24 -2.27 26.50
CA PRO B 353 20.62 -1.72 26.56
C PRO B 353 20.90 -0.36 25.86
N PRO B 354 21.92 0.39 26.33
CA PRO B 354 22.74 0.05 27.52
C PRO B 354 22.08 0.35 28.91
N LYS B 355 20.79 0.69 28.93
CA LYS B 355 20.00 0.81 30.17
C LYS B 355 19.78 -0.54 30.88
N LYS B 356 20.14 -0.59 32.15
CA LYS B 356 19.99 -1.79 32.98
C LYS B 356 18.94 -1.50 34.05
N TYR B 357 18.14 -2.52 34.36
CA TYR B 357 17.11 -2.40 35.40
C TYR B 357 17.33 -3.43 36.54
N GLN B 358 18.40 -3.20 37.31
CA GLN B 358 18.84 -4.15 38.36
C GLN B 358 17.81 -4.36 39.48
N ASP B 359 16.88 -3.42 39.63
CA ASP B 359 15.78 -3.53 40.58
C ASP B 359 14.57 -4.37 40.14
N ILE B 360 14.53 -4.88 38.90
CA ILE B 360 13.38 -5.66 38.46
C ILE B 360 13.68 -6.94 37.68
N TYR B 361 12.74 -7.88 37.77
CA TYR B 361 12.73 -9.06 36.91
C TYR B 361 11.66 -8.91 35.83
N PRO B 362 11.95 -9.31 34.58
CA PRO B 362 10.89 -9.39 33.60
C PRO B 362 10.11 -10.71 33.73
N ILE B 363 8.89 -10.72 33.20
CA ILE B 363 8.01 -11.86 33.19
C ILE B 363 8.29 -12.69 31.95
N ALA B 364 8.30 -14.01 32.10
CA ALA B 364 8.34 -14.98 30.98
C ALA B 364 6.93 -15.53 30.73
N PHE B 365 6.56 -15.71 29.47
CA PHE B 365 5.16 -15.97 29.08
C PHE B 365 4.84 -17.35 28.55
N ASP B 366 5.85 -18.16 28.28
CA ASP B 366 5.60 -19.42 27.58
C ASP B 366 5.44 -20.67 28.44
N ALA B 367 5.62 -20.57 29.76
CA ALA B 367 5.32 -21.72 30.63
C ALA B 367 3.86 -21.71 31.07
N ASP B 368 3.33 -20.53 31.45
CA ASP B 368 1.94 -20.44 31.93
C ASP B 368 1.19 -19.22 31.36
N PRO B 369 0.97 -19.20 30.03
CA PRO B 369 0.29 -18.04 29.44
C PRO B 369 -1.14 -17.83 29.96
N ASP B 370 -1.87 -18.93 30.20
CA ASP B 370 -3.24 -18.86 30.70
C ASP B 370 -3.31 -18.25 32.11
N GLY B 371 -2.46 -18.73 33.01
CA GLY B 371 -2.38 -18.17 34.35
C GLY B 371 -2.05 -16.67 34.35
N LEU B 372 -1.11 -16.24 33.51
CA LEU B 372 -0.72 -14.84 33.46
C LEU B 372 -1.85 -13.93 32.93
N ALA B 373 -2.58 -14.41 31.92
CA ALA B 373 -3.70 -13.64 31.36
C ALA B 373 -4.84 -13.53 32.37
N THR B 374 -5.17 -14.66 33.00
CA THR B 374 -6.20 -14.75 34.05
C THR B 374 -5.90 -13.76 35.18
N GLU B 375 -4.66 -13.76 35.66
CA GLU B 375 -4.28 -12.90 36.75
C GLU B 375 -4.21 -11.41 36.33
N THR B 376 -3.78 -11.17 35.10
CA THR B 376 -3.70 -9.82 34.60
C THR B 376 -5.07 -9.19 34.48
N VAL B 377 -6.03 -9.87 33.88
CA VAL B 377 -7.38 -9.31 33.81
C VAL B 377 -8.01 -9.19 35.21
N ARG B 378 -7.68 -10.08 36.14
CA ARG B 378 -8.17 -9.94 37.53
C ARG B 378 -7.68 -8.65 38.18
N ILE B 379 -6.41 -8.33 38.00
CA ILE B 379 -5.83 -7.11 38.55
C ILE B 379 -6.46 -5.87 37.94
N LEU B 380 -6.58 -5.85 36.61
CA LEU B 380 -7.18 -4.72 35.93
C LEU B 380 -8.62 -4.53 36.38
N ARG B 381 -9.37 -5.61 36.49
CA ARG B 381 -10.77 -5.51 36.97
C ARG B 381 -10.89 -5.00 38.40
N HIS B 382 -9.90 -5.29 39.24
CA HIS B 382 -9.90 -4.75 40.59
C HIS B 382 -9.83 -3.23 40.56
N TRP B 383 -8.92 -2.67 39.76
CA TRP B 383 -8.77 -1.21 39.72
C TRP B 383 -9.99 -0.57 39.01
N MET B 384 -10.52 -1.25 38.01
CA MET B 384 -11.77 -0.88 37.37
C MET B 384 -12.92 -0.77 38.36
N ASP B 385 -13.02 -1.67 39.34
CA ASP B 385 -14.08 -1.60 40.38
C ASP B 385 -13.93 -0.38 41.28
N HIS B 386 -12.72 0.19 41.33
CA HIS B 386 -12.47 1.41 42.07
C HIS B 386 -12.37 2.64 41.17
N GLY B 387 -13.01 2.58 40.02
CA GLY B 387 -13.18 3.74 39.15
C GLY B 387 -12.01 4.10 38.25
N VAL B 388 -11.06 3.18 38.04
CA VAL B 388 -10.01 3.41 37.08
C VAL B 388 -10.45 2.83 35.75
N ARG B 389 -10.71 3.70 34.77
CA ARG B 389 -11.19 3.27 33.44
C ARG B 389 -10.13 3.53 32.33
N ILE B 390 -8.89 3.84 32.74
CA ILE B 390 -7.79 4.12 31.80
C ILE B 390 -6.51 3.54 32.36
N PHE B 391 -5.76 2.81 31.55
CA PHE B 391 -4.47 2.22 31.93
C PHE B 391 -3.36 2.59 30.96
N ARG B 392 -2.25 3.09 31.50
CA ARG B 392 -1.04 3.36 30.76
C ARG B 392 -0.23 2.11 30.92
N VAL B 393 -0.02 1.39 29.82
CA VAL B 393 0.67 0.11 29.86
C VAL B 393 2.16 0.35 29.61
N ASP B 394 2.97 0.07 30.63
CA ASP B 394 4.41 0.31 30.59
C ASP B 394 5.10 -0.77 29.75
N ASN B 395 6.04 -0.37 28.88
CA ASN B 395 6.85 -1.30 28.09
C ASN B 395 6.06 -2.43 27.47
N PRO B 396 4.97 -2.11 26.76
CA PRO B 396 4.19 -3.21 26.20
C PRO B 396 4.97 -4.08 25.21
N HIS B 397 5.95 -3.47 24.56
CA HIS B 397 6.79 -4.12 23.55
C HIS B 397 7.76 -5.17 24.04
N THR B 398 7.87 -5.39 25.36
CA THR B 398 8.64 -6.51 25.92
C THR B 398 7.77 -7.68 26.40
N LYS B 399 6.46 -7.62 26.17
CA LYS B 399 5.55 -8.72 26.44
C LYS B 399 4.97 -9.10 25.09
N PRO B 400 4.54 -10.36 24.91
CA PRO B 400 4.08 -10.74 23.59
C PRO B 400 2.90 -9.94 23.05
N VAL B 401 2.90 -9.69 21.76
CA VAL B 401 1.84 -8.92 21.13
C VAL B 401 0.49 -9.62 21.31
N ALA B 402 0.47 -10.95 21.15
CA ALA B 402 -0.78 -11.71 21.30
C ALA B 402 -1.32 -11.73 22.72
N PHE B 403 -0.45 -11.55 23.70
CA PHE B 403 -0.87 -11.44 25.10
C PHE B 403 -1.75 -10.18 25.28
N TRP B 404 -1.26 -9.04 24.79
CA TRP B 404 -2.05 -7.79 24.88
C TRP B 404 -3.34 -7.88 24.06
N GLU B 405 -3.30 -8.55 22.91
CA GLU B 405 -4.48 -8.72 22.12
C GLU B 405 -5.60 -9.47 22.91
N ARG B 406 -5.20 -10.52 23.61
CA ARG B 406 -6.09 -11.32 24.42
C ARG B 406 -6.63 -10.51 25.62
N VAL B 407 -5.73 -9.88 26.35
CA VAL B 407 -6.11 -9.07 27.52
C VAL B 407 -7.05 -7.94 27.17
N ILE B 408 -6.75 -7.20 26.11
CA ILE B 408 -7.59 -6.06 25.70
C ILE B 408 -8.99 -6.51 25.23
N ALA B 409 -9.06 -7.61 24.49
CA ALA B 409 -10.34 -8.19 24.05
C ALA B 409 -11.20 -8.70 25.22
N ASP B 410 -10.56 -9.29 26.21
CA ASP B 410 -11.23 -9.76 27.41
C ASP B 410 -11.79 -8.58 28.21
N ILE B 411 -10.98 -7.57 28.49
CA ILE B 411 -11.47 -6.42 29.26
C ILE B 411 -12.54 -5.61 28.51
N ASN B 412 -12.28 -5.29 27.25
CA ASN B 412 -13.23 -4.53 26.46
C ASN B 412 -14.51 -5.31 26.13
N GLY B 413 -14.48 -6.64 26.22
CA GLY B 413 -15.65 -7.48 26.02
C GLY B 413 -16.72 -7.28 27.09
N THR B 414 -16.33 -7.04 28.33
CA THR B 414 -17.27 -6.65 29.40
C THR B 414 -17.34 -5.13 29.62
N ASP B 415 -16.22 -4.43 29.41
CA ASP B 415 -16.11 -2.99 29.71
C ASP B 415 -15.48 -2.26 28.53
N PRO B 416 -16.29 -2.02 27.47
CA PRO B 416 -15.77 -1.39 26.24
C PRO B 416 -15.29 0.06 26.43
N ASP B 417 -15.68 0.71 27.52
CA ASP B 417 -15.22 2.07 27.82
C ASP B 417 -13.75 2.15 28.33
N VAL B 418 -13.11 1.02 28.65
CA VAL B 418 -11.74 1.08 29.18
C VAL B 418 -10.77 1.41 28.04
N ILE B 419 -9.87 2.34 28.32
CA ILE B 419 -8.88 2.86 27.40
C ILE B 419 -7.51 2.38 27.83
N PHE B 420 -6.76 1.78 26.91
CA PHE B 420 -5.39 1.37 27.13
C PHE B 420 -4.47 2.24 26.26
N LEU B 421 -3.41 2.76 26.88
CA LEU B 421 -2.42 3.61 26.25
C LEU B 421 -1.08 2.87 26.20
N ALA B 422 -0.56 2.67 25.00
CA ALA B 422 0.65 1.91 24.80
C ALA B 422 1.87 2.83 24.90
N ALA B 423 2.68 2.64 25.93
CA ALA B 423 3.98 3.34 26.05
C ALA B 423 5.09 2.62 25.30
N ALA B 424 4.91 2.52 23.98
CA ALA B 424 5.77 1.75 23.11
C ALA B 424 6.81 2.65 22.44
N PHE B 425 7.85 2.93 23.19
CA PHE B 425 9.00 3.63 22.67
C PHE B 425 9.94 2.61 22.02
N THR B 426 9.64 2.29 20.76
CA THR B 426 10.29 1.19 20.06
C THR B 426 10.24 1.44 18.55
N ARG B 427 10.53 0.43 17.74
CA ARG B 427 10.54 0.56 16.30
C ARG B 427 9.11 0.68 15.70
N PRO B 428 8.98 1.26 14.49
CA PRO B 428 7.68 1.53 13.88
C PRO B 428 6.75 0.32 13.70
N ALA B 429 7.28 -0.84 13.32
CA ALA B 429 6.42 -2.01 13.08
C ALA B 429 5.68 -2.49 14.34
N MET B 430 6.40 -2.60 15.44
CA MET B 430 5.80 -2.94 16.74
C MET B 430 4.83 -1.86 17.23
N MET B 431 5.20 -0.59 17.10
CA MET B 431 4.31 0.52 17.46
C MET B 431 2.95 0.37 16.73
N ALA B 432 3.02 0.20 15.41
CA ALA B 432 1.83 0.07 14.58
C ALA B 432 1.01 -1.16 14.97
N THR B 433 1.70 -2.30 15.14
CA THR B 433 1.01 -3.55 15.45
C THR B 433 0.26 -3.48 16.79
N LEU B 434 0.86 -2.89 17.82
CA LEU B 434 0.18 -2.74 19.12
C LEU B 434 -1.11 -1.93 19.02
N ALA B 435 -1.07 -0.85 18.25
CA ALA B 435 -2.27 -0.05 17.99
C ALA B 435 -3.32 -0.90 17.25
N GLN B 436 -2.88 -1.63 16.22
CA GLN B 436 -3.80 -2.45 15.43
C GLN B 436 -4.46 -3.62 16.18
N ILE B 437 -3.81 -4.16 17.23
CA ILE B 437 -4.38 -5.28 17.96
C ILE B 437 -5.25 -4.84 19.11
N GLY B 438 -5.41 -3.53 19.28
CA GLY B 438 -6.45 -2.98 20.12
C GLY B 438 -6.09 -1.83 21.06
N PHE B 439 -4.83 -1.43 21.17
CA PHE B 439 -4.53 -0.28 22.06
C PHE B 439 -5.25 0.97 21.55
N GLN B 440 -6.03 1.59 22.41
CA GLN B 440 -6.82 2.77 22.06
C GLN B 440 -5.98 3.98 21.73
N GLN B 441 -4.83 4.11 22.42
CA GLN B 441 -3.88 5.21 22.24
C GLN B 441 -2.44 4.72 22.25
N SER B 442 -1.55 5.50 21.64
CA SER B 442 -0.12 5.22 21.59
C SER B 442 0.68 6.48 21.90
N TYR B 443 1.80 6.30 22.60
CA TYR B 443 2.84 7.29 22.61
C TYR B 443 3.49 7.25 21.24
N THR B 444 4.22 8.30 20.88
CA THR B 444 4.70 8.53 19.53
C THR B 444 6.17 8.95 19.57
N TYR B 445 6.73 9.26 18.40
CA TYR B 445 8.05 9.87 18.29
C TYR B 445 8.03 11.41 18.42
N PHE B 446 6.92 11.99 18.90
CA PHE B 446 6.77 13.47 19.03
C PHE B 446 7.98 14.19 19.63
N THR B 447 8.50 13.71 20.76
CA THR B 447 9.62 14.39 21.45
C THR B 447 10.92 14.46 20.61
N TRP B 448 11.06 13.56 19.63
CA TRP B 448 12.19 13.57 18.70
C TRP B 448 11.85 14.16 17.31
N ARG B 449 10.80 14.99 17.23
CA ARG B 449 10.44 15.75 16.03
C ARG B 449 10.38 17.24 16.42
N ASN B 450 11.44 17.98 16.14
CA ASN B 450 11.58 19.37 16.58
C ASN B 450 11.76 20.41 15.46
N THR B 451 12.36 20.03 14.33
CA THR B 451 12.45 20.93 13.16
C THR B 451 11.13 20.94 12.40
N LYS B 452 11.01 21.91 11.49
CA LYS B 452 9.82 22.06 10.65
C LYS B 452 9.60 20.84 9.77
N GLN B 453 10.67 20.41 9.09
CA GLN B 453 10.61 19.22 8.27
C GLN B 453 10.23 17.95 9.05
N GLU B 454 10.82 17.75 10.23
CA GLU B 454 10.49 16.58 11.06
C GLU B 454 9.02 16.60 11.49
N LEU B 455 8.51 17.76 11.90
CA LEU B 455 7.12 17.88 12.35
C LEU B 455 6.13 17.70 11.21
N THR B 456 6.42 18.33 10.08
CA THR B 456 5.54 18.27 8.91
C THR B 456 5.42 16.82 8.41
N GLU B 457 6.56 16.16 8.23
CA GLU B 457 6.59 14.74 7.79
C GLU B 457 5.87 13.79 8.75
N TYR B 458 6.12 13.94 10.05
CA TYR B 458 5.56 13.02 11.02
C TYR B 458 4.04 13.19 11.20
N LEU B 459 3.58 14.43 11.24
CA LEU B 459 2.16 14.70 11.41
C LEU B 459 1.35 14.37 10.17
N THR B 460 1.96 14.50 8.99
CA THR B 460 1.33 14.04 7.74
C THR B 460 1.12 12.51 7.83
N GLU B 461 2.08 11.79 8.41
CA GLU B 461 1.93 10.35 8.61
C GLU B 461 0.80 10.06 9.64
N LEU B 462 0.83 10.72 10.80
CA LEU B 462 -0.16 10.43 11.84
C LEU B 462 -1.60 10.79 11.49
N SER B 463 -1.78 11.89 10.76
CA SER B 463 -3.12 12.35 10.34
C SER B 463 -3.63 11.69 9.05
N GLY B 464 -2.77 10.97 8.34
CA GLY B 464 -3.15 10.24 7.13
C GLY B 464 -3.56 8.81 7.46
N GLU B 465 -2.90 7.85 6.84
CA GLU B 465 -3.36 6.45 6.90
C GLU B 465 -3.27 5.83 8.28
N ALA B 466 -2.30 6.24 9.08
CA ALA B 466 -2.19 5.72 10.44
C ALA B 466 -3.41 6.06 11.35
N ALA B 467 -4.12 7.14 11.06
CA ALA B 467 -5.29 7.53 11.85
C ALA B 467 -6.45 6.49 11.85
N SER B 468 -6.48 5.57 10.91
CA SER B 468 -7.47 4.52 10.95
C SER B 468 -7.20 3.45 12.02
N TYR B 469 -6.00 3.43 12.62
CA TYR B 469 -5.67 2.43 13.66
C TYR B 469 -4.97 2.95 14.92
N MET B 470 -4.51 4.21 14.91
CA MET B 470 -3.69 4.78 15.96
C MET B 470 -4.22 6.15 16.37
N ARG B 471 -4.30 6.38 17.67
CA ARG B 471 -4.66 7.68 18.23
C ARG B 471 -3.44 8.13 19.04
N PRO B 472 -2.81 9.24 18.64
CA PRO B 472 -1.57 9.64 19.32
C PRO B 472 -1.80 10.43 20.59
N ASN B 473 -0.94 10.21 21.58
CA ASN B 473 -0.87 11.01 22.79
C ASN B 473 0.49 11.72 22.82
N PHE B 474 0.48 13.03 22.54
CA PHE B 474 1.69 13.88 22.52
C PHE B 474 2.10 14.41 23.90
N PHE B 475 2.88 13.62 24.61
CA PHE B 475 3.54 14.07 25.83
C PHE B 475 4.74 14.90 25.40
N ALA B 476 4.77 16.17 25.79
CA ALA B 476 5.90 17.06 25.49
C ALA B 476 7.18 16.72 26.28
N ASN B 477 6.99 16.11 27.45
CA ASN B 477 8.06 15.49 28.20
C ASN B 477 7.52 14.24 28.94
N THR B 478 8.43 13.43 29.47
CA THR B 478 8.09 12.33 30.39
C THR B 478 9.20 12.22 31.44
N PRO B 479 9.00 11.43 32.50
CA PRO B 479 10.11 11.31 33.45
C PRO B 479 11.43 10.75 32.87
N ASP B 480 11.38 10.08 31.72
CA ASP B 480 12.57 9.54 31.04
C ASP B 480 13.05 10.33 29.83
N ILE B 481 12.32 11.40 29.45
CA ILE B 481 12.62 12.14 28.21
C ILE B 481 12.55 13.67 28.43
N LEU B 482 13.72 14.26 28.64
CA LEU B 482 13.95 15.70 28.57
C LEU B 482 14.83 15.93 27.33
N HIS B 483 14.21 16.35 26.23
CA HIS B 483 14.92 16.48 24.95
C HIS B 483 15.89 17.66 24.99
N ALA B 484 16.98 17.53 24.26
CA ALA B 484 17.96 18.61 24.07
C ALA B 484 17.35 20.00 23.69
N TYR B 485 16.21 19.99 22.99
CA TYR B 485 15.55 21.20 22.51
C TYR B 485 15.13 22.02 23.72
N LEU B 486 14.59 21.32 24.73
CA LEU B 486 14.18 21.95 25.96
C LEU B 486 15.39 22.32 26.81
N GLN B 487 16.41 21.45 26.82
CA GLN B 487 17.64 21.70 27.59
C GLN B 487 18.30 23.00 27.12
N HIS B 488 18.44 23.16 25.80
CA HIS B 488 19.14 24.32 25.22
C HIS B 488 18.24 25.55 25.06
N GLY B 489 16.93 25.36 24.94
CA GLY B 489 16.03 26.47 24.66
C GLY B 489 15.43 27.22 25.85
N GLY B 490 15.42 26.60 27.04
CA GLY B 490 14.82 27.23 28.22
C GLY B 490 13.32 27.42 28.10
N ARG B 491 12.77 28.35 28.88
CA ARG B 491 11.34 28.62 28.89
C ARG B 491 10.68 28.86 27.49
N PRO B 492 11.30 29.68 26.61
CA PRO B 492 10.76 29.81 25.24
C PRO B 492 10.58 28.46 24.50
N ALA B 493 11.46 27.50 24.75
CA ALA B 493 11.32 26.16 24.16
C ALA B 493 10.14 25.36 24.77
N PHE B 494 9.96 25.49 26.07
CA PHE B 494 8.81 24.88 26.74
C PHE B 494 7.48 25.40 26.20
N GLU B 495 7.43 26.70 25.90
CA GLU B 495 6.26 27.36 25.35
C GLU B 495 5.96 26.84 23.93
N VAL B 496 6.99 26.74 23.11
CA VAL B 496 6.84 26.22 21.74
C VAL B 496 6.31 24.79 21.71
N ARG B 497 6.93 23.91 22.49
CA ARG B 497 6.51 22.51 22.50
C ARG B 497 5.11 22.32 23.07
N ALA B 498 4.68 23.19 23.99
CA ALA B 498 3.31 23.11 24.51
C ALA B 498 2.28 23.52 23.44
N VAL B 499 2.57 24.58 22.69
CA VAL B 499 1.70 25.01 21.61
C VAL B 499 1.59 23.92 20.53
N LEU B 500 2.73 23.39 20.09
CA LEU B 500 2.77 22.31 19.11
C LEU B 500 2.02 21.08 19.57
N ALA B 501 2.26 20.63 20.81
CA ALA B 501 1.60 19.39 21.27
C ALA B 501 0.09 19.55 21.37
N ALA B 502 -0.35 20.69 21.90
CA ALA B 502 -1.78 20.94 22.16
C ALA B 502 -2.59 21.20 20.88
N THR B 503 -1.96 21.79 19.87
CA THR B 503 -2.65 22.10 18.61
C THR B 503 -2.48 21.04 17.51
N LEU B 504 -1.48 20.16 17.60
CA LEU B 504 -1.27 19.16 16.55
C LEU B 504 -1.93 17.82 16.84
N SER B 505 -2.19 17.50 18.11
CA SER B 505 -2.91 16.27 18.47
C SER B 505 -4.08 16.57 19.37
N PRO B 506 -5.22 15.88 19.16
CA PRO B 506 -6.32 16.04 20.11
C PRO B 506 -6.05 15.46 21.51
N THR B 507 -5.00 14.63 21.67
CA THR B 507 -4.53 14.22 22.99
C THR B 507 -3.06 14.65 23.16
N TRP B 508 -2.81 15.37 24.25
CA TRP B 508 -1.44 15.75 24.63
C TRP B 508 -1.32 15.67 26.14
N GLY B 509 -0.08 15.77 26.59
CA GLY B 509 0.18 15.76 28.01
C GLY B 509 1.54 16.30 28.41
N ILE B 510 1.67 16.50 29.72
CA ILE B 510 2.94 16.88 30.33
C ILE B 510 3.16 16.11 31.62
N TYR B 511 4.44 15.97 31.98
CA TYR B 511 4.87 15.42 33.26
C TYR B 511 5.25 16.60 34.17
N SER B 512 4.69 16.60 35.39
CA SER B 512 4.88 17.65 36.38
C SER B 512 6.30 18.15 36.46
N GLY B 513 6.42 19.47 36.48
CA GLY B 513 7.70 20.14 36.42
C GLY B 513 7.93 20.78 35.08
N TYR B 514 7.21 20.31 34.05
CA TYR B 514 7.23 20.96 32.74
C TYR B 514 6.81 22.43 32.85
N GLU B 515 5.80 22.71 33.68
CA GLU B 515 5.31 24.07 33.92
C GLU B 515 6.41 24.98 34.47
N LEU B 516 7.32 24.41 35.25
CA LEU B 516 8.41 25.17 35.89
C LEU B 516 9.65 25.29 34.99
N CYS B 517 9.60 24.69 33.79
CA CYS B 517 10.72 24.73 32.86
C CYS B 517 11.96 24.01 33.44
N GLU B 518 11.75 22.96 34.22
CA GLU B 518 12.83 22.09 34.71
C GLU B 518 13.52 21.48 33.52
N ASN B 519 14.79 21.80 33.33
CA ASN B 519 15.50 21.36 32.15
C ASN B 519 16.99 21.06 32.33
N THR B 520 17.38 20.71 33.55
CA THR B 520 18.75 20.35 33.85
C THR B 520 18.85 18.83 33.62
N PRO B 521 19.67 18.41 32.64
CA PRO B 521 19.87 17.00 32.37
C PRO B 521 20.81 16.31 33.37
N LEU B 522 20.77 14.98 33.41
CA LEU B 522 21.74 14.20 34.21
C LEU B 522 23.20 14.55 33.83
N ARG B 523 23.47 14.66 32.54
CA ARG B 523 24.77 15.05 32.00
C ARG B 523 24.56 15.42 30.55
N GLU B 524 25.61 15.90 29.88
CA GLU B 524 25.50 16.28 28.46
C GLU B 524 25.25 15.05 27.58
N GLY B 525 24.36 15.20 26.61
CA GLY B 525 23.97 14.11 25.73
C GLY B 525 23.04 13.08 26.35
N SER B 526 22.46 13.37 27.51
CA SER B 526 21.46 12.48 28.13
C SER B 526 20.09 13.12 27.98
N GLU B 527 19.05 12.29 28.01
CA GLU B 527 17.67 12.77 28.07
C GLU B 527 17.02 12.53 29.43
N GLU B 528 17.82 12.05 30.41
CA GLU B 528 17.36 11.91 31.80
C GLU B 528 17.45 13.27 32.51
N TYR B 529 16.57 13.49 33.48
CA TYR B 529 16.64 14.63 34.38
C TYR B 529 17.73 14.40 35.43
N LEU B 530 18.38 15.48 35.86
CA LEU B 530 19.23 15.42 37.04
C LEU B 530 18.31 15.29 38.25
N ASP B 531 18.75 14.50 39.24
CA ASP B 531 17.98 14.28 40.47
C ASP B 531 16.55 13.81 40.14
N SER B 532 16.44 12.85 39.24
CA SER B 532 15.12 12.42 38.74
C SER B 532 14.16 12.01 39.86
N GLU B 533 12.90 12.43 39.71
CA GLU B 533 11.79 12.04 40.60
C GLU B 533 11.55 10.52 40.69
N LYS B 534 12.04 9.77 39.69
CA LYS B 534 11.96 8.31 39.74
C LYS B 534 12.64 7.69 40.95
N TYR B 535 13.67 8.35 41.47
CA TYR B 535 14.53 7.81 42.52
C TYR B 535 14.48 8.61 43.82
N GLN B 536 13.70 9.69 43.86
CA GLN B 536 13.62 10.51 45.08
C GLN B 536 12.32 11.29 45.16
N LEU B 537 11.94 11.64 46.39
CA LEU B 537 10.88 12.61 46.63
C LEU B 537 11.30 13.95 46.02
N LYS B 538 10.38 14.60 45.34
CA LYS B 538 10.68 15.88 44.73
C LYS B 538 9.65 16.96 45.08
N PRO B 539 9.70 17.47 46.33
CA PRO B 539 8.79 18.57 46.65
C PRO B 539 9.02 19.78 45.75
N ARG B 540 7.93 20.35 45.24
CA ARG B 540 8.00 21.57 44.46
C ARG B 540 7.16 22.65 45.17
N ASP B 541 7.69 23.86 45.25
CA ASP B 541 6.98 24.96 45.88
C ASP B 541 6.08 25.61 44.84
N TRP B 542 4.95 24.96 44.58
CA TRP B 542 3.98 25.40 43.57
C TRP B 542 3.44 26.80 43.87
N THR B 543 3.19 27.10 45.13
CA THR B 543 2.64 28.39 45.52
C THR B 543 3.62 29.54 45.22
N ARG B 544 4.89 29.29 45.51
CA ARG B 544 5.96 30.23 45.21
C ARG B 544 6.13 30.46 43.69
N ALA B 545 6.13 29.40 42.90
CA ALA B 545 6.31 29.59 41.45
C ALA B 545 5.17 30.41 40.82
N ALA B 546 3.94 30.15 41.28
CA ALA B 546 2.75 30.90 40.83
C ALA B 546 2.88 32.38 41.22
N ARG B 547 3.23 32.65 42.48
CA ARG B 547 3.45 34.01 42.98
C ARG B 547 4.54 34.77 42.19
N GLU B 548 5.62 34.07 41.83
CA GLU B 548 6.78 34.69 41.19
C GLU B 548 6.72 34.72 39.65
N GLY B 549 5.68 34.12 39.06
CA GLY B 549 5.52 34.08 37.60
C GLY B 549 6.53 33.22 36.85
N THR B 550 7.19 32.31 37.55
CA THR B 550 8.20 31.44 36.96
C THR B 550 7.60 30.11 36.50
N THR B 551 6.31 30.10 36.17
CA THR B 551 5.62 28.94 35.66
C THR B 551 4.91 29.34 34.36
N ILE B 552 4.80 28.39 33.41
CA ILE B 552 3.99 28.57 32.20
C ILE B 552 2.60 27.94 32.33
N ALA B 553 2.19 27.64 33.56
CA ALA B 553 0.81 27.24 33.88
C ALA B 553 -0.28 28.10 33.20
N PRO B 554 -0.16 29.44 33.18
CA PRO B 554 -1.17 30.21 32.42
C PRO B 554 -1.32 29.87 30.92
N LEU B 555 -0.19 29.71 30.22
CA LEU B 555 -0.18 29.32 28.82
C LEU B 555 -0.81 27.93 28.64
N VAL B 556 -0.46 26.99 29.53
CA VAL B 556 -1.06 25.65 29.51
C VAL B 556 -2.57 25.75 29.66
N THR B 557 -3.00 26.53 30.62
CA THR B 557 -4.43 26.79 30.88
C THR B 557 -5.15 27.39 29.65
N ARG B 558 -4.50 28.35 29.01
CA ARG B 558 -5.09 28.98 27.84
C ARG B 558 -5.20 28.01 26.66
N LEU B 559 -4.13 27.25 26.40
CA LEU B 559 -4.16 26.19 25.36
C LEU B 559 -5.29 25.20 25.54
N ASN B 560 -5.49 24.75 26.76
CA ASN B 560 -6.59 23.83 27.07
C ASN B 560 -7.99 24.44 26.92
N THR B 561 -8.13 25.71 27.26
CA THR B 561 -9.37 26.44 27.04
C THR B 561 -9.64 26.60 25.55
N ILE B 562 -8.59 26.90 24.78
CA ILE B 562 -8.73 27.07 23.33
C ILE B 562 -9.23 25.75 22.70
N ARG B 563 -8.63 24.64 23.12
CA ARG B 563 -9.08 23.30 22.71
C ARG B 563 -10.55 22.99 23.08
N ARG B 564 -10.95 23.37 24.28
CA ARG B 564 -12.32 23.17 24.73
C ARG B 564 -13.36 24.00 23.99
N GLU B 565 -12.94 25.13 23.43
CA GLU B 565 -13.82 26.05 22.68
C GLU B 565 -13.74 25.89 21.15
N ASN B 566 -12.79 25.12 20.62
CA ASN B 566 -12.66 24.99 19.17
C ASN B 566 -12.68 23.52 18.73
N PRO B 567 -13.83 23.04 18.23
CA PRO B 567 -13.91 21.61 17.83
C PRO B 567 -12.86 21.14 16.82
N ALA B 568 -12.29 22.03 16.02
CA ALA B 568 -11.19 21.66 15.13
C ALA B 568 -9.97 21.09 15.85
N LEU B 569 -9.72 21.52 17.08
CA LEU B 569 -8.58 21.00 17.84
C LEU B 569 -8.87 19.71 18.58
N ARG B 570 -10.13 19.25 18.53
CA ARG B 570 -10.53 17.99 19.16
C ARG B 570 -10.62 16.80 18.17
N GLN B 571 -9.97 16.94 17.02
CA GLN B 571 -9.84 15.88 16.03
C GLN B 571 -8.44 15.88 15.45
N LEU B 572 -8.11 14.80 14.75
CA LEU B 572 -6.76 14.52 14.28
C LEU B 572 -6.59 14.65 12.76
N ARG B 573 -7.56 14.13 12.00
CA ARG B 573 -7.39 13.84 10.56
C ARG B 573 -7.36 15.05 9.62
N ASP B 574 -8.10 16.10 9.95
CA ASP B 574 -8.12 17.33 9.14
C ASP B 574 -7.00 18.27 9.59
N LEU B 575 -5.93 18.30 8.81
CA LEU B 575 -4.73 19.05 9.14
C LEU B 575 -4.01 19.35 7.85
N HIS B 576 -3.67 20.61 7.62
CA HIS B 576 -2.93 20.98 6.42
C HIS B 576 -1.82 21.97 6.75
N PHE B 577 -0.64 21.77 6.17
CA PHE B 577 0.51 22.66 6.39
C PHE B 577 0.63 23.68 5.26
N HIS B 578 0.79 24.94 5.62
CA HIS B 578 0.83 26.05 4.66
C HIS B 578 2.25 26.57 4.56
N PRO B 579 2.74 26.89 3.34
CA PRO B 579 4.17 27.28 3.22
C PRO B 579 4.53 28.67 3.79
N THR B 580 5.71 28.75 4.39
CA THR B 580 6.30 30.00 4.81
C THR B 580 7.67 30.10 4.15
N ASP B 581 8.27 31.28 4.13
CA ASP B 581 9.61 31.45 3.52
C ASP B 581 10.77 31.45 4.55
N LYS B 582 10.55 30.95 5.77
CA LYS B 582 11.62 30.81 6.77
C LYS B 582 11.64 29.39 7.37
N GLU B 583 12.84 28.81 7.42
CA GLU B 583 13.03 27.45 7.91
C GLU B 583 12.51 27.25 9.34
N GLU B 584 12.61 28.30 10.17
CA GLU B 584 12.24 28.26 11.58
C GLU B 584 10.75 28.51 11.86
N VAL B 585 9.97 28.92 10.85
CA VAL B 585 8.55 29.23 11.03
C VAL B 585 7.68 28.24 10.29
N ILE B 586 6.75 27.64 11.03
CA ILE B 586 5.87 26.58 10.54
C ILE B 586 4.44 27.05 10.75
N ALA B 587 3.57 26.71 9.78
CA ALA B 587 2.17 27.12 9.76
C ALA B 587 1.27 25.94 9.38
N TYR B 588 0.12 25.85 10.03
CA TYR B 588 -0.86 24.80 9.71
C TYR B 588 -2.27 25.17 10.14
N SER B 589 -3.25 24.51 9.52
CA SER B 589 -4.67 24.71 9.85
C SER B 589 -5.39 23.42 10.13
N LYS B 590 -6.44 23.50 10.94
CA LYS B 590 -7.33 22.37 11.26
C LYS B 590 -8.77 22.84 11.18
N ARG B 591 -9.65 21.98 10.72
CA ARG B 591 -11.05 22.33 10.51
C ARG B 591 -12.00 21.25 10.97
N GLN B 592 -13.19 21.69 11.39
CA GLN B 592 -14.26 20.79 11.84
C GLN B 592 -15.52 21.61 11.71
N GLY B 593 -16.34 21.29 10.72
CA GLY B 593 -17.52 22.09 10.38
C GLY B 593 -17.12 23.51 10.04
N SER B 594 -17.81 24.48 10.62
CA SER B 594 -17.50 25.89 10.40
C SER B 594 -16.37 26.45 11.30
N ASN B 595 -15.71 25.59 12.09
CA ASN B 595 -14.59 26.02 12.94
C ASN B 595 -13.27 25.78 12.21
N THR B 596 -12.49 26.85 12.05
CA THR B 596 -11.16 26.78 11.49
C THR B 596 -10.13 27.45 12.41
N VAL B 597 -9.10 26.70 12.77
CA VAL B 597 -7.99 27.21 13.55
C VAL B 597 -6.73 27.25 12.68
N LEU B 598 -6.03 28.40 12.70
CA LEU B 598 -4.76 28.60 11.99
C LEU B 598 -3.67 28.86 13.02
N VAL B 599 -2.57 28.12 12.92
CA VAL B 599 -1.48 28.20 13.89
C VAL B 599 -0.17 28.51 13.15
N VAL B 600 0.60 29.46 13.66
CA VAL B 600 1.93 29.80 13.15
C VAL B 600 2.89 29.77 14.33
N VAL B 601 3.93 28.94 14.27
CA VAL B 601 4.86 28.79 15.39
C VAL B 601 6.28 29.14 14.95
N ASN B 602 6.98 29.95 15.76
CA ASN B 602 8.43 30.14 15.63
C ASN B 602 9.13 29.03 16.40
N LEU B 603 9.81 28.14 15.68
CA LEU B 603 10.52 27.01 16.30
C LEU B 603 11.89 27.40 16.88
N ASP B 604 12.34 28.64 16.61
CA ASP B 604 13.57 29.20 17.17
C ASP B 604 13.27 29.77 18.55
N PRO B 605 13.88 29.20 19.60
CA PRO B 605 13.62 29.71 20.94
C PRO B 605 14.57 30.83 21.39
N ARG B 606 15.61 31.13 20.59
CA ARG B 606 16.64 32.15 20.92
C ARG B 606 16.49 33.47 20.14
N HIS B 607 16.09 33.40 18.86
CA HIS B 607 16.02 34.58 17.98
C HIS B 607 14.61 34.83 17.47
N THR B 608 14.25 36.11 17.45
CA THR B 608 13.06 36.63 16.75
C THR B 608 13.06 36.24 15.26
N GLN B 609 11.89 35.83 14.76
CA GLN B 609 11.73 35.45 13.37
C GLN B 609 10.60 36.24 12.73
N GLU B 610 10.89 36.79 11.56
CA GLU B 610 9.87 37.42 10.71
C GLU B 610 9.78 36.62 9.40
N ALA B 611 8.56 36.32 8.98
CA ALA B 611 8.34 35.54 7.77
C ALA B 611 7.06 35.96 7.06
N THR B 612 6.93 35.51 5.82
CA THR B 612 5.70 35.63 5.05
C THR B 612 5.06 34.24 5.05
N VAL B 613 3.82 34.16 5.55
CA VAL B 613 3.04 32.94 5.56
C VAL B 613 2.09 32.97 4.37
N SER B 614 2.28 32.06 3.42
CA SER B 614 1.48 32.01 2.20
C SER B 614 0.39 30.94 2.26
N LEU B 615 -0.83 31.34 2.62
CA LEU B 615 -1.92 30.39 2.83
C LEU B 615 -2.51 29.84 1.52
N ASP B 616 -2.45 28.52 1.38
CA ASP B 616 -3.31 27.75 0.47
C ASP B 616 -4.80 28.02 0.83
N MET B 617 -5.39 29.03 0.19
CA MET B 617 -6.74 29.53 0.52
C MET B 617 -7.89 28.57 0.21
N PRO B 618 -7.87 27.87 -0.95
CA PRO B 618 -8.85 26.79 -1.22
C PRO B 618 -8.98 25.77 -0.10
N GLN B 619 -7.86 25.44 0.55
CA GLN B 619 -7.86 24.49 1.66
C GLN B 619 -8.60 24.99 2.92
N LEU B 620 -8.82 26.31 3.02
CA LEU B 620 -9.60 26.90 4.10
C LEU B 620 -11.06 27.13 3.72
N GLY B 621 -11.46 26.69 2.52
CA GLY B 621 -12.80 26.91 1.98
C GLY B 621 -13.01 28.32 1.45
N LEU B 622 -11.93 28.96 0.96
CA LEU B 622 -11.94 30.38 0.62
C LEU B 622 -11.34 30.65 -0.76
N ASP B 623 -11.77 31.77 -1.38
CA ASP B 623 -11.20 32.26 -2.65
C ASP B 623 -9.78 32.82 -2.45
N TRP B 624 -8.94 32.68 -3.47
CA TRP B 624 -7.54 33.19 -3.45
C TRP B 624 -7.40 34.68 -3.16
N HIS B 625 -8.37 35.48 -3.62
CA HIS B 625 -8.34 36.94 -3.46
C HIS B 625 -9.03 37.41 -2.16
N GLU B 626 -9.55 36.48 -1.38
CA GLU B 626 -10.33 36.81 -0.18
C GLU B 626 -9.42 37.23 0.98
N SER B 627 -10.02 37.93 1.94
CA SER B 627 -9.36 38.39 3.15
C SER B 627 -10.32 38.11 4.33
N VAL B 628 -9.81 37.45 5.38
CA VAL B 628 -10.65 37.04 6.53
C VAL B 628 -10.11 37.51 7.88
N PRO B 629 -11.00 37.95 8.78
CA PRO B 629 -10.58 38.32 10.12
C PRO B 629 -10.25 37.09 10.97
N VAL B 630 -9.16 37.18 11.70
CA VAL B 630 -8.75 36.16 12.65
C VAL B 630 -8.47 36.80 13.99
N ARG B 631 -8.66 36.03 15.06
CA ARG B 631 -8.30 36.45 16.42
C ARG B 631 -7.27 35.47 16.98
N ASP B 632 -6.11 35.99 17.36
CA ASP B 632 -5.10 35.21 18.09
C ASP B 632 -5.65 34.98 19.48
N GLU B 633 -5.94 33.71 19.82
CA GLU B 633 -6.55 33.38 21.11
C GLU B 633 -5.56 33.40 22.28
N LEU B 634 -4.26 33.48 21.98
CA LEU B 634 -3.25 33.71 23.01
C LEU B 634 -3.21 35.14 23.53
N THR B 635 -3.52 36.13 22.70
CA THR B 635 -3.44 37.55 23.08
C THR B 635 -4.76 38.32 23.06
N GLY B 636 -5.77 37.82 22.34
CA GLY B 636 -6.98 38.59 22.05
C GLY B 636 -6.87 39.57 20.88
N GLU B 637 -5.71 39.68 20.24
CA GLU B 637 -5.51 40.61 19.11
C GLU B 637 -6.17 40.06 17.85
N THR B 638 -6.76 40.97 17.07
CA THR B 638 -7.41 40.65 15.80
C THR B 638 -6.53 41.12 14.64
N TYR B 639 -6.38 40.29 13.61
CA TYR B 639 -5.67 40.65 12.38
C TYR B 639 -6.59 40.37 11.18
N HIS B 640 -6.16 40.83 10.00
CA HIS B 640 -6.84 40.50 8.72
C HIS B 640 -5.85 39.81 7.78
N TRP B 641 -6.09 38.53 7.52
CA TRP B 641 -5.15 37.66 6.80
C TRP B 641 -5.76 37.15 5.50
N GLY B 642 -4.99 37.23 4.42
CA GLY B 642 -5.34 36.63 3.12
C GLY B 642 -4.27 35.67 2.64
N ARG B 643 -4.06 35.63 1.32
CA ARG B 643 -3.07 34.76 0.65
C ARG B 643 -1.64 34.88 1.19
N ALA B 644 -1.21 36.08 1.59
CA ALA B 644 0.18 36.34 2.00
C ALA B 644 0.24 37.30 3.19
N ASN B 645 0.80 36.83 4.32
CA ASN B 645 0.72 37.56 5.60
C ASN B 645 2.05 37.62 6.34
N TYR B 646 2.48 38.84 6.64
CA TYR B 646 3.65 39.08 7.47
C TYR B 646 3.33 38.69 8.92
N VAL B 647 4.26 37.98 9.55
CA VAL B 647 4.22 37.66 10.97
C VAL B 647 5.57 37.98 11.58
N ARG B 648 5.57 38.40 12.85
CA ARG B 648 6.79 38.69 13.60
C ARG B 648 6.66 37.99 14.95
N LEU B 649 7.57 37.08 15.25
CA LEU B 649 7.44 36.20 16.42
C LEU B 649 8.71 36.28 17.24
N GLU B 650 8.58 36.77 18.47
CA GLU B 650 9.70 37.08 19.34
C GLU B 650 9.69 36.12 20.54
N PRO B 651 10.73 35.28 20.69
CA PRO B 651 10.71 34.29 21.78
C PRO B 651 10.65 34.94 23.15
N GLY B 652 9.82 34.37 24.05
CA GLY B 652 9.57 34.95 25.36
C GLY B 652 8.33 35.84 25.43
N ARG B 653 8.04 36.60 24.37
CA ARG B 653 6.80 37.39 24.26
C ARG B 653 5.68 36.65 23.48
N THR B 654 6.01 36.13 22.29
CA THR B 654 5.03 35.46 21.41
C THR B 654 5.64 34.17 20.80
N PRO B 655 5.42 33.01 21.44
CA PRO B 655 5.90 31.74 20.80
C PRO B 655 5.24 31.44 19.45
N ALA B 656 3.98 31.85 19.33
CA ALA B 656 3.14 31.48 18.21
C ALA B 656 1.90 32.35 18.15
N HIS B 657 1.22 32.32 17.00
CA HIS B 657 -0.16 32.76 16.90
C HIS B 657 -1.04 31.52 16.86
N VAL B 658 -2.08 31.49 17.68
CA VAL B 658 -3.12 30.45 17.61
C VAL B 658 -4.46 31.10 17.28
N CYS B 659 -4.81 31.17 16.00
CA CYS B 659 -5.90 32.03 15.53
C CYS B 659 -7.17 31.28 15.13
N THR B 660 -8.33 31.80 15.50
CA THR B 660 -9.62 31.29 15.02
C THR B 660 -10.09 32.18 13.89
N VAL B 661 -10.66 31.59 12.85
CA VAL B 661 -11.25 32.37 11.76
C VAL B 661 -12.62 32.85 12.26
N LEU B 662 -12.83 34.18 12.27
CA LEU B 662 -14.07 34.75 12.77
C LEU B 662 -15.14 34.67 11.66
N ARG B 663 -16.34 34.21 12.03
CA ARG B 663 -17.41 33.86 11.08
C ARG B 663 -18.68 34.69 11.34
#